data_4HNS
# 
_entry.id   4HNS 
# 
_audit_conform.dict_name       mmcif_pdbx.dic 
_audit_conform.dict_version    5.379 
_audit_conform.dict_location   http://mmcif.pdb.org/dictionaries/ascii/mmcif_pdbx.dic 
# 
loop_
_database_2.database_id 
_database_2.database_code 
_database_2.pdbx_database_accession 
_database_2.pdbx_DOI 
PDB   4HNS         pdb_00004hns 10.2210/pdb4hns/pdb 
RCSB  RCSB075696   ?            ?                   
WWPDB D_1000075696 ?            ?                   
# 
loop_
_pdbx_database_related.db_name 
_pdbx_database_related.db_id 
_pdbx_database_related.details 
_pdbx_database_related.content_type 
PDB 3TO5 'High resolution structure of CheY3 from Vibrio cholerae' unspecified 
PDB 4HNQ .                                                         unspecified 
PDB 4HNR .                                                         unspecified 
# 
_pdbx_database_status.status_code                     REL 
_pdbx_database_status.entry_id                        4HNS 
_pdbx_database_status.recvd_initial_deposition_date   2012-10-21 
_pdbx_database_status.deposit_site                    RCSB 
_pdbx_database_status.process_site                    RCSB 
_pdbx_database_status.status_code_sf                  REL 
_pdbx_database_status.status_code_mr                  ? 
_pdbx_database_status.SG_entry                        ? 
_pdbx_database_status.status_code_cs                  ? 
_pdbx_database_status.methods_development_category    ? 
_pdbx_database_status.pdb_format_compatible           Y 
_pdbx_database_status.status_code_nmr_data            ? 
# 
loop_
_audit_author.name 
_audit_author.pdbx_ordinal 
'Biswas, M.'   1 
'Sen, U.'      2 
'Dasgupta, J.' 3 
# 
_citation.id                        primary 
_citation.title                     
'Conformational Barrier of CheY3 and Inability of CheY4 to Bind FliM Control the Flagellar Motor Action in Vibrio cholerae.' 
_citation.journal_abbrev            'Plos One' 
_citation.journal_volume            8 
_citation.page_first                e73923 
_citation.page_last                 e73923 
_citation.year                      2013 
_citation.journal_id_ASTM           ? 
_citation.country                   US 
_citation.journal_id_ISSN           1932-6203 
_citation.journal_id_CSD            ? 
_citation.book_publisher            ? 
_citation.pdbx_database_id_PubMed   24066084 
_citation.pdbx_database_id_DOI      10.1371/journal.pone.0073923 
# 
loop_
_citation_author.citation_id 
_citation_author.name 
_citation_author.ordinal 
_citation_author.identifier_ORCID 
primary 'Biswas, M.'   1 ? 
primary 'Dey, S.'      2 ? 
primary 'Khamrui, S.'  3 ? 
primary 'Sen, U.'      4 ? 
primary 'Dasgupta, J.' 5 ? 
# 
_cell.entry_id           4HNS 
_cell.length_a           67.320 
_cell.length_b           67.320 
_cell.length_c           72.660 
_cell.angle_alpha        90.00 
_cell.angle_beta         90.00 
_cell.angle_gamma        120.00 
_cell.Z_PDB              9 
_cell.pdbx_unique_axis   ? 
_cell.length_a_esd       ? 
_cell.length_b_esd       ? 
_cell.length_c_esd       ? 
_cell.angle_alpha_esd    ? 
_cell.angle_beta_esd     ? 
_cell.angle_gamma_esd    ? 
# 
_symmetry.entry_id                         4HNS 
_symmetry.space_group_name_H-M             'H 3' 
_symmetry.pdbx_full_space_group_name_H-M   ? 
_symmetry.cell_setting                     ? 
_symmetry.Int_Tables_number                146 
_symmetry.space_group_name_Hall            ? 
# 
loop_
_entity.id 
_entity.type 
_entity.src_method 
_entity.pdbx_description 
_entity.formula_weight 
_entity.pdbx_number_of_molecules 
_entity.pdbx_ec 
_entity.pdbx_mutation 
_entity.pdbx_fragment 
_entity.details 
1 polymer     man 'Chemotaxis protein CheY'   14010.287 1   ? ? ? ? 
2 non-polymer syn 'MAGNESIUM ION'             24.305    1   ? ? ? ? 
3 non-polymer syn 'BERYLLIUM TRIFLUORIDE ION' 66.007    1   ? ? ? ? 
4 water       nat water                       18.015    107 ? ? ? ? 
# 
_entity_name_com.entity_id   1 
_entity_name_com.name        CheY3 
# 
_entity_poly.entity_id                      1 
_entity_poly.type                           'polypeptide(L)' 
_entity_poly.nstd_linkage                   no 
_entity_poly.nstd_monomer                   no 
_entity_poly.pdbx_seq_one_letter_code       
;ANKNMKILIVDDFSTMRRIVKNLLRDLGFNNTQEADDGLTALPMLKKGDFDFVVTDWNMPGMQGIDLLKNIRADEELKHL
PVLMITAEAKREQIIEAAQAGVNGYIVKPFTAATLKEKLDKIFE
;
_entity_poly.pdbx_seq_one_letter_code_can   
;ANKNMKILIVDDFSTMRRIVKNLLRDLGFNNTQEADDGLTALPMLKKGDFDFVVTDWNMPGMQGIDLLKNIRADEELKHL
PVLMITAEAKREQIIEAAQAGVNGYIVKPFTAATLKEKLDKIFE
;
_entity_poly.pdbx_strand_id                 A 
_entity_poly.pdbx_target_identifier         ? 
# 
loop_
_entity_poly_seq.entity_id 
_entity_poly_seq.num 
_entity_poly_seq.mon_id 
_entity_poly_seq.hetero 
1 1   ALA n 
1 2   ASN n 
1 3   LYS n 
1 4   ASN n 
1 5   MET n 
1 6   LYS n 
1 7   ILE n 
1 8   LEU n 
1 9   ILE n 
1 10  VAL n 
1 11  ASP n 
1 12  ASP n 
1 13  PHE n 
1 14  SER n 
1 15  THR n 
1 16  MET n 
1 17  ARG n 
1 18  ARG n 
1 19  ILE n 
1 20  VAL n 
1 21  LYS n 
1 22  ASN n 
1 23  LEU n 
1 24  LEU n 
1 25  ARG n 
1 26  ASP n 
1 27  LEU n 
1 28  GLY n 
1 29  PHE n 
1 30  ASN n 
1 31  ASN n 
1 32  THR n 
1 33  GLN n 
1 34  GLU n 
1 35  ALA n 
1 36  ASP n 
1 37  ASP n 
1 38  GLY n 
1 39  LEU n 
1 40  THR n 
1 41  ALA n 
1 42  LEU n 
1 43  PRO n 
1 44  MET n 
1 45  LEU n 
1 46  LYS n 
1 47  LYS n 
1 48  GLY n 
1 49  ASP n 
1 50  PHE n 
1 51  ASP n 
1 52  PHE n 
1 53  VAL n 
1 54  VAL n 
1 55  THR n 
1 56  ASP n 
1 57  TRP n 
1 58  ASN n 
1 59  MET n 
1 60  PRO n 
1 61  GLY n 
1 62  MET n 
1 63  GLN n 
1 64  GLY n 
1 65  ILE n 
1 66  ASP n 
1 67  LEU n 
1 68  LEU n 
1 69  LYS n 
1 70  ASN n 
1 71  ILE n 
1 72  ARG n 
1 73  ALA n 
1 74  ASP n 
1 75  GLU n 
1 76  GLU n 
1 77  LEU n 
1 78  LYS n 
1 79  HIS n 
1 80  LEU n 
1 81  PRO n 
1 82  VAL n 
1 83  LEU n 
1 84  MET n 
1 85  ILE n 
1 86  THR n 
1 87  ALA n 
1 88  GLU n 
1 89  ALA n 
1 90  LYS n 
1 91  ARG n 
1 92  GLU n 
1 93  GLN n 
1 94  ILE n 
1 95  ILE n 
1 96  GLU n 
1 97  ALA n 
1 98  ALA n 
1 99  GLN n 
1 100 ALA n 
1 101 GLY n 
1 102 VAL n 
1 103 ASN n 
1 104 GLY n 
1 105 TYR n 
1 106 ILE n 
1 107 VAL n 
1 108 LYS n 
1 109 PRO n 
1 110 PHE n 
1 111 THR n 
1 112 ALA n 
1 113 ALA n 
1 114 THR n 
1 115 LEU n 
1 116 LYS n 
1 117 GLU n 
1 118 LYS n 
1 119 LEU n 
1 120 ASP n 
1 121 LYS n 
1 122 ILE n 
1 123 PHE n 
1 124 GLU n 
# 
_entity_src_gen.entity_id                          1 
_entity_src_gen.pdbx_src_id                        1 
_entity_src_gen.pdbx_alt_source_flag               sample 
_entity_src_gen.pdbx_seq_type                      ? 
_entity_src_gen.pdbx_beg_seq_num                   ? 
_entity_src_gen.pdbx_end_seq_num                   ? 
_entity_src_gen.gene_src_common_name               ? 
_entity_src_gen.gene_src_genus                     ? 
_entity_src_gen.pdbx_gene_src_gene                 VC_2065 
_entity_src_gen.gene_src_species                   ? 
_entity_src_gen.gene_src_strain                    ? 
_entity_src_gen.gene_src_tissue                    ? 
_entity_src_gen.gene_src_tissue_fraction           ? 
_entity_src_gen.gene_src_details                   ? 
_entity_src_gen.pdbx_gene_src_fragment             ? 
_entity_src_gen.pdbx_gene_src_scientific_name      'Vibrio cholerae' 
_entity_src_gen.pdbx_gene_src_ncbi_taxonomy_id     666 
_entity_src_gen.pdbx_gene_src_variant              ? 
_entity_src_gen.pdbx_gene_src_cell_line            ? 
_entity_src_gen.pdbx_gene_src_atcc                 ? 
_entity_src_gen.pdbx_gene_src_organ                ? 
_entity_src_gen.pdbx_gene_src_organelle            ? 
_entity_src_gen.pdbx_gene_src_cell                 ? 
_entity_src_gen.pdbx_gene_src_cellular_location    ? 
_entity_src_gen.host_org_common_name               ? 
_entity_src_gen.pdbx_host_org_scientific_name      'Escherichia coli' 
_entity_src_gen.pdbx_host_org_ncbi_taxonomy_id     562 
_entity_src_gen.host_org_genus                     ? 
_entity_src_gen.pdbx_host_org_gene                 ? 
_entity_src_gen.pdbx_host_org_organ                ? 
_entity_src_gen.host_org_species                   ? 
_entity_src_gen.pdbx_host_org_tissue               ? 
_entity_src_gen.pdbx_host_org_tissue_fraction      ? 
_entity_src_gen.pdbx_host_org_strain               ? 
_entity_src_gen.pdbx_host_org_variant              ? 
_entity_src_gen.pdbx_host_org_cell_line            ? 
_entity_src_gen.pdbx_host_org_atcc                 ? 
_entity_src_gen.pdbx_host_org_culture_collection   ? 
_entity_src_gen.pdbx_host_org_cell                 ? 
_entity_src_gen.pdbx_host_org_organelle            ? 
_entity_src_gen.pdbx_host_org_cellular_location    ? 
_entity_src_gen.pdbx_host_org_vector_type          ? 
_entity_src_gen.pdbx_host_org_vector               ? 
_entity_src_gen.host_org_details                   ? 
_entity_src_gen.expression_system_id               ? 
_entity_src_gen.plasmid_name                       ? 
_entity_src_gen.plasmid_details                    ? 
_entity_src_gen.pdbx_description                   ? 
# 
_struct_ref.id                         1 
_struct_ref.db_name                    UNP 
_struct_ref.db_code                    Q9KQD5_VIBCH 
_struct_ref.pdbx_db_accession          Q9KQD5 
_struct_ref.entity_id                  1 
_struct_ref.pdbx_seq_one_letter_code   
;NKNMKILIVDDFSTMRRIVKNLLRDLGFNNTQEADDGLTALPMLKKGDFDFVVTDWNMPGMQGIDLLKNIRADEELKHLP
VLMITAEAKREQIIEAAQAGVNGYIVKPFTAATLKEKLDKIFE
;
_struct_ref.pdbx_align_begin           6 
_struct_ref.pdbx_db_isoform            ? 
# 
_struct_ref_seq.align_id                      1 
_struct_ref_seq.ref_id                        1 
_struct_ref_seq.pdbx_PDB_id_code              4HNS 
_struct_ref_seq.pdbx_strand_id                A 
_struct_ref_seq.seq_align_beg                 2 
_struct_ref_seq.pdbx_seq_align_beg_ins_code   ? 
_struct_ref_seq.seq_align_end                 124 
_struct_ref_seq.pdbx_seq_align_end_ins_code   ? 
_struct_ref_seq.pdbx_db_accession             Q9KQD5 
_struct_ref_seq.db_align_beg                  6 
_struct_ref_seq.pdbx_db_align_beg_ins_code    ? 
_struct_ref_seq.db_align_end                  128 
_struct_ref_seq.pdbx_db_align_end_ins_code    ? 
_struct_ref_seq.pdbx_auth_seq_align_beg       6 
_struct_ref_seq.pdbx_auth_seq_align_end       128 
# 
_struct_ref_seq_dif.align_id                     1 
_struct_ref_seq_dif.pdbx_pdb_id_code             4HNS 
_struct_ref_seq_dif.mon_id                       ALA 
_struct_ref_seq_dif.pdbx_pdb_strand_id           A 
_struct_ref_seq_dif.seq_num                      1 
_struct_ref_seq_dif.pdbx_pdb_ins_code            ? 
_struct_ref_seq_dif.pdbx_seq_db_name             UNP 
_struct_ref_seq_dif.pdbx_seq_db_accession_code   Q9KQD5 
_struct_ref_seq_dif.db_mon_id                    ? 
_struct_ref_seq_dif.pdbx_seq_db_seq_num          ? 
_struct_ref_seq_dif.details                      'expression tag' 
_struct_ref_seq_dif.pdbx_auth_seq_num            5 
_struct_ref_seq_dif.pdbx_ordinal                 1 
# 
loop_
_chem_comp.id 
_chem_comp.type 
_chem_comp.mon_nstd_flag 
_chem_comp.name 
_chem_comp.pdbx_synonyms 
_chem_comp.formula 
_chem_comp.formula_weight 
ALA 'L-peptide linking' y ALANINE                     ? 'C3 H7 N O2'     89.093  
ARG 'L-peptide linking' y ARGININE                    ? 'C6 H15 N4 O2 1' 175.209 
ASN 'L-peptide linking' y ASPARAGINE                  ? 'C4 H8 N2 O3'    132.118 
ASP 'L-peptide linking' y 'ASPARTIC ACID'             ? 'C4 H7 N O4'     133.103 
BEF non-polymer         . 'BERYLLIUM TRIFLUORIDE ION' ? 'Be F3 -1'       66.007  
GLN 'L-peptide linking' y GLUTAMINE                   ? 'C5 H10 N2 O3'   146.144 
GLU 'L-peptide linking' y 'GLUTAMIC ACID'             ? 'C5 H9 N O4'     147.129 
GLY 'peptide linking'   y GLYCINE                     ? 'C2 H5 N O2'     75.067  
HIS 'L-peptide linking' y HISTIDINE                   ? 'C6 H10 N3 O2 1' 156.162 
HOH non-polymer         . WATER                       ? 'H2 O'           18.015  
ILE 'L-peptide linking' y ISOLEUCINE                  ? 'C6 H13 N O2'    131.173 
LEU 'L-peptide linking' y LEUCINE                     ? 'C6 H13 N O2'    131.173 
LYS 'L-peptide linking' y LYSINE                      ? 'C6 H15 N2 O2 1' 147.195 
MET 'L-peptide linking' y METHIONINE                  ? 'C5 H11 N O2 S'  149.211 
MG  non-polymer         . 'MAGNESIUM ION'             ? 'Mg 2'           24.305  
PHE 'L-peptide linking' y PHENYLALANINE               ? 'C9 H11 N O2'    165.189 
PRO 'L-peptide linking' y PROLINE                     ? 'C5 H9 N O2'     115.130 
SER 'L-peptide linking' y SERINE                      ? 'C3 H7 N O3'     105.093 
THR 'L-peptide linking' y THREONINE                   ? 'C4 H9 N O3'     119.119 
TRP 'L-peptide linking' y TRYPTOPHAN                  ? 'C11 H12 N2 O2'  204.225 
TYR 'L-peptide linking' y TYROSINE                    ? 'C9 H11 N O3'    181.189 
VAL 'L-peptide linking' y VALINE                      ? 'C5 H11 N O2'    117.146 
# 
_exptl.entry_id          4HNS 
_exptl.method            'X-RAY DIFFRACTION' 
_exptl.crystals_number   1 
# 
_exptl_crystal.id                    1 
_exptl_crystal.density_meas          ? 
_exptl_crystal.density_Matthews      2.26 
_exptl_crystal.density_percent_sol   45.61 
_exptl_crystal.description           ? 
_exptl_crystal.F_000                 ? 
_exptl_crystal.preparation           ? 
# 
_exptl_crystal_grow.crystal_id      1 
_exptl_crystal_grow.method          'VAPOR DIFFUSION, HANGING DROP' 
_exptl_crystal_grow.temp            293 
_exptl_crystal_grow.temp_details    ? 
_exptl_crystal_grow.pH              8.0 
_exptl_crystal_grow.pdbx_details    '10% PEG6000, pH 8.0, VAPOR DIFFUSION, HANGING DROP, temperature 293K' 
_exptl_crystal_grow.pdbx_pH_range   ? 
# 
_diffrn.id                     1 
_diffrn.ambient_temp           100 
_diffrn.ambient_temp_details   ? 
_diffrn.crystal_id             1 
# 
_diffrn_detector.diffrn_id              1 
_diffrn_detector.detector               'IMAGE PLATE' 
_diffrn_detector.type                   'MAR scanner 345 mm plate' 
_diffrn_detector.pdbx_collection_date   2012-05-22 
_diffrn_detector.details                ? 
# 
_diffrn_radiation.diffrn_id                        1 
_diffrn_radiation.wavelength_id                    1 
_diffrn_radiation.pdbx_monochromatic_or_laue_m_l   M 
_diffrn_radiation.monochromator                    'Ni filter' 
_diffrn_radiation.pdbx_diffrn_protocol             'SINGLE WAVELENGTH' 
_diffrn_radiation.pdbx_scattering_type             x-ray 
# 
_diffrn_radiation_wavelength.id           1 
_diffrn_radiation_wavelength.wavelength   1.54 
_diffrn_radiation_wavelength.wt           1.0 
# 
_diffrn_source.diffrn_id                   1 
_diffrn_source.source                      'ROTATING ANODE' 
_diffrn_source.type                        'RIGAKU RU200' 
_diffrn_source.pdbx_synchrotron_site       ? 
_diffrn_source.pdbx_synchrotron_beamline   ? 
_diffrn_source.pdbx_wavelength             ? 
_diffrn_source.pdbx_wavelength_list        1.54 
# 
_reflns.entry_id                     4HNS 
_reflns.observed_criterion_sigma_I   0.0 
_reflns.observed_criterion_sigma_F   0.0 
_reflns.d_resolution_low             30.0 
_reflns.d_resolution_high            2.1 
_reflns.number_obs                   6881 
_reflns.number_all                   7391 
_reflns.percent_possible_obs         95.8 
_reflns.pdbx_Rmerge_I_obs            ? 
_reflns.pdbx_Rsym_value              ? 
_reflns.pdbx_netI_over_sigmaI        ? 
_reflns.B_iso_Wilson_estimate        36.6 
_reflns.pdbx_redundancy              ? 
_reflns.R_free_details               ? 
_reflns.limit_h_max                  ? 
_reflns.limit_h_min                  ? 
_reflns.limit_k_max                  ? 
_reflns.limit_k_min                  ? 
_reflns.limit_l_max                  ? 
_reflns.limit_l_min                  ? 
_reflns.observed_criterion_F_max     ? 
_reflns.observed_criterion_F_min     ? 
_reflns.pdbx_chi_squared             ? 
_reflns.pdbx_scaling_rejects         ? 
_reflns.pdbx_ordinal                 1 
_reflns.pdbx_diffrn_id               1 
# 
_reflns_shell.d_res_high             2.1 
_reflns_shell.d_res_low              ? 
_reflns_shell.percent_possible_all   ? 
_reflns_shell.Rmerge_I_obs           ? 
_reflns_shell.pdbx_Rsym_value        ? 
_reflns_shell.meanI_over_sigI_obs    ? 
_reflns_shell.pdbx_redundancy        ? 
_reflns_shell.percent_possible_obs   ? 
_reflns_shell.number_unique_all      ? 
_reflns_shell.number_measured_all    ? 
_reflns_shell.number_measured_obs    ? 
_reflns_shell.number_unique_obs      ? 
_reflns_shell.pdbx_chi_squared       ? 
_reflns_shell.pdbx_ordinal           1 
_reflns_shell.pdbx_diffrn_id         1 
# 
_refine.entry_id                                 4HNS 
_refine.ls_number_reflns_obs                     6881 
_refine.ls_number_reflns_all                     7391 
_refine.pdbx_ls_sigma_I                          ? 
_refine.pdbx_ls_sigma_F                          0.0 
_refine.pdbx_data_cutoff_high_absF               1287710.98 
_refine.pdbx_data_cutoff_low_absF                0.0 
_refine.pdbx_data_cutoff_high_rms_absF           ? 
_refine.ls_d_res_low                             24.22 
_refine.ls_d_res_high                            2.10 
_refine.ls_percent_reflns_obs                    95.8 
_refine.ls_R_factor_obs                          0.231 
_refine.ls_R_factor_all                          ? 
_refine.ls_R_factor_R_work                       0.231 
_refine.ls_R_factor_R_free                       0.243 
_refine.ls_R_factor_R_free_error                 0.013 
_refine.ls_R_factor_R_free_error_details         ? 
_refine.ls_percent_reflns_R_free                 5.1 
_refine.ls_number_reflns_R_free                  351 
_refine.ls_number_parameters                     ? 
_refine.ls_number_restraints                     ? 
_refine.occupancy_min                            ? 
_refine.occupancy_max                            ? 
_refine.correlation_coeff_Fo_to_Fc               ? 
_refine.correlation_coeff_Fo_to_Fc_free          ? 
_refine.B_iso_mean                               56.3 
_refine.aniso_B[1][1]                            -2.57 
_refine.aniso_B[2][2]                            -2.57 
_refine.aniso_B[3][3]                            5.14 
_refine.aniso_B[1][2]                            0.00 
_refine.aniso_B[1][3]                            0.00 
_refine.aniso_B[2][3]                            0.00 
_refine.solvent_model_details                    'FLAT MODEL' 
_refine.solvent_model_param_ksol                 0.3 
_refine.solvent_model_param_bsol                 63.6052 
_refine.pdbx_solvent_vdw_probe_radii             ? 
_refine.pdbx_solvent_ion_probe_radii             ? 
_refine.pdbx_solvent_shrinkage_radii             ? 
_refine.pdbx_ls_cross_valid_method               THROUGHOUT 
_refine.details                                  'BULK SOLVENT MODEL USED' 
_refine.pdbx_starting_model                      'PDB ENTRY 3TO5' 
_refine.pdbx_method_to_determine_struct          'MOLECULAR REPLACEMENT' 
_refine.pdbx_isotropic_thermal_model             RESTRAINED 
_refine.pdbx_stereochemistry_target_values       ? 
_refine.pdbx_stereochem_target_val_spec_case     ? 
_refine.pdbx_R_Free_selection_details            RANDOM 
_refine.pdbx_overall_ESU_R                       ? 
_refine.pdbx_overall_ESU_R_Free                  ? 
_refine.overall_SU_ML                            ? 
_refine.pdbx_overall_phase_error                 ? 
_refine.overall_SU_B                             ? 
_refine.overall_SU_R_Cruickshank_DPI             ? 
_refine.ls_redundancy_reflns_obs                 ? 
_refine.B_iso_min                                ? 
_refine.B_iso_max                                ? 
_refine.overall_SU_R_free                        ? 
_refine.ls_wR_factor_R_free                      ? 
_refine.ls_wR_factor_R_work                      ? 
_refine.overall_FOM_free_R_set                   ? 
_refine.overall_FOM_work_R_set                   ? 
_refine.pdbx_diffrn_id                           1 
_refine.pdbx_refine_id                           'X-RAY DIFFRACTION' 
_refine.pdbx_TLS_residual_ADP_flag               ? 
_refine.pdbx_overall_SU_R_free_Cruickshank_DPI   ? 
_refine.pdbx_overall_SU_R_Blow_DPI               ? 
_refine.pdbx_overall_SU_R_free_Blow_DPI          ? 
# 
_refine_analyze.entry_id                        4HNS 
_refine_analyze.Luzzati_coordinate_error_obs    0.32 
_refine_analyze.Luzzati_sigma_a_obs             0.33 
_refine_analyze.Luzzati_d_res_low_obs           5.00 
_refine_analyze.Luzzati_coordinate_error_free   0.36 
_refine_analyze.Luzzati_sigma_a_free            0.31 
_refine_analyze.Luzzati_d_res_low_free          ? 
_refine_analyze.number_disordered_residues      ? 
_refine_analyze.occupancy_sum_hydrogen          ? 
_refine_analyze.occupancy_sum_non_hydrogen      ? 
_refine_analyze.pdbx_Luzzati_d_res_high_obs     ? 
_refine_analyze.pdbx_refine_id                  'X-RAY DIFFRACTION' 
# 
_refine_hist.pdbx_refine_id                   'X-RAY DIFFRACTION' 
_refine_hist.cycle_id                         LAST 
_refine_hist.pdbx_number_atoms_protein        980 
_refine_hist.pdbx_number_atoms_nucleic_acid   0 
_refine_hist.pdbx_number_atoms_ligand         5 
_refine_hist.number_atoms_solvent             107 
_refine_hist.number_atoms_total               1092 
_refine_hist.d_res_high                       2.10 
_refine_hist.d_res_low                        24.22 
# 
loop_
_refine_ls_restr.type 
_refine_ls_restr.dev_ideal 
_refine_ls_restr.dev_ideal_target 
_refine_ls_restr.weight 
_refine_ls_restr.number 
_refine_ls_restr.pdbx_restraint_function 
_refine_ls_restr.pdbx_refine_id 
c_bond_d           0.012 ?    ? ? ? 'X-RAY DIFFRACTION' 
c_angle_deg        1.6   ?    ? ? ? 'X-RAY DIFFRACTION' 
c_dihedral_angle_d 22.9  ?    ? ? ? 'X-RAY DIFFRACTION' 
c_improper_angle_d 1.08  ?    ? ? ? 'X-RAY DIFFRACTION' 
c_mcbond_it        3.35  1.50 ? ? ? 'X-RAY DIFFRACTION' 
c_mcangle_it       5.32  2.00 ? ? ? 'X-RAY DIFFRACTION' 
c_scbond_it        4.32  2.00 ? ? ? 'X-RAY DIFFRACTION' 
c_scangle_it       7.73  2.50 ? ? ? 'X-RAY DIFFRACTION' 
# 
_refine_ls_shell.pdbx_total_number_of_bins_used   6 
_refine_ls_shell.d_res_high                       2.10 
_refine_ls_shell.d_res_low                        2.23 
_refine_ls_shell.number_reflns_R_work             1061 
_refine_ls_shell.R_factor_R_work                  0.324 
_refine_ls_shell.percent_reflns_obs               93.7 
_refine_ls_shell.R_factor_R_free                  0.357 
_refine_ls_shell.R_factor_R_free_error            0.047 
_refine_ls_shell.percent_reflns_R_free            5.2 
_refine_ls_shell.number_reflns_R_free             58 
_refine_ls_shell.number_reflns_all                ? 
_refine_ls_shell.R_factor_all                     ? 
_refine_ls_shell.number_reflns_obs                ? 
_refine_ls_shell.redundancy_reflns_obs            ? 
_refine_ls_shell.pdbx_refine_id                   'X-RAY DIFFRACTION' 
# 
loop_
_pdbx_xplor_file.serial_no 
_pdbx_xplor_file.param_file 
_pdbx_xplor_file.topol_file 
_pdbx_xplor_file.pdbx_refine_id 
1 protein_rep.param protein.top   'X-RAY DIFFRACTION' 
2 cis_peptide.param water_rep.top 'X-RAY DIFFRACTION' 
3 water_rep.param   ion.top       'X-RAY DIFFRACTION' 
4 ion.param         ?             'X-RAY DIFFRACTION' 
# 
_struct.entry_id                  4HNS 
_struct.title                     'Crystal structure of activated CheY3 of Vibrio cholerae' 
_struct.pdbx_model_details        ? 
_struct.pdbx_CASP_flag            ? 
_struct.pdbx_model_type_details   ? 
# 
_struct_keywords.entry_id        4HNS 
_struct_keywords.pdbx_keywords   'SIGNALING PROTEIN' 
_struct_keywords.text            'Rossmann fold, Response regulator, kinase, BeF3 and Mg+2 bound, SIGNALING PROTEIN' 
# 
loop_
_struct_asym.id 
_struct_asym.pdbx_blank_PDB_chainid_flag 
_struct_asym.pdbx_modified 
_struct_asym.entity_id 
_struct_asym.details 
A N N 1 ? 
B N N 2 ? 
C N N 3 ? 
D N N 4 ? 
# 
_struct_biol.id        1 
_struct_biol.details   ? 
# 
loop_
_struct_conf.conf_type_id 
_struct_conf.id 
_struct_conf.pdbx_PDB_helix_id 
_struct_conf.beg_label_comp_id 
_struct_conf.beg_label_asym_id 
_struct_conf.beg_label_seq_id 
_struct_conf.pdbx_beg_PDB_ins_code 
_struct_conf.end_label_comp_id 
_struct_conf.end_label_asym_id 
_struct_conf.end_label_seq_id 
_struct_conf.pdbx_end_PDB_ins_code 
_struct_conf.beg_auth_comp_id 
_struct_conf.beg_auth_asym_id 
_struct_conf.beg_auth_seq_id 
_struct_conf.end_auth_comp_id 
_struct_conf.end_auth_asym_id 
_struct_conf.end_auth_seq_id 
_struct_conf.pdbx_PDB_helix_class 
_struct_conf.details 
_struct_conf.pdbx_PDB_helix_length 
HELX_P HELX_P1 1 PHE A 13  ? LEU A 27  ? PHE A 17  LEU A 31  1 ? 15 
HELX_P HELX_P2 2 ASP A 37  ? ASP A 49  ? ASP A 41  ASP A 53  1 ? 13 
HELX_P HELX_P3 3 GLN A 63  ? ALA A 73  ? GLN A 67  ALA A 77  1 ? 11 
HELX_P HELX_P4 4 LYS A 90  ? ALA A 100 ? LYS A 94  ALA A 104 1 ? 11 
HELX_P HELX_P5 5 THR A 111 ? PHE A 123 ? THR A 115 PHE A 127 1 ? 13 
# 
_struct_conf_type.id          HELX_P 
_struct_conf_type.criteria    ? 
_struct_conf_type.reference   ? 
# 
loop_
_struct_conn.id 
_struct_conn.conn_type_id 
_struct_conn.pdbx_leaving_atom_flag 
_struct_conn.pdbx_PDB_id 
_struct_conn.ptnr1_label_asym_id 
_struct_conn.ptnr1_label_comp_id 
_struct_conn.ptnr1_label_seq_id 
_struct_conn.ptnr1_label_atom_id 
_struct_conn.pdbx_ptnr1_label_alt_id 
_struct_conn.pdbx_ptnr1_PDB_ins_code 
_struct_conn.pdbx_ptnr1_standard_comp_id 
_struct_conn.ptnr1_symmetry 
_struct_conn.ptnr2_label_asym_id 
_struct_conn.ptnr2_label_comp_id 
_struct_conn.ptnr2_label_seq_id 
_struct_conn.ptnr2_label_atom_id 
_struct_conn.pdbx_ptnr2_label_alt_id 
_struct_conn.pdbx_ptnr2_PDB_ins_code 
_struct_conn.ptnr1_auth_asym_id 
_struct_conn.ptnr1_auth_comp_id 
_struct_conn.ptnr1_auth_seq_id 
_struct_conn.ptnr2_auth_asym_id 
_struct_conn.ptnr2_auth_comp_id 
_struct_conn.ptnr2_auth_seq_id 
_struct_conn.ptnr2_symmetry 
_struct_conn.pdbx_ptnr3_label_atom_id 
_struct_conn.pdbx_ptnr3_label_seq_id 
_struct_conn.pdbx_ptnr3_label_comp_id 
_struct_conn.pdbx_ptnr3_label_asym_id 
_struct_conn.pdbx_ptnr3_label_alt_id 
_struct_conn.pdbx_ptnr3_PDB_ins_code 
_struct_conn.details 
_struct_conn.pdbx_dist_value 
_struct_conn.pdbx_value_order 
_struct_conn.pdbx_role 
metalc1 metalc ? ? A ASP 12 OD1 ? ? ? 1_555 B MG  . MG ? ? A ASP 16  A MG  201 1_555 ? ? ? ? ? ? ? 2.068 ? ? 
metalc2 metalc ? ? A ASP 56 OD2 ? ? ? 1_555 B MG  . MG ? ? A ASP 60  A MG  201 1_555 ? ? ? ? ? ? ? 2.020 ? ? 
metalc3 metalc ? ? A ASP 56 OD1 ? ? ? 1_555 C BEF . BE ? ? A ASP 60  A BEF 202 1_555 ? ? ? ? ? ? ? 1.989 ? ? 
metalc4 metalc ? ? A ASN 58 O   ? ? ? 1_555 B MG  . MG ? ? A ASN 62  A MG  201 1_555 ? ? ? ? ? ? ? 1.978 ? ? 
metalc5 metalc ? ? B MG  .  MG  ? ? ? 1_555 D HOH . O  ? ? A MG  201 A HOH 307 1_555 ? ? ? ? ? ? ? 2.206 ? ? 
# 
_struct_conn_type.id          metalc 
_struct_conn_type.criteria    ? 
_struct_conn_type.reference   ? 
# 
_struct_mon_prot_cis.pdbx_id                1 
_struct_mon_prot_cis.label_comp_id          LYS 
_struct_mon_prot_cis.label_seq_id           108 
_struct_mon_prot_cis.label_asym_id          A 
_struct_mon_prot_cis.label_alt_id           . 
_struct_mon_prot_cis.pdbx_PDB_ins_code      ? 
_struct_mon_prot_cis.auth_comp_id           LYS 
_struct_mon_prot_cis.auth_seq_id            112 
_struct_mon_prot_cis.auth_asym_id           A 
_struct_mon_prot_cis.pdbx_label_comp_id_2   PRO 
_struct_mon_prot_cis.pdbx_label_seq_id_2    109 
_struct_mon_prot_cis.pdbx_label_asym_id_2   A 
_struct_mon_prot_cis.pdbx_PDB_ins_code_2    ? 
_struct_mon_prot_cis.pdbx_auth_comp_id_2    PRO 
_struct_mon_prot_cis.pdbx_auth_seq_id_2     113 
_struct_mon_prot_cis.pdbx_auth_asym_id_2    A 
_struct_mon_prot_cis.pdbx_PDB_model_num     1 
_struct_mon_prot_cis.pdbx_omega_angle       -0.76 
# 
_struct_sheet.id               A 
_struct_sheet.type             ? 
_struct_sheet.number_strands   5 
_struct_sheet.details          ? 
# 
loop_
_struct_sheet_order.sheet_id 
_struct_sheet_order.range_id_1 
_struct_sheet_order.range_id_2 
_struct_sheet_order.offset 
_struct_sheet_order.sense 
A 1 2 ? parallel 
A 2 3 ? parallel 
A 3 4 ? parallel 
A 4 5 ? parallel 
# 
loop_
_struct_sheet_range.sheet_id 
_struct_sheet_range.id 
_struct_sheet_range.beg_label_comp_id 
_struct_sheet_range.beg_label_asym_id 
_struct_sheet_range.beg_label_seq_id 
_struct_sheet_range.pdbx_beg_PDB_ins_code 
_struct_sheet_range.end_label_comp_id 
_struct_sheet_range.end_label_asym_id 
_struct_sheet_range.end_label_seq_id 
_struct_sheet_range.pdbx_end_PDB_ins_code 
_struct_sheet_range.beg_auth_comp_id 
_struct_sheet_range.beg_auth_asym_id 
_struct_sheet_range.beg_auth_seq_id 
_struct_sheet_range.end_auth_comp_id 
_struct_sheet_range.end_auth_asym_id 
_struct_sheet_range.end_auth_seq_id 
A 1 THR A 32  ? ALA A 35  ? THR A 36  ALA A 39  
A 2 ILE A 7   ? VAL A 10  ? ILE A 11  VAL A 14  
A 3 PHE A 52  ? ASP A 56  ? PHE A 56  ASP A 60  
A 4 VAL A 82  ? THR A 86  ? VAL A 86  THR A 90  
A 5 GLY A 104 ? VAL A 107 ? GLY A 108 VAL A 111 
# 
loop_
_pdbx_struct_sheet_hbond.sheet_id 
_pdbx_struct_sheet_hbond.range_id_1 
_pdbx_struct_sheet_hbond.range_id_2 
_pdbx_struct_sheet_hbond.range_1_label_atom_id 
_pdbx_struct_sheet_hbond.range_1_label_comp_id 
_pdbx_struct_sheet_hbond.range_1_label_asym_id 
_pdbx_struct_sheet_hbond.range_1_label_seq_id 
_pdbx_struct_sheet_hbond.range_1_PDB_ins_code 
_pdbx_struct_sheet_hbond.range_1_auth_atom_id 
_pdbx_struct_sheet_hbond.range_1_auth_comp_id 
_pdbx_struct_sheet_hbond.range_1_auth_asym_id 
_pdbx_struct_sheet_hbond.range_1_auth_seq_id 
_pdbx_struct_sheet_hbond.range_2_label_atom_id 
_pdbx_struct_sheet_hbond.range_2_label_comp_id 
_pdbx_struct_sheet_hbond.range_2_label_asym_id 
_pdbx_struct_sheet_hbond.range_2_label_seq_id 
_pdbx_struct_sheet_hbond.range_2_PDB_ins_code 
_pdbx_struct_sheet_hbond.range_2_auth_atom_id 
_pdbx_struct_sheet_hbond.range_2_auth_comp_id 
_pdbx_struct_sheet_hbond.range_2_auth_asym_id 
_pdbx_struct_sheet_hbond.range_2_auth_seq_id 
A 1 2 O GLN A 33 ? O GLN A 37 N ILE A 7   ? N ILE A 11  
A 2 3 N VAL A 10 ? N VAL A 14 O VAL A 54  ? O VAL A 58  
A 3 4 N THR A 55 ? N THR A 59 O ILE A 85  ? O ILE A 89  
A 4 5 N MET A 84 ? N MET A 88 O GLY A 104 ? O GLY A 108 
# 
loop_
_struct_site.id 
_struct_site.pdbx_evidence_code 
_struct_site.pdbx_auth_asym_id 
_struct_site.pdbx_auth_comp_id 
_struct_site.pdbx_auth_seq_id 
_struct_site.pdbx_auth_ins_code 
_struct_site.pdbx_num_residues 
_struct_site.details 
AC1 Software A MG  201 ? 5 'BINDING SITE FOR RESIDUE MG A 201'  
AC2 Software A BEF 202 ? 6 'BINDING SITE FOR RESIDUE BEF A 202' 
# 
loop_
_struct_site_gen.id 
_struct_site_gen.site_id 
_struct_site_gen.pdbx_num_res 
_struct_site_gen.label_comp_id 
_struct_site_gen.label_asym_id 
_struct_site_gen.label_seq_id 
_struct_site_gen.pdbx_auth_ins_code 
_struct_site_gen.auth_comp_id 
_struct_site_gen.auth_asym_id 
_struct_site_gen.auth_seq_id 
_struct_site_gen.label_atom_id 
_struct_site_gen.label_alt_id 
_struct_site_gen.symmetry 
_struct_site_gen.details 
1  AC1 5 ASP A 12  ? ASP A 16  . ? 1_555 ? 
2  AC1 5 ASP A 56  ? ASP A 60  . ? 1_555 ? 
3  AC1 5 ASN A 58  ? ASN A 62  . ? 1_555 ? 
4  AC1 5 BEF C .   ? BEF A 202 . ? 1_555 ? 
5  AC1 5 HOH D .   ? HOH A 307 . ? 1_555 ? 
6  AC2 6 ASP A 56  ? ASP A 60  . ? 1_555 ? 
7  AC2 6 ASN A 58  ? ASN A 62  . ? 1_555 ? 
8  AC2 6 THR A 86  ? THR A 90  . ? 1_555 ? 
9  AC2 6 ALA A 87  ? ALA A 91  . ? 1_555 ? 
10 AC2 6 LYS A 108 ? LYS A 112 . ? 1_555 ? 
11 AC2 6 MG  B .   ? MG  A 201 . ? 1_555 ? 
# 
_atom_sites.entry_id                    4HNS 
_atom_sites.fract_transf_matrix[1][1]   0.00843480 
_atom_sites.fract_transf_matrix[1][2]   0.00392805 
_atom_sites.fract_transf_matrix[1][3]   0.01440880 
_atom_sites.fract_transf_matrix[2][1]   0.01145635 
_atom_sites.fract_transf_matrix[2][2]   0.01276490 
_atom_sites.fract_transf_matrix[2][3]   0.00002237 
_atom_sites.fract_transf_matrix[3][1]   -0.00993099 
_atom_sites.fract_transf_matrix[3][2]   0.00890702 
_atom_sites.fract_transf_matrix[3][3]   0.00338534 
_atom_sites.fract_transf_vector[1]      -0.126665 
_atom_sites.fract_transf_vector[2]      -0.307321 
_atom_sites.fract_transf_vector[3]      -0.331433 
# 
loop_
_atom_type.symbol 
BE 
C  
F  
MG 
N  
O  
S  
# 
loop_
_atom_site.group_PDB 
_atom_site.id 
_atom_site.type_symbol 
_atom_site.label_atom_id 
_atom_site.label_alt_id 
_atom_site.label_comp_id 
_atom_site.label_asym_id 
_atom_site.label_entity_id 
_atom_site.label_seq_id 
_atom_site.pdbx_PDB_ins_code 
_atom_site.Cartn_x 
_atom_site.Cartn_y 
_atom_site.Cartn_z 
_atom_site.occupancy 
_atom_site.B_iso_or_equiv 
_atom_site.pdbx_formal_charge 
_atom_site.auth_seq_id 
_atom_site.auth_comp_id 
_atom_site.auth_asym_id 
_atom_site.auth_atom_id 
_atom_site.pdbx_PDB_model_num 
ATOM   1    N  N   . ALA A 1 1   ? -11.986 -3.657  -12.322 1.00 82.40  ? 5   ALA A N   1 
ATOM   2    C  CA  . ALA A 1 1   ? -10.599 -3.583  -11.787 1.00 82.83  ? 5   ALA A CA  1 
ATOM   3    C  C   . ALA A 1 1   ? -9.648  -3.137  -12.890 1.00 83.49  ? 5   ALA A C   1 
ATOM   4    O  O   . ALA A 1 1   ? -9.205  -3.947  -13.701 1.00 83.67  ? 5   ALA A O   1 
ATOM   5    C  CB  . ALA A 1 1   ? -10.175 -4.948  -11.256 1.00 79.32  ? 5   ALA A CB  1 
ATOM   6    N  N   . ASN A 1 2   ? -9.335  -1.847  -12.928 1.00 84.98  ? 6   ASN A N   1 
ATOM   7    C  CA  . ASN A 1 2   ? -8.433  -1.342  -13.955 1.00 83.85  ? 6   ASN A CA  1 
ATOM   8    C  C   . ASN A 1 2   ? -7.024  -1.882  -13.769 1.00 81.42  ? 6   ASN A C   1 
ATOM   9    O  O   . ASN A 1 2   ? -6.470  -1.849  -12.667 1.00 85.36  ? 6   ASN A O   1 
ATOM   10   C  CB  . ASN A 1 2   ? -8.377  0.182   -13.932 1.00 85.27  ? 6   ASN A CB  1 
ATOM   11   C  CG  . ASN A 1 2   ? -7.848  0.764   -15.234 1.00 83.90  ? 6   ASN A CG  1 
ATOM   12   O  OD1 . ASN A 1 2   ? -6.849  0.297   -15.781 1.00 82.75  ? 6   ASN A OD1 1 
ATOM   13   N  ND2 . ASN A 1 2   ? -8.521  1.793   -15.732 1.00 82.74  ? 6   ASN A ND2 1 
ATOM   14   N  N   . LYS A 1 3   ? -6.437  -2.354  -14.866 1.00 81.03  ? 7   LYS A N   1 
ATOM   15   C  CA  . LYS A 1 3   ? -5.091  -2.906  -14.839 1.00 81.55  ? 7   LYS A CA  1 
ATOM   16   C  C   . LYS A 1 3   ? -4.038  -1.857  -15.230 1.00 82.07  ? 7   LYS A C   1 
ATOM   17   O  O   . LYS A 1 3   ? -2.885  -2.176  -15.555 1.00 75.64  ? 7   LYS A O   1 
ATOM   18   C  CB  . LYS A 1 3   ? -5.020  -4.121  -15.765 1.00 83.00  ? 7   LYS A CB  1 
ATOM   19   C  CG  . LYS A 1 3   ? -5.217  -3.786  -17.224 1.00 89.76  ? 7   LYS A CG  1 
ATOM   20   C  CD  . LYS A 1 3   ? -4.489  -4.767  -18.123 1.00 92.72  ? 7   LYS A CD  1 
ATOM   21   C  CE  . LYS A 1 3   ? -4.982  -4.647  -19.558 1.00 94.16  ? 7   LYS A CE  1 
ATOM   22   N  NZ  . LYS A 1 3   ? -4.882  -3.265  -20.100 1.00 95.03  ? 7   LYS A NZ  1 
ATOM   23   N  N   . ASN A 1 4   ? -4.439  -0.595  -15.195 1.00 81.19  ? 8   ASN A N   1 
ATOM   24   C  CA  . ASN A 1 4   ? -3.519  0.485   -15.502 1.00 83.53  ? 8   ASN A CA  1 
ATOM   25   C  C   . ASN A 1 4   ? -3.837  1.613   -14.556 1.00 78.29  ? 8   ASN A C   1 
ATOM   26   O  O   . ASN A 1 4   ? -3.722  2.788   -14.896 1.00 83.43  ? 8   ASN A O   1 
ATOM   27   C  CB  . ASN A 1 4   ? -3.652  0.952   -16.953 1.00 91.64  ? 8   ASN A CB  1 
ATOM   28   C  CG  . ASN A 1 4   ? -2.596  1.981   -17.326 1.00 93.16  ? 8   ASN A CG  1 
ATOM   29   O  OD1 . ASN A 1 4   ? -1.399  1.753   -17.141 1.00 94.49  ? 8   ASN A OD1 1 
ATOM   30   N  ND2 . ASN A 1 4   ? -3.037  3.124   -17.841 1.00 93.98  ? 8   ASN A ND2 1 
ATOM   31   N  N   . MET A 1 5   ? -4.267  1.233   -13.361 1.00 70.18  ? 9   MET A N   1 
ATOM   32   C  CA  . MET A 1 5   ? -4.571  2.199   -12.327 1.00 56.42  ? 9   MET A CA  1 
ATOM   33   C  C   . MET A 1 5   ? -3.212  2.622   -11.777 1.00 48.39  ? 9   MET A C   1 
ATOM   34   O  O   . MET A 1 5   ? -2.292  1.814   -11.682 1.00 46.54  ? 9   MET A O   1 
ATOM   35   C  CB  . MET A 1 5   ? -5.413  1.550   -11.226 1.00 53.05  ? 9   MET A CB  1 
ATOM   36   C  CG  . MET A 1 5   ? -4.666  0.485   -10.433 1.00 53.24  ? 9   MET A CG  1 
ATOM   37   S  SD  . MET A 1 5   ? -5.688  -0.295  -9.172  1.00 55.24  ? 9   MET A SD  1 
ATOM   38   C  CE  . MET A 1 5   ? -6.560  1.146   -8.507  1.00 55.73  ? 9   MET A CE  1 
ATOM   39   N  N   . LYS A 1 6   ? -3.091  3.894   -11.429 1.00 44.37  ? 10  LYS A N   1 
ATOM   40   C  CA  . LYS A 1 6   ? -1.854  4.458   -10.900 1.00 44.30  ? 10  LYS A CA  1 
ATOM   41   C  C   . LYS A 1 6   ? -1.602  3.949   -9.477  1.00 44.10  ? 10  LYS A C   1 
ATOM   42   O  O   . LYS A 1 6   ? -2.417  4.152   -8.583  1.00 41.88  ? 10  LYS A O   1 
ATOM   43   C  CB  . LYS A 1 6   ? -1.969  5.982   -10.914 1.00 43.52  ? 10  LYS A CB  1 
ATOM   44   C  CG  . LYS A 1 6   ? -0.660  6.721   -10.735 1.00 43.59  ? 10  LYS A CG  1 
ATOM   45   C  CD  . LYS A 1 6   ? -0.873  8.226   -10.873 1.00 43.59  ? 10  LYS A CD  1 
ATOM   46   C  CE  . LYS A 1 6   ? 0.455   8.960   -10.826 1.00 41.55  ? 10  LYS A CE  1 
ATOM   47   N  NZ  . LYS A 1 6   ? 1.364   8.469   -11.903 1.00 42.42  ? 10  LYS A NZ  1 
ATOM   48   N  N   . ILE A 1 7   ? -0.473  3.290   -9.253  1.00 41.66  ? 11  ILE A N   1 
ATOM   49   C  CA  . ILE A 1 7   ? -0.197  2.766   -7.922  1.00 40.40  ? 11  ILE A CA  1 
ATOM   50   C  C   . ILE A 1 7   ? 1.105   3.252   -7.304  1.00 39.70  ? 11  ILE A C   1 
ATOM   51   O  O   . ILE A 1 7   ? 2.136   3.387   -7.982  1.00 41.55  ? 11  ILE A O   1 
ATOM   52   C  CB  . ILE A 1 7   ? -0.173  1.222   -7.915  1.00 40.18  ? 11  ILE A CB  1 
ATOM   53   C  CG1 . ILE A 1 7   ? -1.434  0.674   -8.592  1.00 36.67  ? 11  ILE A CG1 1 
ATOM   54   C  CG2 . ILE A 1 7   ? -0.075  0.715   -6.463  1.00 38.36  ? 11  ILE A CG2 1 
ATOM   55   C  CD1 . ILE A 1 7   ? -1.344  -0.787  -8.993  1.00 37.55  ? 11  ILE A CD1 1 
ATOM   56   N  N   . LEU A 1 8   ? 1.032   3.530   -6.007  1.00 36.64  ? 12  LEU A N   1 
ATOM   57   C  CA  . LEU A 1 8   ? 2.193   3.964   -5.255  1.00 35.25  ? 12  LEU A CA  1 
ATOM   58   C  C   . LEU A 1 8   ? 2.577   2.824   -4.317  1.00 32.34  ? 12  LEU A C   1 
ATOM   59   O  O   . LEU A 1 8   ? 1.747   2.315   -3.563  1.00 31.02  ? 12  LEU A O   1 
ATOM   60   C  CB  . LEU A 1 8   ? 1.884   5.221   -4.443  1.00 33.00  ? 12  LEU A CB  1 
ATOM   61   C  CG  . LEU A 1 8   ? 3.135   5.743   -3.727  1.00 33.01  ? 12  LEU A CG  1 
ATOM   62   C  CD1 . LEU A 1 8   ? 4.158   6.252   -4.775  1.00 33.60  ? 12  LEU A CD1 1 
ATOM   63   C  CD2 . LEU A 1 8   ? 2.758   6.822   -2.747  1.00 28.50  ? 12  LEU A CD2 1 
ATOM   64   N  N   . ILE A 1 9   ? 3.836   2.410   -4.400  1.00 33.25  ? 13  ILE A N   1 
ATOM   65   C  CA  . ILE A 1 9   ? 4.359   1.346   -3.558  1.00 35.43  ? 13  ILE A CA  1 
ATOM   66   C  C   . ILE A 1 9   ? 5.237   2.045   -2.528  1.00 36.49  ? 13  ILE A C   1 
ATOM   67   O  O   . ILE A 1 9   ? 6.195   2.724   -2.886  1.00 35.21  ? 13  ILE A O   1 
ATOM   68   C  CB  . ILE A 1 9   ? 5.201   0.351   -4.381  1.00 37.76  ? 13  ILE A CB  1 
ATOM   69   C  CG1 . ILE A 1 9   ? 4.343   -0.227  -5.515  1.00 36.33  ? 13  ILE A CG1 1 
ATOM   70   C  CG2 . ILE A 1 9   ? 5.719   -0.765  -3.479  1.00 36.54  ? 13  ILE A CG2 1 
ATOM   71   C  CD1 . ILE A 1 9   ? 5.144   -0.703  -6.722  1.00 40.76  ? 13  ILE A CD1 1 
ATOM   72   N  N   . VAL A 1 10  ? 4.901   1.885   -1.252  1.00 35.78  ? 14  VAL A N   1 
ATOM   73   C  CA  . VAL A 1 10  ? 5.647   2.525   -0.170  1.00 34.17  ? 14  VAL A CA  1 
ATOM   74   C  C   . VAL A 1 10  ? 6.332   1.483   0.714   1.00 36.95  ? 14  VAL A C   1 
ATOM   75   O  O   . VAL A 1 10  ? 5.672   0.565   1.206   1.00 36.56  ? 14  VAL A O   1 
ATOM   76   C  CB  . VAL A 1 10  ? 4.695   3.378   0.725   1.00 32.82  ? 14  VAL A CB  1 
ATOM   77   C  CG1 . VAL A 1 10  ? 5.486   4.176   1.741   1.00 29.51  ? 14  VAL A CG1 1 
ATOM   78   C  CG2 . VAL A 1 10  ? 3.841   4.298   -0.144  1.00 31.57  ? 14  VAL A CG2 1 
ATOM   79   N  N   . ASP A 1 11  ? 7.648   1.621   0.890   1.00 35.57  ? 15  ASP A N   1 
ATOM   80   C  CA  . ASP A 1 11  ? 8.438   0.716   1.735   1.00 36.66  ? 15  ASP A CA  1 
ATOM   81   C  C   . ASP A 1 11  ? 9.847   1.307   1.897   1.00 37.63  ? 15  ASP A C   1 
ATOM   82   O  O   . ASP A 1 11  ? 10.420  1.816   0.925   1.00 39.31  ? 15  ASP A O   1 
ATOM   83   C  CB  . ASP A 1 11  ? 8.536   -0.676  1.090   1.00 34.87  ? 15  ASP A CB  1 
ATOM   84   C  CG  . ASP A 1 11  ? 8.975   -1.754  2.076   1.00 33.31  ? 15  ASP A CG  1 
ATOM   85   O  OD1 . ASP A 1 11  ? 8.161   -2.649  2.379   1.00 32.35  ? 15  ASP A OD1 1 
ATOM   86   O  OD2 . ASP A 1 11  ? 10.130  -1.701  2.550   1.00 32.82  ? 15  ASP A OD2 1 
ATOM   87   N  N   . ASP A 1 12  ? 10.411  1.255   3.100   1.00 38.14  ? 16  ASP A N   1 
ATOM   88   C  CA  . ASP A 1 12  ? 11.757  1.795   3.286   1.00 41.49  ? 16  ASP A CA  1 
ATOM   89   C  C   . ASP A 1 12  ? 12.817  0.912   2.601   1.00 40.57  ? 16  ASP A C   1 
ATOM   90   O  O   . ASP A 1 12  ? 13.905  1.384   2.257   1.00 41.49  ? 16  ASP A O   1 
ATOM   91   C  CB  . ASP A 1 12  ? 12.076  1.963   4.772   1.00 42.70  ? 16  ASP A CB  1 
ATOM   92   C  CG  . ASP A 1 12  ? 11.885  0.682   5.562   1.00 45.75  ? 16  ASP A CG  1 
ATOM   93   O  OD1 . ASP A 1 12  ? 10.808  0.058   5.442   1.00 47.73  ? 16  ASP A OD1 1 
ATOM   94   O  OD2 . ASP A 1 12  ? 12.811  0.302   6.309   1.00 47.28  ? 16  ASP A OD2 1 
ATOM   95   N  N   . PHE A 1 13  ? 12.478  -0.356  2.373   1.00 43.41  ? 17  PHE A N   1 
ATOM   96   C  CA  . PHE A 1 13  ? 13.377  -1.308  1.706   1.00 48.14  ? 17  PHE A CA  1 
ATOM   97   C  C   . PHE A 1 13  ? 13.195  -1.281  0.190   1.00 44.32  ? 17  PHE A C   1 
ATOM   98   O  O   . PHE A 1 13  ? 12.174  -1.734  -0.329  1.00 39.71  ? 17  PHE A O   1 
ATOM   99   C  CB  . PHE A 1 13  ? 13.111  -2.740  2.180   1.00 61.80  ? 17  PHE A CB  1 
ATOM   100  C  CG  . PHE A 1 13  ? 13.924  -3.160  3.369   1.00 78.49  ? 17  PHE A CG  1 
ATOM   101  C  CD1 . PHE A 1 13  ? 13.799  -2.505  4.591   1.00 85.25  ? 17  PHE A CD1 1 
ATOM   102  C  CD2 . PHE A 1 13  ? 14.799  -4.237  3.273   1.00 85.47  ? 17  PHE A CD2 1 
ATOM   103  C  CE1 . PHE A 1 13  ? 14.533  -2.924  5.702   1.00 90.02  ? 17  PHE A CE1 1 
ATOM   104  C  CE2 . PHE A 1 13  ? 15.536  -4.662  4.375   1.00 89.82  ? 17  PHE A CE2 1 
ATOM   105  C  CZ  . PHE A 1 13  ? 15.404  -4.005  5.590   1.00 90.82  ? 17  PHE A CZ  1 
ATOM   106  N  N   . SER A 1 14  ? 14.196  -0.769  -0.514  1.00 43.01  ? 18  SER A N   1 
ATOM   107  C  CA  . SER A 1 14  ? 14.150  -0.689  -1.969  1.00 45.89  ? 18  SER A CA  1 
ATOM   108  C  C   . SER A 1 14  ? 13.880  -2.030  -2.645  1.00 46.43  ? 18  SER A C   1 
ATOM   109  O  O   . SER A 1 14  ? 13.051  -2.120  -3.551  1.00 44.24  ? 18  SER A O   1 
ATOM   110  C  CB  . SER A 1 14  ? 15.463  -0.123  -2.503  1.00 50.13  ? 18  SER A CB  1 
ATOM   111  O  OG  . SER A 1 14  ? 15.648  -0.488  -3.859  1.00 53.27  ? 18  SER A OG  1 
ATOM   112  N  N   . THR A 1 15  ? 14.577  -3.076  -2.220  1.00 47.86  ? 19  THR A N   1 
ATOM   113  C  CA  . THR A 1 15  ? 14.361  -4.367  -2.848  1.00 54.51  ? 19  THR A CA  1 
ATOM   114  C  C   . THR A 1 15  ? 12.903  -4.814  -2.714  1.00 47.21  ? 19  THR A C   1 
ATOM   115  O  O   . THR A 1 15  ? 12.355  -5.420  -3.633  1.00 46.09  ? 19  THR A O   1 
ATOM   116  C  CB  . THR A 1 15  ? 15.310  -5.448  -2.286  1.00 62.25  ? 19  THR A CB  1 
ATOM   117  O  OG1 . THR A 1 15  ? 16.670  -5.021  -2.442  1.00 69.58  ? 19  THR A OG1 1 
ATOM   118  C  CG2 . THR A 1 15  ? 15.119  -6.756  -3.041  1.00 69.04  ? 19  THR A CG2 1 
ATOM   119  N  N   . MET A 1 16  ? 12.265  -4.501  -1.590  1.00 42.96  ? 20  MET A N   1 
ATOM   120  C  CA  . MET A 1 16  ? 10.863  -4.882  -1.400  1.00 40.79  ? 20  MET A CA  1 
ATOM   121  C  C   . MET A 1 16  ? 9.931   -4.135  -2.376  1.00 36.40  ? 20  MET A C   1 
ATOM   122  O  O   . MET A 1 16  ? 8.948   -4.693  -2.872  1.00 34.75  ? 20  MET A O   1 
ATOM   123  C  CB  . MET A 1 16  ? 10.432  -4.612  0.045   1.00 41.34  ? 20  MET A CB  1 
ATOM   124  C  CG  . MET A 1 16  ? 9.039   -5.131  0.402   1.00 43.81  ? 20  MET A CG  1 
ATOM   125  S  SD  . MET A 1 16  ? 8.889   -6.940  0.512   1.00 45.90  ? 20  MET A SD  1 
ATOM   126  C  CE  . MET A 1 16  ? 7.947   -7.310  -0.906  1.00 44.63  ? 20  MET A CE  1 
ATOM   127  N  N   . ARG A 1 17  ? 10.237  -2.875  -2.655  1.00 36.96  ? 21  ARG A N   1 
ATOM   128  C  CA  . ARG A 1 17  ? 9.425   -2.100  -3.590  1.00 37.00  ? 21  ARG A CA  1 
ATOM   129  C  C   . ARG A 1 17  ? 9.596   -2.754  -4.956  1.00 39.85  ? 21  ARG A C   1 
ATOM   130  O  O   . ARG A 1 17  ? 8.648   -2.912  -5.729  1.00 38.23  ? 21  ARG A O   1 
ATOM   131  C  CB  . ARG A 1 17  ? 9.908   -0.650  -3.631  1.00 37.09  ? 21  ARG A CB  1 
ATOM   132  C  CG  . ARG A 1 17  ? 9.911   0.028   -2.262  1.00 36.49  ? 21  ARG A CG  1 
ATOM   133  C  CD  . ARG A 1 17  ? 9.870   1.538   -2.403  1.00 36.82  ? 21  ARG A CD  1 
ATOM   134  N  NE  . ARG A 1 17  ? 11.043  2.054   -3.098  1.00 38.79  ? 21  ARG A NE  1 
ATOM   135  C  CZ  . ARG A 1 17  ? 12.214  2.322   -2.521  1.00 38.52  ? 21  ARG A CZ  1 
ATOM   136  N  NH1 . ARG A 1 17  ? 12.393  2.134   -1.219  1.00 31.56  ? 21  ARG A NH1 1 
ATOM   137  N  NH2 . ARG A 1 17  ? 13.221  2.768   -3.260  1.00 40.16  ? 21  ARG A NH2 1 
ATOM   138  N  N   . ARG A 1 18  ? 10.833  -3.153  -5.207  1.00 44.75  ? 22  ARG A N   1 
ATOM   139  C  CA  . ARG A 1 18  ? 11.233  -3.802  -6.437  1.00 51.11  ? 22  ARG A CA  1 
ATOM   140  C  C   . ARG A 1 18  ? 10.445  -5.104  -6.630  1.00 44.85  ? 22  ARG A C   1 
ATOM   141  O  O   . ARG A 1 18  ? 9.912   -5.359  -7.709  1.00 41.90  ? 22  ARG A O   1 
ATOM   142  C  CB  . ARG A 1 18  ? 12.729  -4.085  -6.350  1.00 65.32  ? 22  ARG A CB  1 
ATOM   143  C  CG  . ARG A 1 18  ? 13.461  -4.214  -7.653  1.00 84.61  ? 22  ARG A CG  1 
ATOM   144  C  CD  . ARG A 1 18  ? 14.692  -3.323  -7.631  1.00 98.11  ? 22  ARG A CD  1 
ATOM   145  N  NE  . ARG A 1 18  ? 15.575  -3.627  -6.507  1.00 107.91 ? 22  ARG A NE  1 
ATOM   146  C  CZ  . ARG A 1 18  ? 16.561  -2.833  -6.100  1.00 112.90 ? 22  ARG A CZ  1 
ATOM   147  N  NH1 . ARG A 1 18  ? 17.320  -3.183  -5.070  1.00 115.66 ? 22  ARG A NH1 1 
ATOM   148  N  NH2 . ARG A 1 18  ? 16.781  -1.680  -6.720  1.00 115.92 ? 22  ARG A NH2 1 
ATOM   149  N  N   . ILE A 1 19  ? 10.365  -5.918  -5.590  1.00 42.69  ? 23  ILE A N   1 
ATOM   150  C  CA  . ILE A 1 19  ? 9.639   -7.184  -5.659  1.00 42.76  ? 23  ILE A CA  1 
ATOM   151  C  C   . ILE A 1 19  ? 8.153   -6.933  -5.887  1.00 40.64  ? 23  ILE A C   1 
ATOM   152  O  O   . ILE A 1 19  ? 7.517   -7.582  -6.721  1.00 41.23  ? 23  ILE A O   1 
ATOM   153  C  CB  . ILE A 1 19  ? 9.841   -8.011  -4.359  1.00 45.73  ? 23  ILE A CB  1 
ATOM   154  C  CG1 . ILE A 1 19  ? 11.288  -8.517  -4.281  1.00 46.02  ? 23  ILE A CG1 1 
ATOM   155  C  CG2 . ILE A 1 19  ? 8.858   -9.178  -4.320  1.00 47.65  ? 23  ILE A CG2 1 
ATOM   156  C  CD1 . ILE A 1 19  ? 11.622  -9.294  -3.011  1.00 46.58  ? 23  ILE A CD1 1 
ATOM   157  N  N   . VAL A 1 20  ? 7.601   -5.982  -5.146  1.00 38.42  ? 24  VAL A N   1 
ATOM   158  C  CA  . VAL A 1 20  ? 6.194   -5.662  -5.292  1.00 36.32  ? 24  VAL A CA  1 
ATOM   159  C  C   . VAL A 1 20  ? 5.890   -5.148  -6.692  1.00 36.82  ? 24  VAL A C   1 
ATOM   160  O  O   . VAL A 1 20  ? 4.838   -5.439  -7.255  1.00 36.49  ? 24  VAL A O   1 
ATOM   161  C  CB  . VAL A 1 20  ? 5.757   -4.592  -4.290  1.00 32.91  ? 24  VAL A CB  1 
ATOM   162  C  CG1 . VAL A 1 20  ? 4.278   -4.276  -4.491  1.00 38.22  ? 24  VAL A CG1 1 
ATOM   163  C  CG2 . VAL A 1 20  ? 6.019   -5.078  -2.868  1.00 35.59  ? 24  VAL A CG2 1 
ATOM   164  N  N   . LYS A 1 21  ? 6.814   -4.377  -7.252  1.00 40.99  ? 25  LYS A N   1 
ATOM   165  C  CA  . LYS A 1 21  ? 6.622   -3.816  -8.580  1.00 48.60  ? 25  LYS A CA  1 
ATOM   166  C  C   . LYS A 1 21  ? 6.496   -4.908  -9.635  1.00 49.67  ? 25  LYS A C   1 
ATOM   167  O  O   . LYS A 1 21  ? 5.593   -4.871  -10.474 1.00 44.32  ? 25  LYS A O   1 
ATOM   168  C  CB  . LYS A 1 21  ? 7.779   -2.881  -8.932  1.00 54.52  ? 25  LYS A CB  1 
ATOM   169  C  CG  . LYS A 1 21  ? 7.644   -2.259  -10.310 1.00 62.19  ? 25  LYS A CG  1 
ATOM   170  C  CD  . LYS A 1 21  ? 8.473   -1.003  -10.421 1.00 68.56  ? 25  LYS A CD  1 
ATOM   171  C  CE  . LYS A 1 21  ? 8.143   -0.257  -11.700 1.00 70.84  ? 25  LYS A CE  1 
ATOM   172  N  NZ  . LYS A 1 21  ? 8.811   1.070   -11.718 1.00 73.37  ? 25  LYS A NZ  1 
ATOM   173  N  N   . ASN A 1 22  ? 7.386   -5.892  -9.573  1.00 52.55  ? 26  ASN A N   1 
ATOM   174  C  CA  . ASN A 1 22  ? 7.380   -6.985  -10.536 1.00 60.25  ? 26  ASN A CA  1 
ATOM   175  C  C   . ASN A 1 22  ? 6.194   -7.926  -10.390 1.00 59.55  ? 26  ASN A C   1 
ATOM   176  O  O   . ASN A 1 22  ? 5.688   -8.446  -11.386 1.00 59.38  ? 26  ASN A O   1 
ATOM   177  C  CB  . ASN A 1 22  ? 8.684   -7.771  -10.440 1.00 67.38  ? 26  ASN A CB  1 
ATOM   178  C  CG  . ASN A 1 22  ? 9.899   -6.871  -10.480 1.00 73.09  ? 26  ASN A CG  1 
ATOM   179  O  OD1 . ASN A 1 22  ? 10.004  -5.990  -11.336 1.00 75.49  ? 26  ASN A OD1 1 
ATOM   180  N  ND2 . ASN A 1 22  ? 10.824  -7.084  -9.552  1.00 75.82  ? 26  ASN A ND2 1 
ATOM   181  N  N   . LEU A 1 23  ? 5.754   -8.151  -9.155  1.00 57.26  ? 27  LEU A N   1 
ATOM   182  C  CA  . LEU A 1 23  ? 4.612   -9.024  -8.926  1.00 52.59  ? 27  LEU A CA  1 
ATOM   183  C  C   . LEU A 1 23  ? 3.398   -8.345  -9.529  1.00 52.60  ? 27  LEU A C   1 
ATOM   184  O  O   . LEU A 1 23  ? 2.529   -9.000  -10.104 1.00 55.16  ? 27  LEU A O   1 
ATOM   185  C  CB  . LEU A 1 23  ? 4.369   -9.248  -7.432  1.00 47.65  ? 27  LEU A CB  1 
ATOM   186  C  CG  . LEU A 1 23  ? 5.497   -9.865  -6.604  1.00 45.84  ? 27  LEU A CG  1 
ATOM   187  C  CD1 . LEU A 1 23  ? 4.989   -10.161 -5.201  1.00 42.43  ? 27  LEU A CD1 1 
ATOM   188  C  CD2 . LEU A 1 23  ? 5.988   -11.139 -7.264  1.00 43.58  ? 27  LEU A CD2 1 
ATOM   189  N  N   . LEU A 1 24  ? 3.347   -7.025  -9.392  1.00 55.00  ? 28  LEU A N   1 
ATOM   190  C  CA  . LEU A 1 24  ? 2.245   -6.242  -9.924  1.00 56.18  ? 28  LEU A CA  1 
ATOM   191  C  C   . LEU A 1 24  ? 2.274   -6.234  -11.438 1.00 56.84  ? 28  LEU A C   1 
ATOM   192  O  O   . LEU A 1 24  ? 1.232   -6.186  -12.085 1.00 55.74  ? 28  LEU A O   1 
ATOM   193  C  CB  . LEU A 1 24  ? 2.308   -4.813  -9.389  1.00 57.64  ? 28  LEU A CB  1 
ATOM   194  C  CG  . LEU A 1 24  ? 1.818   -4.725  -7.947  1.00 60.42  ? 28  LEU A CG  1 
ATOM   195  C  CD1 . LEU A 1 24  ? 2.200   -3.390  -7.335  1.00 60.56  ? 28  LEU A CD1 1 
ATOM   196  C  CD2 . LEU A 1 24  ? 0.307   -4.935  -7.928  1.00 59.30  ? 28  LEU A CD2 1 
ATOM   197  N  N   . ARG A 1 25  ? 3.474   -6.279  -11.999 1.00 60.62  ? 29  ARG A N   1 
ATOM   198  C  CA  . ARG A 1 25  ? 3.634   -6.303  -13.445 1.00 69.01  ? 29  ARG A CA  1 
ATOM   199  C  C   . ARG A 1 25  ? 3.135   -7.667  -13.902 1.00 70.74  ? 29  ARG A C   1 
ATOM   200  O  O   . ARG A 1 25  ? 2.430   -7.789  -14.905 1.00 63.96  ? 29  ARG A O   1 
ATOM   201  C  CB  . ARG A 1 25  ? 5.108   -6.130  -13.800 1.00 76.72  ? 29  ARG A CB  1 
ATOM   202  C  CG  . ARG A 1 25  ? 5.434   -6.321  -15.267 1.00 87.50  ? 29  ARG A CG  1 
ATOM   203  C  CD  . ARG A 1 25  ? 6.938   -6.269  -15.463 1.00 94.54  ? 29  ARG A CD  1 
ATOM   204  N  NE  . ARG A 1 25  ? 7.622   -7.062  -14.445 1.00 100.27 ? 29  ARG A NE  1 
ATOM   205  C  CZ  . ARG A 1 25  ? 7.453   -8.370  -14.275 1.00 102.82 ? 29  ARG A CZ  1 
ATOM   206  N  NH1 . ARG A 1 25  ? 6.623   -9.045  -15.060 1.00 104.60 ? 29  ARG A NH1 1 
ATOM   207  N  NH2 . ARG A 1 25  ? 8.109   -9.003  -13.312 1.00 104.40 ? 29  ARG A NH2 1 
ATOM   208  N  N   . ASP A 1 26  ? 3.499   -8.692  -13.137 1.00 69.95  ? 30  ASP A N   1 
ATOM   209  C  CA  . ASP A 1 26  ? 3.086   -10.052 -13.441 1.00 71.78  ? 30  ASP A CA  1 
ATOM   210  C  C   . ASP A 1 26  ? 1.572   -10.177 -13.475 1.00 70.51  ? 30  ASP A C   1 
ATOM   211  O  O   . ASP A 1 26  ? 1.033   -11.014 -14.193 1.00 77.55  ? 30  ASP A O   1 
ATOM   212  C  CB  . ASP A 1 26  ? 3.658   -11.029 -12.410 1.00 74.05  ? 30  ASP A CB  1 
ATOM   213  C  CG  . ASP A 1 26  ? 5.140   -11.274 -12.602 1.00 73.21  ? 30  ASP A CG  1 
ATOM   214  O  OD1 . ASP A 1 26  ? 5.530   -11.630 -13.736 1.00 73.22  ? 30  ASP A OD1 1 
ATOM   215  O  OD2 . ASP A 1 26  ? 5.912   -11.120 -11.631 1.00 73.34  ? 30  ASP A OD2 1 
ATOM   216  N  N   . LEU A 1 27  ? 0.880   -9.343  -12.709 1.00 68.19  ? 31  LEU A N   1 
ATOM   217  C  CA  . LEU A 1 27  ? -0.576  -9.408  -12.683 1.00 63.55  ? 31  LEU A CA  1 
ATOM   218  C  C   . LEU A 1 27  ? -1.203  -8.444  -13.680 1.00 61.75  ? 31  LEU A C   1 
ATOM   219  O  O   . LEU A 1 27  ? -2.424  -8.290  -13.726 1.00 60.44  ? 31  LEU A O   1 
ATOM   220  C  CB  . LEU A 1 27  ? -1.101  -9.123  -11.272 1.00 61.01  ? 31  LEU A CB  1 
ATOM   221  C  CG  . LEU A 1 27  ? -0.379  -9.830  -10.116 1.00 62.47  ? 31  LEU A CG  1 
ATOM   222  C  CD1 . LEU A 1 27  ? -1.235  -9.752  -8.865  1.00 63.66  ? 31  LEU A CD1 1 
ATOM   223  C  CD2 . LEU A 1 27  ? -0.113  -11.288 -10.456 1.00 62.94  ? 31  LEU A CD2 1 
ATOM   224  N  N   . GLY A 1 28  ? -0.363  -7.794  -14.479 1.00 62.17  ? 32  GLY A N   1 
ATOM   225  C  CA  . GLY A 1 28  ? -0.869  -6.860  -15.469 1.00 67.04  ? 32  GLY A CA  1 
ATOM   226  C  C   . GLY A 1 28  ? -1.056  -5.444  -14.958 1.00 70.60  ? 32  GLY A C   1 
ATOM   227  O  O   . GLY A 1 28  ? -2.072  -4.810  -15.242 1.00 68.61  ? 32  GLY A O   1 
ATOM   228  N  N   . PHE A 1 29  ? -0.076  -4.955  -14.204 1.00 71.14  ? 33  PHE A N   1 
ATOM   229  C  CA  . PHE A 1 29  ? -0.098  -3.600  -13.650 1.00 70.47  ? 33  PHE A CA  1 
ATOM   230  C  C   . PHE A 1 29  ? 1.313   -3.079  -13.770 1.00 69.68  ? 33  PHE A C   1 
ATOM   231  O  O   . PHE A 1 29  ? 2.223   -3.596  -13.121 1.00 73.91  ? 33  PHE A O   1 
ATOM   232  C  CB  . PHE A 1 29  ? -0.455  -3.606  -12.169 1.00 69.82  ? 33  PHE A CB  1 
ATOM   233  C  CG  . PHE A 1 29  ? -1.755  -4.254  -11.865 1.00 65.78  ? 33  PHE A CG  1 
ATOM   234  C  CD1 . PHE A 1 29  ? -2.925  -3.512  -11.861 1.00 64.64  ? 33  PHE A CD1 1 
ATOM   235  C  CD2 . PHE A 1 29  ? -1.813  -5.613  -11.574 1.00 64.71  ? 33  PHE A CD2 1 
ATOM   236  C  CE1 . PHE A 1 29  ? -4.134  -4.108  -11.571 1.00 63.72  ? 33  PHE A CE1 1 
ATOM   237  C  CE2 . PHE A 1 29  ? -3.021  -6.223  -11.283 1.00 64.34  ? 33  PHE A CE2 1 
ATOM   238  C  CZ  . PHE A 1 29  ? -4.186  -5.467  -11.279 1.00 64.73  ? 33  PHE A CZ  1 
ATOM   239  N  N   . ASN A 1 30  ? 1.509   -2.059  -14.586 1.00 70.28  ? 34  ASN A N   1 
ATOM   240  C  CA  . ASN A 1 30  ? 2.843   -1.525  -14.747 1.00 67.68  ? 34  ASN A CA  1 
ATOM   241  C  C   . ASN A 1 30  ? 2.912   -0.032  -14.489 1.00 60.07  ? 34  ASN A C   1 
ATOM   242  O  O   . ASN A 1 30  ? 3.952   0.597   -14.691 1.00 56.02  ? 34  ASN A O   1 
ATOM   243  C  CB  . ASN A 1 30  ? 3.370   -1.884  -16.134 1.00 75.20  ? 34  ASN A CB  1 
ATOM   244  C  CG  . ASN A 1 30  ? 3.862   -3.317  -16.205 1.00 83.19  ? 34  ASN A CG  1 
ATOM   245  O  OD1 . ASN A 1 30  ? 3.140   -4.256  -15.853 1.00 87.50  ? 34  ASN A OD1 1 
ATOM   246  N  ND2 . ASN A 1 30  ? 5.100   -3.494  -16.650 1.00 85.65  ? 34  ASN A ND2 1 
ATOM   247  N  N   . ASN A 1 31  ? 1.806   0.529   -14.012 1.00 55.35  ? 35  ASN A N   1 
ATOM   248  C  CA  . ASN A 1 31  ? 1.757   1.951   -13.710 1.00 53.60  ? 35  ASN A CA  1 
ATOM   249  C  C   . ASN A 1 31  ? 2.097   2.178   -12.229 1.00 53.04  ? 35  ASN A C   1 
ATOM   250  O  O   . ASN A 1 31  ? 1.308   2.751   -11.469 1.00 49.25  ? 35  ASN A O   1 
ATOM   251  C  CB  . ASN A 1 31  ? 0.363   2.501   -14.033 1.00 51.97  ? 35  ASN A CB  1 
ATOM   252  C  CG  . ASN A 1 31  ? 0.332   4.015   -14.065 1.00 52.72  ? 35  ASN A CG  1 
ATOM   253  O  OD1 . ASN A 1 31  ? 1.350   4.668   -13.844 1.00 50.18  ? 35  ASN A OD1 1 
ATOM   254  N  ND2 . ASN A 1 31  ? -0.838  4.582   -14.342 1.00 52.47  ? 35  ASN A ND2 1 
ATOM   255  N  N   . THR A 1 32  ? 3.281   1.729   -11.824 1.00 51.68  ? 36  THR A N   1 
ATOM   256  C  CA  . THR A 1 32  ? 3.713   1.874   -10.436 1.00 53.96  ? 36  THR A CA  1 
ATOM   257  C  C   . THR A 1 32  ? 4.849   2.872   -10.246 1.00 53.34  ? 36  THR A C   1 
ATOM   258  O  O   . THR A 1 32  ? 5.767   2.960   -11.064 1.00 55.68  ? 36  THR A O   1 
ATOM   259  C  CB  . THR A 1 32  ? 4.213   0.553   -9.864  1.00 53.20  ? 36  THR A CB  1 
ATOM   260  O  OG1 . THR A 1 32  ? 5.395   0.164   -10.567 1.00 55.65  ? 36  THR A OG1 1 
ATOM   261  C  CG2 . THR A 1 32  ? 3.169   -0.523  -10.021 1.00 50.06  ? 36  THR A CG2 1 
ATOM   262  N  N   . GLN A 1 33  ? 4.777   3.610   -9.146  1.00 52.64  ? 37  GLN A N   1 
ATOM   263  C  CA  . GLN A 1 33  ? 5.794   4.578   -8.784  1.00 48.88  ? 37  GLN A CA  1 
ATOM   264  C  C   . GLN A 1 33  ? 6.148   4.265   -7.320  1.00 44.63  ? 37  GLN A C   1 
ATOM   265  O  O   . GLN A 1 33  ? 5.391   3.566   -6.639  1.00 43.95  ? 37  GLN A O   1 
ATOM   266  C  CB  . GLN A 1 33  ? 5.257   6.001   -8.972  1.00 54.63  ? 37  GLN A CB  1 
ATOM   267  C  CG  . GLN A 1 33  ? 5.130   6.432   -10.455 1.00 62.81  ? 37  GLN A CG  1 
ATOM   268  C  CD  . GLN A 1 33  ? 3.946   5.796   -11.183 1.00 67.38  ? 37  GLN A CD  1 
ATOM   269  O  OE1 . GLN A 1 33  ? 2.800   5.914   -10.747 1.00 70.68  ? 37  GLN A OE1 1 
ATOM   270  N  NE2 . GLN A 1 33  ? 4.221   5.131   -12.304 1.00 69.94  ? 37  GLN A NE2 1 
ATOM   271  N  N   . GLU A 1 34  ? 7.279   4.763   -6.826  1.00 39.80  ? 38  GLU A N   1 
ATOM   272  C  CA  . GLU A 1 34  ? 7.700   4.440   -5.457  1.00 37.51  ? 38  GLU A CA  1 
ATOM   273  C  C   . GLU A 1 34  ? 7.957   5.616   -4.523  1.00 33.36  ? 38  GLU A C   1 
ATOM   274  O  O   . GLU A 1 34  ? 8.214   6.736   -4.964  1.00 31.96  ? 38  GLU A O   1 
ATOM   275  C  CB  . GLU A 1 34  ? 8.979   3.601   -5.497  1.00 39.31  ? 38  GLU A CB  1 
ATOM   276  C  CG  . GLU A 1 34  ? 8.896   2.351   -6.354  1.00 44.18  ? 38  GLU A CG  1 
ATOM   277  C  CD  . GLU A 1 34  ? 10.275  1.794   -6.679  1.00 45.23  ? 38  GLU A CD  1 
ATOM   278  O  OE1 . GLU A 1 34  ? 11.185  1.883   -5.822  1.00 42.42  ? 38  GLU A OE1 1 
ATOM   279  O  OE2 . GLU A 1 34  ? 10.449  1.268   -7.798  1.00 49.15  ? 38  GLU A OE2 1 
ATOM   280  N  N   . ALA A 1 35  ? 7.933   5.320   -3.229  1.00 30.13  ? 39  ALA A N   1 
ATOM   281  C  CA  . ALA A 1 35  ? 8.183   6.296   -2.170  1.00 32.96  ? 39  ALA A CA  1 
ATOM   282  C  C   . ALA A 1 35  ? 8.833   5.465   -1.065  1.00 32.95  ? 39  ALA A C   1 
ATOM   283  O  O   . ALA A 1 35  ? 8.352   4.380   -0.743  1.00 30.56  ? 39  ALA A O   1 
ATOM   284  C  CB  . ALA A 1 35  ? 6.874   6.907   -1.693  1.00 32.98  ? 39  ALA A CB  1 
ATOM   285  N  N   . ASP A 1 36  ? 9.900   5.956   -0.449  1.00 33.04  ? 40  ASP A N   1 
ATOM   286  C  CA  . ASP A 1 36  ? 10.562  5.118   0.552   1.00 36.08  ? 40  ASP A CA  1 
ATOM   287  C  C   . ASP A 1 36  ? 10.168  5.280   2.017   1.00 34.29  ? 40  ASP A C   1 
ATOM   288  O  O   . ASP A 1 36  ? 10.785  4.680   2.896   1.00 37.53  ? 40  ASP A O   1 
ATOM   289  C  CB  . ASP A 1 36  ? 12.084  5.245   0.422   1.00 36.37  ? 40  ASP A CB  1 
ATOM   290  C  CG  . ASP A 1 36  ? 12.570  6.667   0.630   1.00 38.27  ? 40  ASP A CG  1 
ATOM   291  O  OD1 . ASP A 1 36  ? 11.846  7.450   1.286   1.00 38.01  ? 40  ASP A OD1 1 
ATOM   292  O  OD2 . ASP A 1 36  ? 13.673  7.003   0.151   1.00 39.83  ? 40  ASP A OD2 1 
ATOM   293  N  N   . ASP A 1 37  ? 9.131   6.051   2.289   1.00 35.61  ? 41  ASP A N   1 
ATOM   294  C  CA  . ASP A 1 37  ? 8.704   6.267   3.662   1.00 34.38  ? 41  ASP A CA  1 
ATOM   295  C  C   . ASP A 1 37  ? 7.354   6.958   3.581   1.00 34.42  ? 41  ASP A C   1 
ATOM   296  O  O   . ASP A 1 37  ? 7.013   7.509   2.534   1.00 28.64  ? 41  ASP A O   1 
ATOM   297  C  CB  . ASP A 1 37  ? 9.708   7.178   4.370   1.00 38.01  ? 41  ASP A CB  1 
ATOM   298  C  CG  . ASP A 1 37  ? 9.461   7.273   5.861   1.00 42.31  ? 41  ASP A CG  1 
ATOM   299  O  OD1 . ASP A 1 37  ? 9.998   6.415   6.595   1.00 43.74  ? 41  ASP A OD1 1 
ATOM   300  O  OD2 . ASP A 1 37  ? 8.722   8.186   6.291   1.00 43.35  ? 41  ASP A OD2 1 
ATOM   301  N  N   . GLY A 1 38  ? 6.579   6.920   4.659   1.00 32.55  ? 42  GLY A N   1 
ATOM   302  C  CA  . GLY A 1 38  ? 5.299   7.596   4.633   1.00 35.13  ? 42  GLY A CA  1 
ATOM   303  C  C   . GLY A 1 38  ? 5.494   9.095   4.462   1.00 36.70  ? 42  GLY A C   1 
ATOM   304  O  O   . GLY A 1 38  ? 4.583   9.801   4.031   1.00 34.99  ? 42  GLY A O   1 
ATOM   305  N  N   . LEU A 1 39  ? 6.686   9.589   4.795   1.00 36.59  ? 43  LEU A N   1 
ATOM   306  C  CA  . LEU A 1 39  ? 6.977   11.022  4.698   1.00 36.49  ? 43  LEU A CA  1 
ATOM   307  C  C   . LEU A 1 39  ? 7.191   11.490  3.264   1.00 33.84  ? 43  LEU A C   1 
ATOM   308  O  O   . LEU A 1 39  ? 6.951   12.653  2.940   1.00 34.17  ? 43  LEU A O   1 
ATOM   309  C  CB  . LEU A 1 39  ? 8.197   11.377  5.561   1.00 38.88  ? 43  LEU A CB  1 
ATOM   310  C  CG  . LEU A 1 39  ? 7.995   11.451  7.081   1.00 38.74  ? 43  LEU A CG  1 
ATOM   311  C  CD1 . LEU A 1 39  ? 9.338   11.693  7.763   1.00 41.97  ? 43  LEU A CD1 1 
ATOM   312  C  CD2 . LEU A 1 39  ? 7.028   12.580  7.424   1.00 43.04  ? 43  LEU A CD2 1 
ATOM   313  N  N   . THR A 1 40  ? 7.637   10.578  2.410   1.00 35.25  ? 44  THR A N   1 
ATOM   314  C  CA  . THR A 1 40  ? 7.857   10.899  1.008   1.00 34.65  ? 44  THR A CA  1 
ATOM   315  C  C   . THR A 1 40  ? 6.644   10.512  0.169   1.00 32.20  ? 44  THR A C   1 
ATOM   316  O  O   . THR A 1 40  ? 6.437   11.032  -0.931  1.00 31.54  ? 44  THR A O   1 
ATOM   317  C  CB  . THR A 1 40  ? 9.111   10.183  0.477   1.00 37.86  ? 44  THR A CB  1 
ATOM   318  O  OG1 . THR A 1 40  ? 9.042   8.785   0.793   1.00 38.24  ? 44  THR A OG1 1 
ATOM   319  C  CG2 . THR A 1 40  ? 10.354  10.778  1.129   1.00 39.53  ? 44  THR A CG2 1 
ATOM   320  N  N   . ALA A 1 41  ? 5.834   9.603   0.703   1.00 30.56  ? 45  ALA A N   1 
ATOM   321  C  CA  . ALA A 1 41  ? 4.647   9.151   -0.004  1.00 30.92  ? 45  ALA A CA  1 
ATOM   322  C  C   . ALA A 1 41  ? 3.563   10.225  0.002   1.00 31.56  ? 45  ALA A C   1 
ATOM   323  O  O   . ALA A 1 41  ? 2.946   10.507  -1.019  1.00 29.90  ? 45  ALA A O   1 
ATOM   324  C  CB  . ALA A 1 41  ? 4.118   7.889   0.635   1.00 31.80  ? 45  ALA A CB  1 
ATOM   325  N  N   . LEU A 1 42  ? 3.336   10.830  1.162   1.00 34.50  ? 46  LEU A N   1 
ATOM   326  C  CA  . LEU A 1 42  ? 2.303   11.851  1.300   1.00 40.15  ? 46  LEU A CA  1 
ATOM   327  C  C   . LEU A 1 42  ? 2.323   12.916  0.217   1.00 40.37  ? 46  LEU A C   1 
ATOM   328  O  O   . LEU A 1 42  ? 1.339   13.075  -0.496  1.00 41.14  ? 46  LEU A O   1 
ATOM   329  C  CB  . LEU A 1 42  ? 2.400   12.531  2.657   1.00 43.65  ? 46  LEU A CB  1 
ATOM   330  C  CG  . LEU A 1 42  ? 1.193   12.422  3.573   1.00 47.35  ? 46  LEU A CG  1 
ATOM   331  C  CD1 . LEU A 1 42  ? 1.256   13.608  4.492   1.00 48.94  ? 46  LEU A CD1 1 
ATOM   332  C  CD2 . LEU A 1 42  ? -0.109  12.446  2.785   1.00 48.46  ? 46  LEU A CD2 1 
ATOM   333  N  N   . PRO A 1 43  ? 3.436   13.666  0.082   1.00 40.21  ? 47  PRO A N   1 
ATOM   334  C  CA  . PRO A 1 43  ? 3.529   14.716  -0.943  1.00 39.47  ? 47  PRO A CA  1 
ATOM   335  C  C   . PRO A 1 43  ? 3.256   14.204  -2.350  1.00 40.27  ? 47  PRO A C   1 
ATOM   336  O  O   . PRO A 1 43  ? 2.732   14.932  -3.199  1.00 41.75  ? 47  PRO A O   1 
ATOM   337  C  CB  . PRO A 1 43  ? 4.956   15.246  -0.781  1.00 41.11  ? 47  PRO A CB  1 
ATOM   338  C  CG  . PRO A 1 43  ? 5.701   14.069  -0.204  1.00 40.62  ? 47  PRO A CG  1 
ATOM   339  C  CD  . PRO A 1 43  ? 4.714   13.536  0.806   1.00 39.45  ? 47  PRO A CD  1 
ATOM   340  N  N   . MET A 1 44  ? 3.611   12.946  -2.583  1.00 38.49  ? 48  MET A N   1 
ATOM   341  C  CA  . MET A 1 44  ? 3.393   12.318  -3.874  1.00 37.17  ? 48  MET A CA  1 
ATOM   342  C  C   . MET A 1 44  ? 1.905   12.082  -4.046  1.00 36.21  ? 48  MET A C   1 
ATOM   343  O  O   . MET A 1 44  ? 1.333   12.352  -5.095  1.00 30.81  ? 48  MET A O   1 
ATOM   344  C  CB  . MET A 1 44  ? 4.135   10.983  -3.957  1.00 34.11  ? 48  MET A CB  1 
ATOM   345  C  CG  . MET A 1 44  ? 5.646   11.127  -4.096  1.00 38.05  ? 48  MET A CG  1 
ATOM   346  S  SD  . MET A 1 44  ? 6.492   9.544   -4.279  1.00 39.59  ? 48  MET A SD  1 
ATOM   347  C  CE  . MET A 1 44  ? 6.025   9.095   -5.957  1.00 40.87  ? 48  MET A CE  1 
ATOM   348  N  N   . LEU A 1 45  ? 1.276   11.575  -2.997  1.00 37.57  ? 49  LEU A N   1 
ATOM   349  C  CA  . LEU A 1 45  ? -0.149  11.302  -3.042  1.00 39.70  ? 49  LEU A CA  1 
ATOM   350  C  C   . LEU A 1 45  ? -0.899  12.614  -3.125  1.00 43.28  ? 49  LEU A C   1 
ATOM   351  O  O   . LEU A 1 45  ? -1.933  12.725  -3.788  1.00 43.20  ? 49  LEU A O   1 
ATOM   352  C  CB  . LEU A 1 45  ? -0.581  10.555  -1.782  1.00 38.62  ? 49  LEU A CB  1 
ATOM   353  C  CG  . LEU A 1 45  ? -0.172  9.096   -1.654  1.00 37.07  ? 49  LEU A CG  1 
ATOM   354  C  CD1 . LEU A 1 45  ? -0.566  8.590   -0.279  1.00 32.89  ? 49  LEU A CD1 1 
ATOM   355  C  CD2 . LEU A 1 45  ? -0.835  8.281   -2.761  1.00 31.27  ? 49  LEU A CD2 1 
ATOM   356  N  N   . LYS A 1 46  ? -0.344  13.619  -2.471  1.00 46.26  ? 50  LYS A N   1 
ATOM   357  C  CA  . LYS A 1 46  ? -0.976  14.918  -2.435  1.00 52.77  ? 50  LYS A CA  1 
ATOM   358  C  C   . LYS A 1 46  ? -1.219  15.562  -3.814  1.00 54.48  ? 50  LYS A C   1 
ATOM   359  O  O   . LYS A 1 46  ? -2.169  16.333  -3.957  1.00 53.77  ? 50  LYS A O   1 
ATOM   360  C  CB  . LYS A 1 46  ? -0.179  15.842  -1.519  1.00 54.58  ? 50  LYS A CB  1 
ATOM   361  C  CG  . LYS A 1 46  ? -0.870  17.155  -1.247  1.00 61.34  ? 50  LYS A CG  1 
ATOM   362  C  CD  . LYS A 1 46  ? -2.120  17.001  -0.382  1.00 61.97  ? 50  LYS A CD  1 
ATOM   363  C  CE  . LYS A 1 46  ? -2.768  18.368  -0.168  1.00 62.64  ? 50  LYS A CE  1 
ATOM   364  N  NZ  . LYS A 1 46  ? -3.755  18.383  0.952   1.00 63.61  ? 50  LYS A NZ  1 
ATOM   365  N  N   . LYS A 1 47  ? -0.384  15.257  -4.816  1.00 54.68  ? 51  LYS A N   1 
ATOM   366  C  CA  . LYS A 1 47  ? -0.576  15.794  -6.178  1.00 55.39  ? 51  LYS A CA  1 
ATOM   367  C  C   . LYS A 1 47  ? -0.475  14.804  -7.300  1.00 53.22  ? 51  LYS A C   1 
ATOM   368  O  O   . LYS A 1 47  ? -0.635  15.186  -8.460  1.00 58.68  ? 51  LYS A O   1 
ATOM   369  C  CB  . LYS A 1 47  ? 0.436   16.860  -6.548  1.00 56.45  ? 51  LYS A CB  1 
ATOM   370  C  CG  . LYS A 1 47  ? 0.454   18.009  -5.652  1.00 59.27  ? 51  LYS A CG  1 
ATOM   371  C  CD  . LYS A 1 47  ? 1.810   18.074  -5.045  1.00 63.12  ? 51  LYS A CD  1 
ATOM   372  C  CE  . LYS A 1 47  ? 1.948   19.318  -4.245  1.00 66.04  ? 51  LYS A CE  1 
ATOM   373  N  NZ  . LYS A 1 47  ? 0.757   19.461  -3.387  1.00 68.80  ? 51  LYS A NZ  1 
ATOM   374  N  N   . GLY A 1 48  ? -0.199  13.549  -6.988  1.00 51.83  ? 52  GLY A N   1 
ATOM   375  C  CA  . GLY A 1 48  ? -0.023  12.580  -8.050  1.00 49.47  ? 52  GLY A CA  1 
ATOM   376  C  C   . GLY A 1 48  ? -1.249  11.963  -8.678  1.00 49.82  ? 52  GLY A C   1 
ATOM   377  O  O   . GLY A 1 48  ? -1.149  11.358  -9.737  1.00 47.11  ? 52  GLY A O   1 
ATOM   378  N  N   . ASP A 1 49  ? -2.402  12.100  -8.044  1.00 55.50  ? 53  ASP A N   1 
ATOM   379  C  CA  . ASP A 1 49  ? -3.601  11.494  -8.592  1.00 64.14  ? 53  ASP A CA  1 
ATOM   380  C  C   . ASP A 1 49  ? -3.383  9.999   -8.771  1.00 58.43  ? 53  ASP A C   1 
ATOM   381  O  O   . ASP A 1 49  ? -3.491  9.458   -9.874  1.00 56.11  ? 53  ASP A O   1 
ATOM   382  C  CB  . ASP A 1 49  ? -3.959  12.125  -9.932  1.00 80.38  ? 53  ASP A CB  1 
ATOM   383  C  CG  . ASP A 1 49  ? -5.348  12.713  -9.931  1.00 93.08  ? 53  ASP A CG  1 
ATOM   384  O  OD1 . ASP A 1 49  ? -6.322  11.954  -9.744  1.00 99.96  ? 53  ASP A OD1 1 
ATOM   385  O  OD2 . ASP A 1 49  ? -5.459  13.944  -10.102 1.00 99.52  ? 53  ASP A OD2 1 
ATOM   386  N  N   . PHE A 1 50  ? -3.051  9.338   -7.672  1.00 52.43  ? 54  PHE A N   1 
ATOM   387  C  CA  . PHE A 1 50  ? -2.836  7.906   -7.690  1.00 50.27  ? 54  PHE A CA  1 
ATOM   388  C  C   . PHE A 1 50  ? -4.205  7.270   -7.487  1.00 54.49  ? 54  PHE A C   1 
ATOM   389  O  O   . PHE A 1 50  ? -5.158  7.957   -7.110  1.00 51.26  ? 54  PHE A O   1 
ATOM   390  C  CB  . PHE A 1 50  ? -1.862  7.519   -6.572  1.00 44.55  ? 54  PHE A CB  1 
ATOM   391  C  CG  . PHE A 1 50  ? -0.439  7.925   -6.846  1.00 39.04  ? 54  PHE A CG  1 
ATOM   392  C  CD1 . PHE A 1 50  ? 0.435   7.052   -7.482  1.00 35.51  ? 54  PHE A CD1 1 
ATOM   393  C  CD2 . PHE A 1 50  ? 0.028   9.183   -6.476  1.00 39.09  ? 54  PHE A CD2 1 
ATOM   394  C  CE1 . PHE A 1 50  ? 1.745   7.421   -7.743  1.00 35.49  ? 54  PHE A CE1 1 
ATOM   395  C  CE2 . PHE A 1 50  ? 1.344   9.565   -6.736  1.00 36.94  ? 54  PHE A CE2 1 
ATOM   396  C  CZ  . PHE A 1 50  ? 2.203   8.677   -7.372  1.00 35.94  ? 54  PHE A CZ  1 
ATOM   397  N  N   . ASP A 1 51  ? -4.316  5.976   -7.752  1.00 54.88  ? 55  ASP A N   1 
ATOM   398  C  CA  . ASP A 1 51  ? -5.591  5.295   -7.587  1.00 56.50  ? 55  ASP A CA  1 
ATOM   399  C  C   . ASP A 1 51  ? -5.478  4.255   -6.486  1.00 57.98  ? 55  ASP A C   1 
ATOM   400  O  O   . ASP A 1 51  ? -6.480  3.882   -5.864  1.00 62.12  ? 55  ASP A O   1 
ATOM   401  C  CB  . ASP A 1 51  ? -5.994  4.574   -8.879  1.00 53.97  ? 55  ASP A CB  1 
ATOM   402  C  CG  . ASP A 1 51  ? -6.027  5.493   -10.091 1.00 50.04  ? 55  ASP A CG  1 
ATOM   403  O  OD1 . ASP A 1 51  ? -6.726  6.529   -10.043 1.00 44.86  ? 55  ASP A OD1 1 
ATOM   404  O  OD2 . ASP A 1 51  ? -5.349  5.168   -11.094 1.00 42.82  ? 55  ASP A OD2 1 
ATOM   405  N  N   . PHE A 1 52  ? -4.250  3.818   -6.224  1.00 56.65  ? 56  PHE A N   1 
ATOM   406  C  CA  . PHE A 1 52  ? -4.030  2.750   -5.258  1.00 48.97  ? 56  PHE A CA  1 
ATOM   407  C  C   . PHE A 1 52  ? -2.715  2.829   -4.463  1.00 45.31  ? 56  PHE A C   1 
ATOM   408  O  O   . PHE A 1 52  ? -1.659  3.163   -5.013  1.00 45.33  ? 56  PHE A O   1 
ATOM   409  C  CB  . PHE A 1 52  ? -4.105  1.442   -6.048  1.00 49.13  ? 56  PHE A CB  1 
ATOM   410  C  CG  . PHE A 1 52  ? -4.121  0.220   -5.209  1.00 51.48  ? 56  PHE A CG  1 
ATOM   411  C  CD1 . PHE A 1 52  ? -3.334  -0.868  -5.560  1.00 53.20  ? 56  PHE A CD1 1 
ATOM   412  C  CD2 . PHE A 1 52  ? -4.940  0.129   -4.092  1.00 51.99  ? 56  PHE A CD2 1 
ATOM   413  C  CE1 . PHE A 1 52  ? -3.356  -2.031  -4.806  1.00 53.70  ? 56  PHE A CE1 1 
ATOM   414  C  CE2 . PHE A 1 52  ? -4.971  -1.026  -3.331  1.00 53.94  ? 56  PHE A CE2 1 
ATOM   415  C  CZ  . PHE A 1 52  ? -4.180  -2.112  -3.689  1.00 52.11  ? 56  PHE A CZ  1 
ATOM   416  N  N   . VAL A 1 53  ? -2.776  2.510   -3.172  1.00 41.08  ? 57  VAL A N   1 
ATOM   417  C  CA  . VAL A 1 53  ? -1.589  2.550   -2.321  1.00 37.64  ? 57  VAL A CA  1 
ATOM   418  C  C   . VAL A 1 53  ? -1.267  1.195   -1.700  1.00 37.36  ? 57  VAL A C   1 
ATOM   419  O  O   . VAL A 1 53  ? -2.131  0.515   -1.158  1.00 38.54  ? 57  VAL A O   1 
ATOM   420  C  CB  . VAL A 1 53  ? -1.734  3.571   -1.157  1.00 32.31  ? 57  VAL A CB  1 
ATOM   421  C  CG1 . VAL A 1 53  ? -0.430  3.666   -0.384  1.00 34.30  ? 57  VAL A CG1 1 
ATOM   422  C  CG2 . VAL A 1 53  ? -2.108  4.935   -1.691  1.00 33.64  ? 57  VAL A CG2 1 
ATOM   423  N  N   . VAL A 1 54  ? -0.015  0.801   -1.804  1.00 36.89  ? 58  VAL A N   1 
ATOM   424  C  CA  . VAL A 1 54  ? 0.433   -0.441  -1.212  1.00 34.53  ? 58  VAL A CA  1 
ATOM   425  C  C   . VAL A 1 54  ? 1.517   0.074   -0.297  1.00 33.14  ? 58  VAL A C   1 
ATOM   426  O  O   . VAL A 1 54  ? 2.503   0.664   -0.740  1.00 32.82  ? 58  VAL A O   1 
ATOM   427  C  CB  . VAL A 1 54  ? 0.994   -1.373  -2.264  1.00 35.80  ? 58  VAL A CB  1 
ATOM   428  C  CG1 . VAL A 1 54  ? 1.384   -2.706  -1.633  1.00 37.58  ? 58  VAL A CG1 1 
ATOM   429  C  CG2 . VAL A 1 54  ? -0.050  -1.568  -3.352  1.00 35.10  ? 58  VAL A CG2 1 
ATOM   430  N  N   . THR A 1 55  ? 1.336   -0.128  0.993   1.00 32.02  ? 59  THR A N   1 
ATOM   431  C  CA  . THR A 1 55  ? 2.289   0.424   1.926   1.00 30.80  ? 59  THR A CA  1 
ATOM   432  C  C   . THR A 1 55  ? 2.805   -0.525  2.996   1.00 32.54  ? 59  THR A C   1 
ATOM   433  O  O   . THR A 1 55  ? 2.076   -1.375  3.514   1.00 30.94  ? 59  THR A O   1 
ATOM   434  C  CB  . THR A 1 55  ? 1.654   1.664   2.611   1.00 28.53  ? 59  THR A CB  1 
ATOM   435  O  OG1 . THR A 1 55  ? 2.618   2.335   3.425   1.00 28.91  ? 59  THR A OG1 1 
ATOM   436  C  CG2 . THR A 1 55  ? 0.529   1.247   3.476   1.00 32.27  ? 59  THR A CG2 1 
ATOM   437  N  N   . ASP A 1 56  ? 4.085   -0.370  3.309   1.00 34.82  ? 60  ASP A N   1 
ATOM   438  C  CA  . ASP A 1 56  ? 4.729   -1.151  4.345   1.00 35.78  ? 60  ASP A CA  1 
ATOM   439  C  C   . ASP A 1 56  ? 4.288   -0.502  5.637   1.00 37.26  ? 60  ASP A C   1 
ATOM   440  O  O   . ASP A 1 56  ? 3.687   0.574   5.647   1.00 38.88  ? 60  ASP A O   1 
ATOM   441  C  CB  . ASP A 1 56  ? 6.259   -1.044  4.225   1.00 35.68  ? 60  ASP A CB  1 
ATOM   442  C  CG  . ASP A 1 56  ? 6.996   -1.900  5.239   1.00 34.72  ? 60  ASP A CG  1 
ATOM   443  O  OD1 . ASP A 1 56  ? 6.649   -3.085  5.394   1.00 34.75  ? 60  ASP A OD1 1 
ATOM   444  O  OD2 . ASP A 1 56  ? 7.944   -1.396  5.874   1.00 39.11  ? 60  ASP A OD2 1 
ATOM   445  N  N   . TRP A 1 57  ? 4.571   -1.157  6.739   1.00 44.19  ? 61  TRP A N   1 
ATOM   446  C  CA  . TRP A 1 57  ? 4.213   -0.569  8.004   1.00 52.79  ? 61  TRP A CA  1 
ATOM   447  C  C   . TRP A 1 57  ? 5.438   0.069   8.638   1.00 49.34  ? 61  TRP A C   1 
ATOM   448  O  O   . TRP A 1 57  ? 5.619   1.290   8.633   1.00 47.77  ? 61  TRP A O   1 
ATOM   449  C  CB  . TRP A 1 57  ? 3.694   -1.621  8.955   1.00 65.66  ? 61  TRP A CB  1 
ATOM   450  C  CG  . TRP A 1 57  ? 3.049   -0.988  10.098  1.00 80.37  ? 61  TRP A CG  1 
ATOM   451  C  CD1 . TRP A 1 57  ? 3.404   0.185   10.692  1.00 84.69  ? 61  TRP A CD1 1 
ATOM   452  C  CD2 . TRP A 1 57  ? 1.856   -1.424  10.738  1.00 86.29  ? 61  TRP A CD2 1 
ATOM   453  N  NE1 . TRP A 1 57  ? 2.502   0.520   11.653  1.00 87.08  ? 61  TRP A NE1 1 
ATOM   454  C  CE2 . TRP A 1 57  ? 1.556   -0.432  11.707  1.00 87.87  ? 61  TRP A CE2 1 
ATOM   455  C  CE3 . TRP A 1 57  ? 1.030   -2.526  10.592  1.00 89.07  ? 61  TRP A CE3 1 
ATOM   456  C  CZ2 . TRP A 1 57  ? 0.433   -0.547  12.519  1.00 89.71  ? 61  TRP A CZ2 1 
ATOM   457  C  CZ3 . TRP A 1 57  ? -0.071  -2.624  11.398  1.00 91.07  ? 61  TRP A CZ3 1 
ATOM   458  C  CH2 . TRP A 1 57  ? -0.364  -1.636  12.353  1.00 90.76  ? 61  TRP A CH2 1 
ATOM   459  N  N   . ASN A 1 58  ? 6.266   -0.794  9.200   1.00 49.06  ? 62  ASN A N   1 
ATOM   460  C  CA  . ASN A 1 58  ? 7.475   -0.384  9.879   1.00 54.07  ? 62  ASN A CA  1 
ATOM   461  C  C   . ASN A 1 58  ? 8.352   0.458   8.946   1.00 50.40  ? 62  ASN A C   1 
ATOM   462  O  O   . ASN A 1 58  ? 9.004   -0.063  8.048   1.00 45.84  ? 62  ASN A O   1 
ATOM   463  C  CB  . ASN A 1 58  ? 8.197   -1.646  10.358  1.00 60.63  ? 62  ASN A CB  1 
ATOM   464  C  CG  . ASN A 1 58  ? 9.314   -1.356  11.335  1.00 69.93  ? 62  ASN A CG  1 
ATOM   465  O  OD1 . ASN A 1 58  ? 9.146   -0.590  12.286  1.00 75.01  ? 62  ASN A OD1 1 
ATOM   466  N  ND2 . ASN A 1 58  ? 10.462  -1.986  11.117  1.00 73.75  ? 62  ASN A ND2 1 
ATOM   467  N  N   . MET A 1 59  ? 8.321   1.772   9.141   1.00 49.27  ? 63  MET A N   1 
ATOM   468  C  CA  . MET A 1 59  ? 9.123   2.698   8.347   1.00 51.94  ? 63  MET A CA  1 
ATOM   469  C  C   . MET A 1 59  ? 9.643   3.731   9.338   1.00 56.23  ? 63  MET A C   1 
ATOM   470  O  O   . MET A 1 59  ? 8.883   4.256   10.150  1.00 56.62  ? 63  MET A O   1 
ATOM   471  C  CB  . MET A 1 59  ? 8.278   3.339   7.229   1.00 47.45  ? 63  MET A CB  1 
ATOM   472  C  CG  . MET A 1 59  ? 8.033   2.389   6.048   1.00 42.74  ? 63  MET A CG  1 
ATOM   473  S  SD  . MET A 1 59  ? 7.119   3.121   4.658   1.00 38.01  ? 63  MET A SD  1 
ATOM   474  C  CE  . MET A 1 59  ? 5.550   3.506   5.454   1.00 34.67  ? 63  MET A CE  1 
ATOM   475  N  N   . PRO A 1 60  ? 10.953  4.031   9.289   1.00 57.13  ? 64  PRO A N   1 
ATOM   476  C  CA  . PRO A 1 60  ? 11.553  4.995   10.212  1.00 58.59  ? 64  PRO A CA  1 
ATOM   477  C  C   . PRO A 1 60  ? 10.911  6.376   10.173  1.00 59.12  ? 64  PRO A C   1 
ATOM   478  O  O   . PRO A 1 60  ? 10.478  6.889   11.207  1.00 63.18  ? 64  PRO A O   1 
ATOM   479  C  CB  . PRO A 1 60  ? 13.010  5.008   9.779   1.00 60.18  ? 64  PRO A CB  1 
ATOM   480  C  CG  . PRO A 1 60  ? 12.888  4.895   8.305   1.00 60.08  ? 64  PRO A CG  1 
ATOM   481  C  CD  . PRO A 1 60  ? 11.858  3.784   8.151   1.00 59.55  ? 64  PRO A CD  1 
ATOM   482  N  N   . GLY A 1 61  ? 10.855  6.974   8.983   1.00 55.96  ? 65  GLY A N   1 
ATOM   483  C  CA  . GLY A 1 61  ? 10.258  8.291   8.844   1.00 51.29  ? 65  GLY A CA  1 
ATOM   484  C  C   . GLY A 1 61  ? 8.872   8.353   9.462   1.00 48.13  ? 65  GLY A C   1 
ATOM   485  O  O   . GLY A 1 61  ? 8.729   8.697   10.633  1.00 47.18  ? 65  GLY A O   1 
ATOM   486  N  N   . MET A 1 62  ? 7.852   8.041   8.666   1.00 47.71  ? 66  MET A N   1 
ATOM   487  C  CA  . MET A 1 62  ? 6.464   8.018   9.126   1.00 44.69  ? 66  MET A CA  1 
ATOM   488  C  C   . MET A 1 62  ? 5.934   6.617   8.891   1.00 44.41  ? 66  MET A C   1 
ATOM   489  O  O   . MET A 1 62  ? 5.808   6.182   7.744   1.00 43.09  ? 66  MET A O   1 
ATOM   490  C  CB  . MET A 1 62  ? 5.593   9.008   8.344   1.00 47.93  ? 66  MET A CB  1 
ATOM   491  C  CG  . MET A 1 62  ? 4.092   8.773   8.527   1.00 48.95  ? 66  MET A CG  1 
ATOM   492  S  SD  . MET A 1 62  ? 3.080   9.896   7.540   1.00 49.31  ? 66  MET A SD  1 
ATOM   493  C  CE  . MET A 1 62  ? 3.262   11.413  8.478   1.00 48.99  ? 66  MET A CE  1 
ATOM   494  N  N   . GLN A 1 63  ? 5.643   5.920   9.985   1.00 43.24  ? 67  GLN A N   1 
ATOM   495  C  CA  . GLN A 1 63  ? 5.131   4.555   9.944   1.00 43.06  ? 67  GLN A CA  1 
ATOM   496  C  C   . GLN A 1 63  ? 3.908   4.416   9.034   1.00 40.71  ? 67  GLN A C   1 
ATOM   497  O  O   . GLN A 1 63  ? 3.059   5.315   8.966   1.00 40.07  ? 67  GLN A O   1 
ATOM   498  C  CB  . GLN A 1 63  ? 4.760   4.111   11.358  1.00 46.64  ? 67  GLN A CB  1 
ATOM   499  C  CG  . GLN A 1 63  ? 5.907   4.132   12.347  1.00 52.64  ? 67  GLN A CG  1 
ATOM   500  C  CD  . GLN A 1 63  ? 6.550   2.768   12.510  1.00 54.94  ? 67  GLN A CD  1 
ATOM   501  O  OE1 . GLN A 1 63  ? 5.877   1.788   12.836  1.00 54.06  ? 67  GLN A OE1 1 
ATOM   502  N  NE2 . GLN A 1 63  ? 7.858   2.699   12.286  1.00 55.71  ? 67  GLN A NE2 1 
ATOM   503  N  N   . GLY A 1 64  ? 3.818   3.277   8.353   1.00 37.39  ? 68  GLY A N   1 
ATOM   504  C  CA  . GLY A 1 64  ? 2.696   3.017   7.466   1.00 37.70  ? 68  GLY A CA  1 
ATOM   505  C  C   . GLY A 1 64  ? 1.331   3.273   8.082   1.00 38.07  ? 68  GLY A C   1 
ATOM   506  O  O   . GLY A 1 64  ? 0.409   3.684   7.383   1.00 37.10  ? 68  GLY A O   1 
ATOM   507  N  N   . ILE A 1 65  ? 1.188   3.035   9.384   1.00 41.38  ? 69  ILE A N   1 
ATOM   508  C  CA  . ILE A 1 65  ? -0.089  3.264   10.060  1.00 45.73  ? 69  ILE A CA  1 
ATOM   509  C  C   . ILE A 1 65  ? -0.433  4.754   10.048  1.00 46.60  ? 69  ILE A C   1 
ATOM   510  O  O   . ILE A 1 65  ? -1.584  5.131   9.825   1.00 43.75  ? 69  ILE A O   1 
ATOM   511  C  CB  . ILE A 1 65  ? -0.059  2.760   11.538  1.00 48.15  ? 69  ILE A CB  1 
ATOM   512  C  CG1 . ILE A 1 65  ? -1.465  2.829   12.143  1.00 51.10  ? 69  ILE A CG1 1 
ATOM   513  C  CG2 . ILE A 1 65  ? 0.898   3.612   12.378  1.00 50.92  ? 69  ILE A CG2 1 
ATOM   514  C  CD1 . ILE A 1 65  ? -2.486  1.926   11.469  1.00 50.97  ? 69  ILE A CD1 1 
ATOM   515  N  N   . ASP A 1 66  ? 0.572   5.597   10.278  1.00 47.66  ? 70  ASP A N   1 
ATOM   516  C  CA  . ASP A 1 66  ? 0.368   7.040   10.300  1.00 49.70  ? 70  ASP A CA  1 
ATOM   517  C  C   . ASP A 1 66  ? 0.053   7.579   8.909   1.00 47.55  ? 70  ASP A C   1 
ATOM   518  O  O   . ASP A 1 66  ? -0.709  8.532   8.753   1.00 47.31  ? 70  ASP A O   1 
ATOM   519  C  CB  . ASP A 1 66  ? 1.601   7.726   10.888  1.00 54.18  ? 70  ASP A CB  1 
ATOM   520  C  CG  . ASP A 1 66  ? 1.805   7.377   12.350  1.00 57.63  ? 70  ASP A CG  1 
ATOM   521  O  OD1 . ASP A 1 66  ? 0.856   7.597   13.129  1.00 60.15  ? 70  ASP A OD1 1 
ATOM   522  O  OD2 . ASP A 1 66  ? 2.891   6.881   12.724  1.00 59.64  ? 70  ASP A OD2 1 
ATOM   523  N  N   . LEU A 1 67  ? 0.629   6.951   7.892   1.00 44.64  ? 71  LEU A N   1 
ATOM   524  C  CA  . LEU A 1 67  ? 0.386   7.354   6.512   1.00 39.91  ? 71  LEU A CA  1 
ATOM   525  C  C   . LEU A 1 67  ? -1.078  7.138   6.131   1.00 37.52  ? 71  LEU A C   1 
ATOM   526  O  O   . LEU A 1 67  ? -1.692  7.974   5.473   1.00 35.55  ? 71  LEU A O   1 
ATOM   527  C  CB  . LEU A 1 67  ? 1.273   6.553   5.558   1.00 34.88  ? 71  LEU A CB  1 
ATOM   528  C  CG  . LEU A 1 67  ? 0.924   6.734   4.078   1.00 33.95  ? 71  LEU A CG  1 
ATOM   529  C  CD1 . LEU A 1 67  ? 1.061   8.207   3.743   1.00 31.42  ? 71  LEU A CD1 1 
ATOM   530  C  CD2 . LEU A 1 67  ? 1.841   5.897   3.177   1.00 30.00  ? 71  LEU A CD2 1 
ATOM   531  N  N   . LEU A 1 68  ? -1.628  6.001   6.539   1.00 40.42  ? 72  LEU A N   1 
ATOM   532  C  CA  . LEU A 1 68  ? -3.014  5.670   6.227   1.00 46.43  ? 72  LEU A CA  1 
ATOM   533  C  C   . LEU A 1 68  ? -3.988  6.592   6.933   1.00 47.04  ? 72  LEU A C   1 
ATOM   534  O  O   . LEU A 1 68  ? -5.070  6.864   6.422   1.00 44.30  ? 72  LEU A O   1 
ATOM   535  C  CB  . LEU A 1 68  ? -3.301  4.212   6.595   1.00 48.22  ? 72  LEU A CB  1 
ATOM   536  C  CG  . LEU A 1 68  ? -4.723  3.659   6.454   1.00 49.44  ? 72  LEU A CG  1 
ATOM   537  C  CD1 . LEU A 1 68  ? -5.321  3.951   5.099   1.00 52.23  ? 72  LEU A CD1 1 
ATOM   538  C  CD2 . LEU A 1 68  ? -4.658  2.171   6.686   1.00 53.90  ? 72  LEU A CD2 1 
ATOM   539  N  N   . LYS A 1 69  ? -3.602  7.069   8.106   1.00 50.05  ? 73  LYS A N   1 
ATOM   540  C  CA  . LYS A 1 69  ? -4.445  7.973   8.865   1.00 54.88  ? 73  LYS A CA  1 
ATOM   541  C  C   . LYS A 1 69  ? -4.419  9.337   8.188   1.00 55.57  ? 73  LYS A C   1 
ATOM   542  O  O   . LYS A 1 69  ? -5.418  10.059  8.201   1.00 56.93  ? 73  LYS A O   1 
ATOM   543  C  CB  . LYS A 1 69  ? -3.916  8.055   10.285  1.00 59.35  ? 73  LYS A CB  1 
ATOM   544  C  CG  . LYS A 1 69  ? -3.841  6.687   10.913  1.00 64.03  ? 73  LYS A CG  1 
ATOM   545  C  CD  . LYS A 1 69  ? -4.851  6.521   12.013  1.00 67.17  ? 73  LYS A CD  1 
ATOM   546  C  CE  . LYS A 1 69  ? -4.145  6.633   13.340  1.00 70.16  ? 73  LYS A CE  1 
ATOM   547  N  NZ  . LYS A 1 69  ? -3.085  5.588   13.444  1.00 71.62  ? 73  LYS A NZ  1 
ATOM   548  N  N   . ASN A 1 70  ? -3.279  9.680   7.589   1.00 54.79  ? 74  ASN A N   1 
ATOM   549  C  CA  . ASN A 1 70  ? -3.153  10.953  6.889   1.00 53.95  ? 74  ASN A CA  1 
ATOM   550  C  C   . ASN A 1 70  ? -3.946  10.910  5.591   1.00 50.14  ? 74  ASN A C   1 
ATOM   551  O  O   . ASN A 1 70  ? -4.558  11.901  5.190   1.00 48.53  ? 74  ASN A O   1 
ATOM   552  C  CB  . ASN A 1 70  ? -1.685  11.256  6.593   1.00 57.42  ? 74  ASN A CB  1 
ATOM   553  C  CG  . ASN A 1 70  ? -0.957  11.829  7.797   1.00 62.08  ? 74  ASN A CG  1 
ATOM   554  O  OD1 . ASN A 1 70  ? -1.280  12.921  8.268   1.00 63.86  ? 74  ASN A OD1 1 
ATOM   555  N  ND2 . ASN A 1 70  ? 0.027   11.094  8.305   1.00 63.37  ? 74  ASN A ND2 1 
ATOM   556  N  N   . ILE A 1 71  ? -3.939  9.750   4.946   1.00 49.34  ? 75  ILE A N   1 
ATOM   557  C  CA  . ILE A 1 71  ? -4.668  9.549   3.702   1.00 51.79  ? 75  ILE A CA  1 
ATOM   558  C  C   . ILE A 1 71  ? -6.167  9.632   3.978   1.00 60.70  ? 75  ILE A C   1 
ATOM   559  O  O   . ILE A 1 71  ? -6.932  10.200  3.197   1.00 54.24  ? 75  ILE A O   1 
ATOM   560  C  CB  . ILE A 1 71  ? -4.354  8.157   3.103   1.00 46.66  ? 75  ILE A CB  1 
ATOM   561  C  CG1 . ILE A 1 71  ? -2.939  8.148   2.524   1.00 45.33  ? 75  ILE A CG1 1 
ATOM   562  C  CG2 . ILE A 1 71  ? -5.408  7.778   2.064   1.00 43.01  ? 75  ILE A CG2 1 
ATOM   563  C  CD1 . ILE A 1 71  ? -2.492  6.789   2.029   1.00 44.35  ? 75  ILE A CD1 1 
ATOM   564  N  N   . ARG A 1 72  ? -6.570  9.047   5.100   1.00 64.90  ? 76  ARG A N   1 
ATOM   565  C  CA  . ARG A 1 72  ? -7.964  9.025   5.521   1.00 72.35  ? 76  ARG A CA  1 
ATOM   566  C  C   . ARG A 1 72  ? -8.425  10.376  6.049   1.00 79.50  ? 76  ARG A C   1 
ATOM   567  O  O   . ARG A 1 72  ? -9.511  10.847  5.702   1.00 86.45  ? 76  ARG A O   1 
ATOM   568  C  CB  . ARG A 1 72  ? -8.170  7.945   6.589   1.00 67.44  ? 76  ARG A CB  1 
ATOM   569  C  CG  . ARG A 1 72  ? -8.146  6.535   6.027   1.00 57.52  ? 76  ARG A CG  1 
ATOM   570  C  CD  . ARG A 1 72  ? -9.388  6.288   5.191   1.00 51.65  ? 76  ARG A CD  1 
ATOM   571  N  NE  . ARG A 1 72  ? -9.379  4.996   4.511   1.00 46.98  ? 76  ARG A NE  1 
ATOM   572  C  CZ  . ARG A 1 72  ? -8.749  4.760   3.366   1.00 45.24  ? 76  ARG A CZ  1 
ATOM   573  N  NH1 . ARG A 1 72  ? -8.075  5.731   2.769   1.00 47.07  ? 76  ARG A NH1 1 
ATOM   574  N  NH2 . ARG A 1 72  ? -8.793  3.558   2.813   1.00 45.98  ? 76  ARG A NH2 1 
ATOM   575  N  N   . ALA A 1 73  ? -7.595  10.999  6.879   1.00 82.33  ? 77  ALA A N   1 
ATOM   576  C  CA  . ALA A 1 73  ? -7.909  12.300  7.461   1.00 76.67  ? 77  ALA A CA  1 
ATOM   577  C  C   . ALA A 1 73  ? -7.798  13.412  6.427   1.00 71.39  ? 77  ALA A C   1 
ATOM   578  O  O   . ALA A 1 73  ? -7.845  14.592  6.769   1.00 77.68  ? 77  ALA A O   1 
ATOM   579  C  CB  . ALA A 1 73  ? -6.977  12.584  8.637   1.00 75.95  ? 77  ALA A CB  1 
ATOM   580  N  N   . ASP A 1 74  ? -7.649  13.036  5.162   1.00 69.98  ? 78  ASP A N   1 
ATOM   581  C  CA  . ASP A 1 74  ? -7.530  14.015  4.089   1.00 63.78  ? 78  ASP A CA  1 
ATOM   582  C  C   . ASP A 1 74  ? -8.703  13.853  3.131   1.00 58.86  ? 78  ASP A C   1 
ATOM   583  O  O   . ASP A 1 74  ? -8.889  12.796  2.522   1.00 55.63  ? 78  ASP A O   1 
ATOM   584  C  CB  . ASP A 1 74  ? -6.199  13.825  3.354   1.00 63.11  ? 78  ASP A CB  1 
ATOM   585  C  CG  . ASP A 1 74  ? -5.883  14.971  2.415   1.00 64.34  ? 78  ASP A CG  1 
ATOM   586  O  OD1 . ASP A 1 74  ? -6.599  15.127  1.407   1.00 63.03  ? 78  ASP A OD1 1 
ATOM   587  O  OD2 . ASP A 1 74  ? -4.922  15.719  2.691   1.00 64.84  ? 78  ASP A OD2 1 
ATOM   588  N  N   . GLU A 1 75  ? -9.499  14.909  2.998   1.00 61.58  ? 79  GLU A N   1 
ATOM   589  C  CA  . GLU A 1 75  ? -10.665 14.854  2.130   1.00 68.12  ? 79  GLU A CA  1 
ATOM   590  C  C   . GLU A 1 75  ? -10.369 14.531  0.674   1.00 63.77  ? 79  GLU A C   1 
ATOM   591  O  O   . GLU A 1 75  ? -11.199 13.927  -0.003  1.00 58.67  ? 79  GLU A O   1 
ATOM   592  C  CB  . GLU A 1 75  ? -11.482 16.152  2.214   1.00 81.80  ? 79  GLU A CB  1 
ATOM   593  C  CG  . GLU A 1 75  ? -10.771 17.351  2.816   1.00 98.72  ? 79  GLU A CG  1 
ATOM   594  C  CD  . GLU A 1 75  ? -11.654 18.591  2.819   1.00 107.11 ? 79  GLU A CD  1 
ATOM   595  O  OE1 . GLU A 1 75  ? -11.792 19.226  1.750   1.00 110.61 ? 79  GLU A OE1 1 
ATOM   596  O  OE2 . GLU A 1 75  ? -12.220 18.924  3.882   1.00 111.06 ? 79  GLU A OE2 1 
ATOM   597  N  N   . GLU A 1 76  ? -9.200  14.915  0.173   1.00 62.89  ? 80  GLU A N   1 
ATOM   598  C  CA  . GLU A 1 76  ? -8.913  14.599  -1.215  1.00 69.08  ? 80  GLU A CA  1 
ATOM   599  C  C   . GLU A 1 76  ? -8.321  13.202  -1.405  1.00 64.45  ? 80  GLU A C   1 
ATOM   600  O  O   . GLU A 1 76  ? -8.363  12.663  -2.508  1.00 60.10  ? 80  GLU A O   1 
ATOM   601  C  CB  . GLU A 1 76  ? -8.015  15.677  -1.869  1.00 81.31  ? 80  GLU A CB  1 
ATOM   602  C  CG  . GLU A 1 76  ? -6.606  15.845  -1.298  1.00 96.13  ? 80  GLU A CG  1 
ATOM   603  C  CD  . GLU A 1 76  ? -5.867  17.038  -1.909  1.00 103.30 ? 80  GLU A CD  1 
ATOM   604  O  OE1 . GLU A 1 76  ? -5.658  17.033  -3.141  1.00 106.76 ? 80  GLU A OE1 1 
ATOM   605  O  OE2 . GLU A 1 76  ? -5.497  17.974  -1.165  1.00 107.05 ? 80  GLU A OE2 1 
ATOM   606  N  N   . LEU A 1 77  ? -7.830  12.594  -0.324  1.00 58.61  ? 81  LEU A N   1 
ATOM   607  C  CA  . LEU A 1 77  ? -7.208  11.263  -0.387  1.00 56.21  ? 81  LEU A CA  1 
ATOM   608  C  C   . LEU A 1 77  ? -7.949  10.096  0.277   1.00 56.84  ? 81  LEU A C   1 
ATOM   609  O  O   . LEU A 1 77  ? -7.511  8.952   0.159   1.00 56.54  ? 81  LEU A O   1 
ATOM   610  C  CB  . LEU A 1 77  ? -5.810  11.318  0.239   1.00 53.30  ? 81  LEU A CB  1 
ATOM   611  C  CG  . LEU A 1 77  ? -4.714  12.192  -0.366  1.00 49.02  ? 81  LEU A CG  1 
ATOM   612  C  CD1 . LEU A 1 77  ? -3.463  12.079  0.490   1.00 48.99  ? 81  LEU A CD1 1 
ATOM   613  C  CD2 . LEU A 1 77  ? -4.431  11.760  -1.792  1.00 47.25  ? 81  LEU A CD2 1 
ATOM   614  N  N   . LYS A 1 78  ? -9.058  10.362  0.963   1.00 58.08  ? 82  LYS A N   1 
ATOM   615  C  CA  . LYS A 1 78  ? -9.769  9.300   1.683   1.00 57.96  ? 82  LYS A CA  1 
ATOM   616  C  C   . LYS A 1 78  ? -10.474 8.165   0.937   1.00 52.60  ? 82  LYS A C   1 
ATOM   617  O  O   . LYS A 1 78  ? -10.997 7.261   1.580   1.00 56.14  ? 82  LYS A O   1 
ATOM   618  C  CB  . LYS A 1 78  ? -10.752 9.913   2.682   1.00 64.92  ? 82  LYS A CB  1 
ATOM   619  C  CG  . LYS A 1 78  ? -11.871 10.730  2.075   1.00 69.36  ? 82  LYS A CG  1 
ATOM   620  C  CD  . LYS A 1 78  ? -12.583 11.508  3.168   1.00 72.33  ? 82  LYS A CD  1 
ATOM   621  C  CE  . LYS A 1 78  ? -13.685 12.390  2.611   1.00 73.70  ? 82  LYS A CE  1 
ATOM   622  N  NZ  . LYS A 1 78  ? -14.312 13.212  3.683   1.00 74.72  ? 82  LYS A NZ  1 
ATOM   623  N  N   . HIS A 1 79  ? -10.487 8.185   -0.391  1.00 49.76  ? 83  HIS A N   1 
ATOM   624  C  CA  . HIS A 1 79  ? -11.140 7.112   -1.151  1.00 49.52  ? 83  HIS A CA  1 
ATOM   625  C  C   . HIS A 1 79  ? -10.102 6.119   -1.664  1.00 47.66  ? 83  HIS A C   1 
ATOM   626  O  O   . HIS A 1 79  ? -10.436 5.090   -2.259  1.00 41.09  ? 83  HIS A O   1 
ATOM   627  C  CB  . HIS A 1 79  ? -11.859 7.673   -2.364  1.00 55.03  ? 83  HIS A CB  1 
ATOM   628  C  CG  . HIS A 1 79  ? -10.935 8.333   -3.341  1.00 62.60  ? 83  HIS A CG  1 
ATOM   629  N  ND1 . HIS A 1 79  ? -10.296 9.522   -3.060  1.00 65.34  ? 83  HIS A ND1 1 
ATOM   630  C  CD2 . HIS A 1 79  ? -10.478 7.936   -4.548  1.00 65.40  ? 83  HIS A CD2 1 
ATOM   631  C  CE1 . HIS A 1 79  ? -9.484  9.827   -4.056  1.00 65.99  ? 83  HIS A CE1 1 
ATOM   632  N  NE2 . HIS A 1 79  ? -9.575  8.878   -4.973  1.00 66.07  ? 83  HIS A NE2 1 
ATOM   633  N  N   . LEU A 1 80  ? -8.838  6.460   -1.455  1.00 45.64  ? 84  LEU A N   1 
ATOM   634  C  CA  . LEU A 1 80  ? -7.750  5.623   -1.906  1.00 47.41  ? 84  LEU A CA  1 
ATOM   635  C  C   . LEU A 1 80  ? -7.699  4.286   -1.205  1.00 48.23  ? 84  LEU A C   1 
ATOM   636  O  O   . LEU A 1 80  ? -7.574  4.217   0.016   1.00 50.70  ? 84  LEU A O   1 
ATOM   637  C  CB  . LEU A 1 80  ? -6.415  6.343   -1.721  1.00 46.75  ? 84  LEU A CB  1 
ATOM   638  C  CG  . LEU A 1 80  ? -6.125  7.455   -2.728  1.00 43.92  ? 84  LEU A CG  1 
ATOM   639  C  CD1 . LEU A 1 80  ? -4.830  8.145   -2.360  1.00 44.58  ? 84  LEU A CD1 1 
ATOM   640  C  CD2 . LEU A 1 80  ? -6.048  6.865   -4.132  1.00 41.16  ? 84  LEU A CD2 1 
ATOM   641  N  N   . PRO A 1 81  ? -7.836  3.195   -1.973  1.00 49.94  ? 85  PRO A N   1 
ATOM   642  C  CA  . PRO A 1 81  ? -7.781  1.860   -1.378  1.00 47.78  ? 85  PRO A CA  1 
ATOM   643  C  C   . PRO A 1 81  ? -6.334  1.698   -0.918  1.00 44.84  ? 85  PRO A C   1 
ATOM   644  O  O   . PRO A 1 81  ? -5.414  2.167   -1.592  1.00 44.93  ? 85  PRO A O   1 
ATOM   645  C  CB  . PRO A 1 81  ? -8.104  0.947   -2.557  1.00 48.38  ? 85  PRO A CB  1 
ATOM   646  C  CG  . PRO A 1 81  ? -8.998  1.793   -3.401  1.00 51.12  ? 85  PRO A CG  1 
ATOM   647  C  CD  . PRO A 1 81  ? -8.287  3.126   -3.372  1.00 48.68  ? 85  PRO A CD  1 
ATOM   648  N  N   . VAL A 1 82  ? -6.124  1.065   0.228   1.00 43.31  ? 86  VAL A N   1 
ATOM   649  C  CA  . VAL A 1 82  ? -4.769  0.874   0.726   1.00 42.07  ? 86  VAL A CA  1 
ATOM   650  C  C   . VAL A 1 82  ? -4.525  -0.560  1.167   1.00 42.74  ? 86  VAL A C   1 
ATOM   651  O  O   . VAL A 1 82  ? -5.231  -1.087  2.031   1.00 42.64  ? 86  VAL A O   1 
ATOM   652  C  CB  . VAL A 1 82  ? -4.466  1.810   1.923   1.00 40.48  ? 86  VAL A CB  1 
ATOM   653  C  CG1 . VAL A 1 82  ? -3.034  1.616   2.397   1.00 38.44  ? 86  VAL A CG1 1 
ATOM   654  C  CG2 . VAL A 1 82  ? -4.669  3.251   1.518   1.00 41.29  ? 86  VAL A CG2 1 
ATOM   655  N  N   . LEU A 1 83  ? -3.542  -1.198  0.546   1.00 41.13  ? 87  LEU A N   1 
ATOM   656  C  CA  . LEU A 1 83  ? -3.183  -2.548  0.934   1.00 37.46  ? 87  LEU A CA  1 
ATOM   657  C  C   . LEU A 1 83  ? -1.919  -2.345  1.755   1.00 35.85  ? 87  LEU A C   1 
ATOM   658  O  O   . LEU A 1 83  ? -0.979  -1.664  1.318   1.00 33.25  ? 87  LEU A O   1 
ATOM   659  C  CB  . LEU A 1 83  ? -2.911  -3.436  -0.286  1.00 35.85  ? 87  LEU A CB  1 
ATOM   660  C  CG  . LEU A 1 83  ? -2.217  -4.786  -0.050  1.00 34.40  ? 87  LEU A CG  1 
ATOM   661  C  CD1 . LEU A 1 83  ? -3.111  -5.780  0.691   1.00 32.22  ? 87  LEU A CD1 1 
ATOM   662  C  CD2 . LEU A 1 83  ? -1.822  -5.351  -1.387  1.00 33.97  ? 87  LEU A CD2 1 
ATOM   663  N  N   . MET A 1 84  ? -1.934  -2.889  2.967   1.00 36.41  ? 88  MET A N   1 
ATOM   664  C  CA  . MET A 1 84  ? -0.828  -2.816  3.881   1.00 35.98  ? 88  MET A CA  1 
ATOM   665  C  C   . MET A 1 84  ? -0.054  -4.099  3.733   1.00 34.81  ? 88  MET A C   1 
ATOM   666  O  O   . MET A 1 84  ? -0.652  -5.183  3.709   1.00 33.76  ? 88  MET A O   1 
ATOM   667  C  CB  . MET A 1 84  ? -1.309  -2.621  5.322   1.00 39.12  ? 88  MET A CB  1 
ATOM   668  C  CG  . MET A 1 84  ? -0.242  -2.697  6.404   1.00 46.08  ? 88  MET A CG  1 
ATOM   669  S  SD  . MET A 1 84  ? 0.467   -1.090  6.823   1.00 54.35  ? 88  MET A SD  1 
ATOM   670  C  CE  . MET A 1 84  ? -0.973  -0.242  7.480   1.00 51.23  ? 88  MET A CE  1 
ATOM   671  N  N   . ILE A 1 85  ? 1.256   -3.991  3.593   1.00 36.84  ? 89  ILE A N   1 
ATOM   672  C  CA  . ILE A 1 85  ? 2.115   -5.158  3.491   1.00 43.56  ? 89  ILE A CA  1 
ATOM   673  C  C   . ILE A 1 85  ? 3.082   -5.105  4.580   1.00 46.10  ? 89  ILE A C   1 
ATOM   674  O  O   . ILE A 1 85  ? 3.830   -4.129  4.699   1.00 47.59  ? 89  ILE A O   1 
ATOM   675  C  CB  . ILE A 1 85  ? 3.025   -5.196  2.230   1.00 43.88  ? 89  ILE A CB  1 
ATOM   676  C  CG1 . ILE A 1 85  ? 2.308   -4.598  1.015   1.00 46.06  ? 89  ILE A CG1 1 
ATOM   677  C  CG2 . ILE A 1 85  ? 3.465   -6.628  1.931   1.00 44.16  ? 89  ILE A CG2 1 
ATOM   678  C  CD1 . ILE A 1 85  ? 1.649   -5.639  0.145   1.00 48.70  ? 89  ILE A CD1 1 
ATOM   679  N  N   . THR A 1 86  ? 3.123   -6.110  5.349   1.00 53.22  ? 90  THR A N   1 
ATOM   680  C  CA  . THR A 1 86  ? 4.115   -5.945  6.327   1.00 66.53  ? 90  THR A CA  1 
ATOM   681  C  C   . THR A 1 86  ? 4.420   -7.232  7.107   1.00 70.34  ? 90  THR A C   1 
ATOM   682  O  O   . THR A 1 86  ? 3.679   -8.215  7.031   1.00 62.64  ? 90  THR A O   1 
ATOM   683  C  CB  . THR A 1 86  ? 3.726   -4.822  7.259   1.00 68.65  ? 90  THR A CB  1 
ATOM   684  O  OG1 . THR A 1 86  ? 4.816   -4.569  8.169   1.00 74.94  ? 90  THR A OG1 1 
ATOM   685  C  CG2 . THR A 1 86  ? 2.479   -5.211  8.033   1.00 74.67  ? 90  THR A CG2 1 
ATOM   686  N  N   . ALA A 1 87  ? 5.518   -7.200  7.871   1.00 74.14  ? 91  ALA A N   1 
ATOM   687  C  CA  . ALA A 1 87  ? 5.961   -8.317  8.728   1.00 83.95  ? 91  ALA A CA  1 
ATOM   688  C  C   . ALA A 1 87  ? 5.145   -8.440  10.016  1.00 87.92  ? 91  ALA A C   1 
ATOM   689  O  O   . ALA A 1 87  ? 4.912   -9.540  10.521  1.00 93.50  ? 91  ALA A O   1 
ATOM   690  C  CB  . ALA A 1 87  ? 7.431   -8.144  9.080   1.00 80.91  ? 91  ALA A CB  1 
ATOM   691  N  N   . GLU A 1 88  ? 4.682   -7.299  10.548  1.00 89.74  ? 92  GLU A N   1 
ATOM   692  C  CA  . GLU A 1 88  ? 3.864   -7.266  11.764  1.00 83.51  ? 92  GLU A CA  1 
ATOM   693  C  C   . GLU A 1 88  ? 2.676   -8.195  11.576  1.00 77.53  ? 92  GLU A C   1 
ATOM   694  O  O   . GLU A 1 88  ? 1.655   -7.802  11.017  1.00 81.94  ? 92  GLU A O   1 
ATOM   695  C  CB  . GLU A 1 88  ? 3.323   -5.858  12.056  1.00 87.12  ? 92  GLU A CB  1 
ATOM   696  C  CG  . GLU A 1 88  ? 4.327   -4.721  12.015  1.00 95.29  ? 92  GLU A CG  1 
ATOM   697  C  CD  . GLU A 1 88  ? 5.553   -4.984  12.854  1.00 99.98  ? 92  GLU A CD  1 
ATOM   698  O  OE1 . GLU A 1 88  ? 5.406   -5.293  14.054  1.00 103.78 ? 92  GLU A OE1 1 
ATOM   699  O  OE2 . GLU A 1 88  ? 6.665   -4.872  12.305  1.00 104.02 ? 92  GLU A OE2 1 
ATOM   700  N  N   . ALA A 1 89  ? 2.804   -9.429  12.043  1.00 73.44  ? 93  ALA A N   1 
ATOM   701  C  CA  . ALA A 1 89  ? 1.725   -10.388 11.889  1.00 66.85  ? 93  ALA A CA  1 
ATOM   702  C  C   . ALA A 1 89  ? 0.830   -10.444 13.122  1.00 65.33  ? 93  ALA A C   1 
ATOM   703  O  O   . ALA A 1 89  ? -0.147  -11.187 13.151  1.00 59.96  ? 93  ALA A O   1 
ATOM   704  C  CB  . ALA A 1 89  ? 2.303   -11.773 11.588  1.00 67.09  ? 93  ALA A CB  1 
ATOM   705  N  N   . LYS A 1 90  ? 1.152   -9.652  14.135  1.00 64.88  ? 94  LYS A N   1 
ATOM   706  C  CA  . LYS A 1 90  ? 0.361   -9.655  15.356  1.00 69.27  ? 94  LYS A CA  1 
ATOM   707  C  C   . LYS A 1 90  ? -1.056  -9.118  15.159  1.00 70.26  ? 94  LYS A C   1 
ATOM   708  O  O   . LYS A 1 90  ? -1.253  -8.004  14.678  1.00 69.52  ? 94  LYS A O   1 
ATOM   709  C  CB  . LYS A 1 90  ? 1.104   -8.874  16.439  1.00 71.93  ? 94  LYS A CB  1 
ATOM   710  C  CG  . LYS A 1 90  ? 2.355   -9.605  16.922  1.00 73.94  ? 94  LYS A CG  1 
ATOM   711  C  CD  . LYS A 1 90  ? 3.151   -8.813  17.954  1.00 76.02  ? 94  LYS A CD  1 
ATOM   712  C  CE  . LYS A 1 90  ? 4.067   -7.788  17.295  1.00 77.85  ? 94  LYS A CE  1 
ATOM   713  N  NZ  . LYS A 1 90  ? 4.920   -7.062  18.283  1.00 78.89  ? 94  LYS A NZ  1 
ATOM   714  N  N   . ARG A 1 91  ? -2.033  -9.941  15.531  1.00 70.96  ? 95  ARG A N   1 
ATOM   715  C  CA  . ARG A 1 91  ? -3.452  -9.616  15.404  1.00 71.62  ? 95  ARG A CA  1 
ATOM   716  C  C   . ARG A 1 91  ? -3.818  -8.233  15.914  1.00 66.16  ? 95  ARG A C   1 
ATOM   717  O  O   . ARG A 1 91  ? -4.588  -7.512  15.284  1.00 65.58  ? 95  ARG A O   1 
ATOM   718  C  CB  . ARG A 1 91  ? -4.295  -10.659 16.147  1.00 78.87  ? 95  ARG A CB  1 
ATOM   719  C  CG  . ARG A 1 91  ? -5.795  -10.449 16.014  1.00 85.83  ? 95  ARG A CG  1 
ATOM   720  C  CD  . ARG A 1 91  ? -6.567  -11.675 16.477  1.00 91.23  ? 95  ARG A CD  1 
ATOM   721  N  NE  . ARG A 1 91  ? -7.952  -11.656 16.017  1.00 95.54  ? 95  ARG A NE  1 
ATOM   722  C  CZ  . ARG A 1 91  ? -8.876  -10.804 16.446  1.00 97.86  ? 95  ARG A CZ  1 
ATOM   723  N  NH1 . ARG A 1 91  ? -8.569  -9.890  17.358  1.00 98.91  ? 95  ARG A NH1 1 
ATOM   724  N  NH2 . ARG A 1 91  ? -10.108 -10.859 15.958  1.00 99.42  ? 95  ARG A NH2 1 
ATOM   725  N  N   . GLU A 1 92  ? -3.266  -7.872  17.064  1.00 65.48  ? 96  GLU A N   1 
ATOM   726  C  CA  . GLU A 1 92  ? -3.547  -6.584  17.680  1.00 67.05  ? 96  GLU A CA  1 
ATOM   727  C  C   . GLU A 1 92  ? -3.148  -5.446  16.759  1.00 61.23  ? 96  GLU A C   1 
ATOM   728  O  O   . GLU A 1 92  ? -3.686  -4.340  16.832  1.00 56.77  ? 96  GLU A O   1 
ATOM   729  C  CB  . GLU A 1 92  ? -2.779  -6.470  18.998  1.00 77.51  ? 96  GLU A CB  1 
ATOM   730  C  CG  . GLU A 1 92  ? -3.483  -5.603  20.016  1.00 92.10  ? 96  GLU A CG  1 
ATOM   731  C  CD  . GLU A 1 92  ? -4.833  -6.174  20.398  1.00 98.63  ? 96  GLU A CD  1 
ATOM   732  O  OE1 . GLU A 1 92  ? -5.677  -5.411  20.911  1.00 101.31 ? 96  GLU A OE1 1 
ATOM   733  O  OE2 . GLU A 1 92  ? -5.048  -7.386  20.184  1.00 101.68 ? 96  GLU A OE2 1 
ATOM   734  N  N   . GLN A 1 93  ? -2.205  -5.737  15.879  1.00 58.61  ? 97  GLN A N   1 
ATOM   735  C  CA  . GLN A 1 93  ? -1.693  -4.742  14.959  1.00 60.73  ? 97  GLN A CA  1 
ATOM   736  C  C   . GLN A 1 93  ? -2.524  -4.694  13.683  1.00 53.51  ? 97  GLN A C   1 
ATOM   737  O  O   . GLN A 1 93  ? -2.650  -3.648  13.046  1.00 51.81  ? 97  GLN A O   1 
ATOM   738  C  CB  . GLN A 1 93  ? -0.242  -5.077  14.671  1.00 71.06  ? 97  GLN A CB  1 
ATOM   739  C  CG  . GLN A 1 93  ? 0.545   -5.309  15.952  1.00 82.28  ? 97  GLN A CG  1 
ATOM   740  C  CD  . GLN A 1 93  ? 0.852   -4.031  16.689  1.00 88.08  ? 97  GLN A CD  1 
ATOM   741  O  OE1 . GLN A 1 93  ? -0.039  -3.297  17.116  1.00 90.26  ? 97  GLN A OE1 1 
ATOM   742  N  NE2 . GLN A 1 93  ? 2.135   -3.758  16.847  1.00 91.32  ? 97  GLN A NE2 1 
ATOM   743  N  N   . ILE A 1 94  ? -3.109  -5.832  13.332  1.00 48.36  ? 98  ILE A N   1 
ATOM   744  C  CA  . ILE A 1 94  ? -3.956  -5.942  12.153  1.00 46.45  ? 98  ILE A CA  1 
ATOM   745  C  C   . ILE A 1 94  ? -5.248  -5.214  12.463  1.00 41.63  ? 98  ILE A C   1 
ATOM   746  O  O   . ILE A 1 94  ? -5.841  -4.567  11.609  1.00 37.28  ? 98  ILE A O   1 
ATOM   747  C  CB  . ILE A 1 94  ? -4.315  -7.391  11.867  1.00 47.31  ? 98  ILE A CB  1 
ATOM   748  C  CG1 . ILE A 1 94  ? -3.121  -8.286  12.153  1.00 49.84  ? 98  ILE A CG1 1 
ATOM   749  C  CG2 . ILE A 1 94  ? -4.843  -7.522  10.445  1.00 48.69  ? 98  ILE A CG2 1 
ATOM   750  C  CD1 . ILE A 1 94  ? -1.953  -8.007  11.318  1.00 52.98  ? 98  ILE A CD1 1 
ATOM   751  N  N   . ILE A 1 95  ? -5.681  -5.368  13.707  1.00 40.62  ? 99  ILE A N   1 
ATOM   752  C  CA  . ILE A 1 95  ? -6.884  -4.740  14.224  1.00 44.43  ? 99  ILE A CA  1 
ATOM   753  C  C   . ILE A 1 95  ? -6.680  -3.239  14.069  1.00 44.78  ? 99  ILE A C   1 
ATOM   754  O  O   . ILE A 1 95  ? -7.492  -2.538  13.462  1.00 42.20  ? 99  ILE A O   1 
ATOM   755  C  CB  . ILE A 1 95  ? -7.051  -5.105  15.721  1.00 47.15  ? 99  ILE A CB  1 
ATOM   756  C  CG1 . ILE A 1 95  ? -7.386  -6.596  15.851  1.00 47.43  ? 99  ILE A CG1 1 
ATOM   757  C  CG2 . ILE A 1 95  ? -8.094  -4.218  16.379  1.00 46.60  ? 99  ILE A CG2 1 
ATOM   758  C  CD1 . ILE A 1 95  ? -8.695  -6.998  15.207  1.00 48.55  ? 99  ILE A CD1 1 
ATOM   759  N  N   . GLU A 1 96  ? -5.562  -2.772  14.607  1.00 44.79  ? 100 GLU A N   1 
ATOM   760  C  CA  . GLU A 1 96  ? -5.184  -1.370  14.561  1.00 45.72  ? 100 GLU A CA  1 
ATOM   761  C  C   . GLU A 1 96  ? -5.242  -0.785  13.145  1.00 43.58  ? 100 GLU A C   1 
ATOM   762  O  O   . GLU A 1 96  ? -5.737  0.325   12.954  1.00 41.41  ? 100 GLU A O   1 
ATOM   763  C  CB  . GLU A 1 96  ? -3.779  -1.234  15.142  1.00 50.10  ? 100 GLU A CB  1 
ATOM   764  C  CG  . GLU A 1 96  ? -3.242  0.162   15.254  1.00 57.21  ? 100 GLU A CG  1 
ATOM   765  C  CD  . GLU A 1 96  ? -1.962  0.191   16.068  1.00 62.07  ? 100 GLU A CD  1 
ATOM   766  O  OE1 . GLU A 1 96  ? -1.286  1.239   16.083  1.00 63.16  ? 100 GLU A OE1 1 
ATOM   767  O  OE2 . GLU A 1 96  ? -1.641  -0.840  16.701  1.00 64.88  ? 100 GLU A OE2 1 
ATOM   768  N  N   . ALA A 1 97  ? -4.755  -1.534  12.153  1.00 40.94  ? 101 ALA A N   1 
ATOM   769  C  CA  . ALA A 1 97  ? -4.752  -1.070  10.761  1.00 39.74  ? 101 ALA A CA  1 
ATOM   770  C  C   . ALA A 1 97  ? -6.166  -1.071  10.198  1.00 41.03  ? 101 ALA A C   1 
ATOM   771  O  O   . ALA A 1 97  ? -6.500  -0.257  9.330   1.00 40.37  ? 101 ALA A O   1 
ATOM   772  C  CB  . ALA A 1 97  ? -3.850  -1.959  9.905   1.00 36.24  ? 101 ALA A CB  1 
ATOM   773  N  N   . ALA A 1 98  ? -6.980  -2.008  10.688  1.00 40.44  ? 102 ALA A N   1 
ATOM   774  C  CA  . ALA A 1 98  ? -8.375  -2.143  10.276  1.00 40.46  ? 102 ALA A CA  1 
ATOM   775  C  C   . ALA A 1 98  ? -9.125  -0.916  10.778  1.00 39.36  ? 102 ALA A C   1 
ATOM   776  O  O   . ALA A 1 98  ? -9.794  -0.231  10.007  1.00 40.74  ? 102 ALA A O   1 
ATOM   777  C  CB  . ALA A 1 98  ? -8.978  -3.425  10.871  1.00 40.39  ? 102 ALA A CB  1 
ATOM   778  N  N   . GLN A 1 99  ? -8.999  -0.636  12.072  1.00 38.57  ? 103 GLN A N   1 
ATOM   779  C  CA  . GLN A 1 99  ? -9.657  0.522   12.667  1.00 39.83  ? 103 GLN A CA  1 
ATOM   780  C  C   . GLN A 1 99  ? -9.225  1.805   11.986  1.00 41.37  ? 103 GLN A C   1 
ATOM   781  O  O   . GLN A 1 99  ? -10.016 2.745   11.892  1.00 40.05  ? 103 GLN A O   1 
ATOM   782  C  CB  . GLN A 1 99  ? -9.346  0.637   14.161  1.00 39.00  ? 103 GLN A CB  1 
ATOM   783  C  CG  . GLN A 1 99  ? -9.901  -0.489  15.001  1.00 43.19  ? 103 GLN A CG  1 
ATOM   784  C  CD  . GLN A 1 99  ? -9.939  -0.160  16.474  1.00 43.28  ? 103 GLN A CD  1 
ATOM   785  O  OE1 . GLN A 1 99  ? -9.722  -1.030  17.314  1.00 48.03  ? 103 GLN A OE1 1 
ATOM   786  N  NE2 . GLN A 1 99  ? -10.233 1.093   16.802  1.00 43.87  ? 103 GLN A NE2 1 
ATOM   787  N  N   . ALA A 1 100 ? -7.964  1.849   11.547  1.00 40.14  ? 104 ALA A N   1 
ATOM   788  C  CA  . ALA A 1 100 ? -7.424  3.023   10.866  1.00 40.55  ? 104 ALA A CA  1 
ATOM   789  C  C   . ALA A 1 100 ? -7.974  3.110   9.436   1.00 40.38  ? 104 ALA A C   1 
ATOM   790  O  O   . ALA A 1 100 ? -7.750  4.094   8.735   1.00 40.67  ? 104 ALA A O   1 
ATOM   791  C  CB  . ALA A 1 100 ? -5.884  2.984   10.850  1.00 38.16  ? 104 ALA A CB  1 
ATOM   792  N  N   . GLY A 1 101 ? -8.670  2.065   8.999   1.00 41.55  ? 105 GLY A N   1 
ATOM   793  C  CA  . GLY A 1 101 ? -9.270  2.092   7.676   1.00 41.25  ? 105 GLY A CA  1 
ATOM   794  C  C   . GLY A 1 101 ? -8.615  1.378   6.506   1.00 41.96  ? 105 GLY A C   1 
ATOM   795  O  O   . GLY A 1 101 ? -9.058  1.554   5.370   1.00 41.48  ? 105 GLY A O   1 
ATOM   796  N  N   . VAL A 1 102 ? -7.574  0.585   6.748   1.00 41.12  ? 106 VAL A N   1 
ATOM   797  C  CA  . VAL A 1 102 ? -6.912  -0.122  5.652   1.00 42.28  ? 106 VAL A CA  1 
ATOM   798  C  C   . VAL A 1 102 ? -7.951  -0.989  4.931   1.00 41.88  ? 106 VAL A C   1 
ATOM   799  O  O   . VAL A 1 102 ? -8.932  -1.423  5.533   1.00 44.92  ? 106 VAL A O   1 
ATOM   800  C  CB  . VAL A 1 102 ? -5.732  -1.008  6.166   1.00 39.74  ? 106 VAL A CB  1 
ATOM   801  C  CG1 . VAL A 1 102 ? -6.260  -2.255  6.869   1.00 37.97  ? 106 VAL A CG1 1 
ATOM   802  C  CG2 . VAL A 1 102 ? -4.817  -1.376  5.014   1.00 39.04  ? 106 VAL A CG2 1 
ATOM   803  N  N   . ASN A 1 103 ? -7.740  -1.226  3.640   1.00 43.59  ? 107 ASN A N   1 
ATOM   804  C  CA  . ASN A 1 103 ? -8.667  -2.019  2.830   1.00 44.17  ? 107 ASN A CA  1 
ATOM   805  C  C   . ASN A 1 103 ? -8.338  -3.497  2.806   1.00 44.31  ? 107 ASN A C   1 
ATOM   806  O  O   . ASN A 1 103 ? -9.235  -4.345  2.727   1.00 41.42  ? 107 ASN A O   1 
ATOM   807  C  CB  . ASN A 1 103 ? -8.683  -1.506  1.391   1.00 44.83  ? 107 ASN A CB  1 
ATOM   808  C  CG  . ASN A 1 103 ? -9.182  -0.090  1.294   1.00 45.78  ? 107 ASN A CG  1 
ATOM   809  O  OD1 . ASN A 1 103 ? -8.627  0.812   1.909   1.00 47.29  ? 107 ASN A OD1 1 
ATOM   810  N  ND2 . ASN A 1 103 ? -10.243 0.113   0.525   1.00 47.81  ? 107 ASN A ND2 1 
ATOM   811  N  N   . GLY A 1 104 ? -7.041  -3.784  2.852   1.00 44.93  ? 108 GLY A N   1 
ATOM   812  C  CA  . GLY A 1 104 ? -6.569  -5.150  2.828   1.00 44.95  ? 108 GLY A CA  1 
ATOM   813  C  C   . GLY A 1 104 ? -5.224  -5.231  3.511   1.00 47.70  ? 108 GLY A C   1 
ATOM   814  O  O   . GLY A 1 104 ? -4.610  -4.210  3.838   1.00 46.86  ? 108 GLY A O   1 
ATOM   815  N  N   . TYR A 1 105 ? -4.751  -6.451  3.712   1.00 48.48  ? 109 TYR A N   1 
ATOM   816  C  CA  . TYR A 1 105 ? -3.485  -6.663  4.382   1.00 50.24  ? 109 TYR A CA  1 
ATOM   817  C  C   . TYR A 1 105 ? -2.852  -7.873  3.724   1.00 50.14  ? 109 TYR A C   1 
ATOM   818  O  O   . TYR A 1 105 ? -3.520  -8.622  3.010   1.00 52.90  ? 109 TYR A O   1 
ATOM   819  C  CB  . TYR A 1 105 ? -3.753  -6.958  5.847   1.00 54.50  ? 109 TYR A CB  1 
ATOM   820  C  CG  . TYR A 1 105 ? -2.713  -6.483  6.828   1.00 61.54  ? 109 TYR A CG  1 
ATOM   821  C  CD1 . TYR A 1 105 ? -2.755  -5.192  7.361   1.00 64.80  ? 109 TYR A CD1 1 
ATOM   822  C  CD2 . TYR A 1 105 ? -1.729  -7.353  7.292   1.00 64.62  ? 109 TYR A CD2 1 
ATOM   823  C  CE1 . TYR A 1 105 ? -1.869  -4.802  8.368   1.00 67.03  ? 109 TYR A CE1 1 
ATOM   824  C  CE2 . TYR A 1 105 ? -0.844  -6.973  8.288   1.00 67.48  ? 109 TYR A CE2 1 
ATOM   825  C  CZ  . TYR A 1 105 ? -0.912  -5.696  8.817   1.00 68.94  ? 109 TYR A CZ  1 
ATOM   826  O  OH  . TYR A 1 105 ? -0.066  -5.347  9.841   1.00 69.94  ? 109 TYR A OH  1 
ATOM   827  N  N   . ILE A 1 106 ? -1.570  -8.077  3.973   1.00 49.68  ? 110 ILE A N   1 
ATOM   828  C  CA  . ILE A 1 106 ? -0.874  -9.208  3.387   1.00 51.06  ? 110 ILE A CA  1 
ATOM   829  C  C   . ILE A 1 106 ? 0.487   -9.280  4.078   1.00 49.63  ? 110 ILE A C   1 
ATOM   830  O  O   . ILE A 1 106 ? 1.190   -8.277  4.188   1.00 47.74  ? 110 ILE A O   1 
ATOM   831  C  CB  . ILE A 1 106 ? -0.796  -9.020  1.844   1.00 52.17  ? 110 ILE A CB  1 
ATOM   832  C  CG1 . ILE A 1 106 ? 0.020   -10.122 1.181   1.00 55.93  ? 110 ILE A CG1 1 
ATOM   833  C  CG2 . ILE A 1 106 ? -0.253  -7.673  1.531   1.00 53.18  ? 110 ILE A CG2 1 
ATOM   834  C  CD1 . ILE A 1 106 ? -0.162  -10.151 -0.338  1.00 57.52  ? 110 ILE A CD1 1 
ATOM   835  N  N   . VAL A 1 107 ? 0.833   -10.467 4.574   1.00 49.98  ? 111 VAL A N   1 
ATOM   836  C  CA  . VAL A 1 107 ? 2.077   -10.671 5.316   1.00 54.89  ? 111 VAL A CA  1 
ATOM   837  C  C   . VAL A 1 107 ? 3.288   -11.139 4.502   1.00 54.48  ? 111 VAL A C   1 
ATOM   838  O  O   . VAL A 1 107 ? 3.192   -12.077 3.705   1.00 55.93  ? 111 VAL A O   1 
ATOM   839  C  CB  . VAL A 1 107 ? 1.840   -11.667 6.492   1.00 57.59  ? 111 VAL A CB  1 
ATOM   840  C  CG1 . VAL A 1 107 ? 3.136   -11.908 7.264   1.00 59.26  ? 111 VAL A CG1 1 
ATOM   841  C  CG2 . VAL A 1 107 ? 0.774   -11.118 7.423   1.00 59.01  ? 111 VAL A CG2 1 
ATOM   842  N  N   . LYS A 1 108 ? 4.423   -10.470 4.716   1.00 53.62  ? 112 LYS A N   1 
ATOM   843  C  CA  . LYS A 1 108 ? 5.682   -10.792 4.037   1.00 53.19  ? 112 LYS A CA  1 
ATOM   844  C  C   . LYS A 1 108 ? 6.232   -12.108 4.597   1.00 59.73  ? 112 LYS A C   1 
ATOM   845  O  O   . LYS A 1 108 ? 6.251   -12.298 5.815   1.00 56.25  ? 112 LYS A O   1 
ATOM   846  C  CB  . LYS A 1 108 ? 6.725   -9.692  4.287   1.00 46.72  ? 112 LYS A CB  1 
ATOM   847  C  CG  . LYS A 1 108 ? 6.340   -8.284  3.846   1.00 43.55  ? 112 LYS A CG  1 
ATOM   848  C  CD  . LYS A 1 108 ? 7.457   -7.274  4.149   1.00 39.25  ? 112 LYS A CD  1 
ATOM   849  C  CE  . LYS A 1 108 ? 7.175   -5.916  3.464   1.00 39.93  ? 112 LYS A CE  1 
ATOM   850  N  NZ  . LYS A 1 108 ? 8.233   -4.882  3.698   1.00 38.47  ? 112 LYS A NZ  1 
ATOM   851  N  N   . PRO A 1 109 ? 6.699   -13.026 3.726   1.00 57.95  ? 113 PRO A N   1 
ATOM   852  C  CA  . PRO A 1 109 ? 6.761   -12.982 2.260   1.00 62.16  ? 113 PRO A CA  1 
ATOM   853  C  C   . PRO A 1 109 ? 5.493   -13.515 1.595   1.00 65.45  ? 113 PRO A C   1 
ATOM   854  O  O   . PRO A 1 109 ? 4.845   -14.432 2.112   1.00 71.43  ? 113 PRO A O   1 
ATOM   855  C  CB  . PRO A 1 109 ? 7.974   -13.850 1.945   1.00 63.74  ? 113 PRO A CB  1 
ATOM   856  C  CG  . PRO A 1 109 ? 7.875   -14.909 2.986   1.00 59.62  ? 113 PRO A CG  1 
ATOM   857  C  CD  . PRO A 1 109 ? 7.544   -14.120 4.240   1.00 61.03  ? 113 PRO A CD  1 
ATOM   858  N  N   . PHE A 1 110 ? 5.150   -12.943 0.442   1.00 64.40  ? 114 PHE A N   1 
ATOM   859  C  CA  . PHE A 1 110 ? 3.959   -13.350 -0.294  1.00 57.05  ? 114 PHE A CA  1 
ATOM   860  C  C   . PHE A 1 110 ? 4.266   -13.563 -1.775  1.00 58.15  ? 114 PHE A C   1 
ATOM   861  O  O   . PHE A 1 110 ? 5.281   -13.082 -2.288  1.00 57.79  ? 114 PHE A O   1 
ATOM   862  C  CB  . PHE A 1 110 ? 2.862   -12.294 -0.126  1.00 49.68  ? 114 PHE A CB  1 
ATOM   863  C  CG  . PHE A 1 110 ? 3.253   -10.930 -0.623  1.00 44.61  ? 114 PHE A CG  1 
ATOM   864  C  CD1 . PHE A 1 110 ? 3.127   -10.599 -1.971  1.00 42.76  ? 114 PHE A CD1 1 
ATOM   865  C  CD2 . PHE A 1 110 ? 3.772   -9.981  0.252   1.00 42.74  ? 114 PHE A CD2 1 
ATOM   866  C  CE1 . PHE A 1 110 ? 3.511   -9.343  -2.440  1.00 40.56  ? 114 PHE A CE1 1 
ATOM   867  C  CE2 . PHE A 1 110 ? 4.161   -8.720  -0.209  1.00 40.19  ? 114 PHE A CE2 1 
ATOM   868  C  CZ  . PHE A 1 110 ? 4.030   -8.401  -1.560  1.00 40.99  ? 114 PHE A CZ  1 
ATOM   869  N  N   . THR A 1 111 ? 3.377   -14.277 -2.459  1.00 62.17  ? 115 THR A N   1 
ATOM   870  C  CA  . THR A 1 111 ? 3.556   -14.564 -3.878  1.00 67.03  ? 115 THR A CA  1 
ATOM   871  C  C   . THR A 1 111 ? 2.543   -13.851 -4.764  1.00 67.75  ? 115 THR A C   1 
ATOM   872  O  O   . THR A 1 111 ? 1.522   -13.353 -4.282  1.00 67.44  ? 115 THR A O   1 
ATOM   873  C  CB  . THR A 1 111 ? 3.462   -16.076 -4.144  1.00 68.94  ? 115 THR A CB  1 
ATOM   874  O  OG1 . THR A 1 111 ? 2.354   -16.624 -3.416  1.00 70.30  ? 115 THR A OG1 1 
ATOM   875  C  CG2 . THR A 1 111 ? 4.744   -16.771 -3.716  1.00 69.88  ? 115 THR A CG2 1 
ATOM   876  N  N   . ALA A 1 112 ? 2.835   -13.804 -6.061  1.00 68.92  ? 116 ALA A N   1 
ATOM   877  C  CA  . ALA A 1 112 ? 1.947   -13.161 -7.019  1.00 71.56  ? 116 ALA A CA  1 
ATOM   878  C  C   . ALA A 1 112 ? 0.571   -13.783 -6.870  1.00 74.96  ? 116 ALA A C   1 
ATOM   879  O  O   . ALA A 1 112 ? -0.451  -13.107 -6.998  1.00 71.93  ? 116 ALA A O   1 
ATOM   880  C  CB  . ALA A 1 112 ? 2.461   -13.363 -8.436  1.00 69.75  ? 116 ALA A CB  1 
ATOM   881  N  N   . ALA A 1 113 ? 0.555   -15.081 -6.592  1.00 75.16  ? 117 ALA A N   1 
ATOM   882  C  CA  . ALA A 1 113 ? -0.693  -15.798 -6.403  1.00 76.49  ? 117 ALA A CA  1 
ATOM   883  C  C   . ALA A 1 113 ? -1.467  -15.082 -5.307  1.00 73.61  ? 117 ALA A C   1 
ATOM   884  O  O   . ALA A 1 113 ? -2.543  -14.533 -5.549  1.00 78.91  ? 117 ALA A O   1 
ATOM   885  C  CB  . ALA A 1 113 ? -0.412  -17.240 -5.995  1.00 76.65  ? 117 ALA A CB  1 
ATOM   886  N  N   . THR A 1 114 ? -0.886  -15.077 -4.112  1.00 69.20  ? 118 THR A N   1 
ATOM   887  C  CA  . THR A 1 114 ? -1.475  -14.448 -2.933  1.00 59.18  ? 118 THR A CA  1 
ATOM   888  C  C   . THR A 1 114 ? -1.840  -12.974 -3.129  1.00 55.11  ? 118 THR A C   1 
ATOM   889  O  O   . THR A 1 114 ? -2.862  -12.507 -2.624  1.00 54.92  ? 118 THR A O   1 
ATOM   890  C  CB  . THR A 1 114 ? -0.515  -14.543 -1.740  1.00 56.96  ? 118 THR A CB  1 
ATOM   891  O  OG1 . THR A 1 114 ? -0.002  -15.878 -1.646  1.00 55.60  ? 118 THR A OG1 1 
ATOM   892  C  CG2 . THR A 1 114 ? -1.233  -14.182 -0.452  1.00 56.12  ? 118 THR A CG2 1 
ATOM   893  N  N   . LEU A 1 115 ? -0.998  -12.244 -3.853  1.00 53.09  ? 119 LEU A N   1 
ATOM   894  C  CA  . LEU A 1 115 ? -1.233  -10.825 -4.104  1.00 51.34  ? 119 LEU A CA  1 
ATOM   895  C  C   . LEU A 1 115 ? -2.520  -10.579 -4.896  1.00 52.75  ? 119 LEU A C   1 
ATOM   896  O  O   . LEU A 1 115 ? -3.389  -9.822  -4.457  1.00 50.56  ? 119 LEU A O   1 
ATOM   897  C  CB  . LEU A 1 115 ? -0.036  -10.221 -4.846  1.00 47.84  ? 119 LEU A CB  1 
ATOM   898  C  CG  . LEU A 1 115 ? -0.068  -8.737  -5.220  1.00 42.60  ? 119 LEU A CG  1 
ATOM   899  C  CD1 . LEU A 1 115 ? -0.465  -7.891  -4.022  1.00 40.13  ? 119 LEU A CD1 1 
ATOM   900  C  CD2 . LEU A 1 115 ? 1.299   -8.332  -5.729  1.00 41.55  ? 119 LEU A CD2 1 
ATOM   901  N  N   . LYS A 1 116 ? -2.631  -11.214 -6.060  1.00 59.15  ? 120 LYS A N   1 
ATOM   902  C  CA  . LYS A 1 116 ? -3.811  -11.073 -6.914  1.00 67.54  ? 120 LYS A CA  1 
ATOM   903  C  C   . LYS A 1 116 ? -5.060  -11.323 -6.081  1.00 65.27  ? 120 LYS A C   1 
ATOM   904  O  O   . LYS A 1 116 ? -6.049  -10.590 -6.149  1.00 61.04  ? 120 LYS A O   1 
ATOM   905  C  CB  . LYS A 1 116 ? -3.753  -12.091 -8.054  1.00 78.22  ? 120 LYS A CB  1 
ATOM   906  C  CG  . LYS A 1 116 ? -4.832  -11.904 -9.103  1.00 90.27  ? 120 LYS A CG  1 
ATOM   907  C  CD  . LYS A 1 116 ? -4.685  -10.541 -9.766  1.00 97.91  ? 120 LYS A CD  1 
ATOM   908  C  CE  . LYS A 1 116 ? -5.818  -10.255 -10.741 1.00 101.60 ? 120 LYS A CE  1 
ATOM   909  N  NZ  . LYS A 1 116 ? -5.672  -8.913  -11.376 1.00 103.78 ? 120 LYS A NZ  1 
ATOM   910  N  N   . GLU A 1 117 ? -4.973  -12.393 -5.305  1.00 66.30  ? 121 GLU A N   1 
ATOM   911  C  CA  . GLU A 1 117 ? -5.998  -12.860 -4.388  1.00 69.60  ? 121 GLU A CA  1 
ATOM   912  C  C   . GLU A 1 117 ? -6.460  -11.692 -3.505  1.00 67.29  ? 121 GLU A C   1 
ATOM   913  O  O   . GLU A 1 117 ? -7.653  -11.383 -3.425  1.00 64.71  ? 121 GLU A O   1 
ATOM   914  C  CB  . GLU A 1 117 ? -5.347  -13.975 -3.569  1.00 76.93  ? 121 GLU A CB  1 
ATOM   915  C  CG  . GLU A 1 117 ? -6.161  -14.705 -2.540  1.00 85.85  ? 121 GLU A CG  1 
ATOM   916  C  CD  . GLU A 1 117 ? -5.317  -15.792 -1.889  1.00 90.76  ? 121 GLU A CD  1 
ATOM   917  O  OE1 . GLU A 1 117 ? -4.876  -16.708 -2.618  1.00 93.18  ? 121 GLU A OE1 1 
ATOM   918  O  OE2 . GLU A 1 117 ? -5.080  -15.726 -0.663  1.00 92.64  ? 121 GLU A OE2 1 
ATOM   919  N  N   . LYS A 1 118 ? -5.495  -11.039 -2.861  1.00 64.87  ? 122 LYS A N   1 
ATOM   920  C  CA  . LYS A 1 118 ? -5.752  -9.904  -1.979  1.00 62.53  ? 122 LYS A CA  1 
ATOM   921  C  C   . LYS A 1 118 ? -6.354  -8.723  -2.724  1.00 60.71  ? 122 LYS A C   1 
ATOM   922  O  O   . LYS A 1 118 ? -7.277  -8.072  -2.238  1.00 60.78  ? 122 LYS A O   1 
ATOM   923  C  CB  . LYS A 1 118 ? -4.450  -9.460  -1.313  1.00 62.67  ? 122 LYS A CB  1 
ATOM   924  C  CG  . LYS A 1 118 ? -3.870  -10.493 -0.376  1.00 62.25  ? 122 LYS A CG  1 
ATOM   925  C  CD  . LYS A 1 118 ? -4.737  -10.616 0.862   1.00 62.37  ? 122 LYS A CD  1 
ATOM   926  C  CE  . LYS A 1 118 ? -4.200  -11.669 1.812   1.00 62.47  ? 122 LYS A CE  1 
ATOM   927  N  NZ  . LYS A 1 118 ? -4.873  -11.576 3.139   1.00 61.77  ? 122 LYS A NZ  1 
ATOM   928  N  N   . LEU A 1 119 ? -5.814  -8.441  -3.902  1.00 57.68  ? 123 LEU A N   1 
ATOM   929  C  CA  . LEU A 1 119 ? -6.299  -7.331  -4.704  1.00 57.51  ? 123 LEU A CA  1 
ATOM   930  C  C   . LEU A 1 119 ? -7.784  -7.461  -5.008  1.00 59.27  ? 123 LEU A C   1 
ATOM   931  O  O   . LEU A 1 119 ? -8.562  -6.547  -4.740  1.00 55.56  ? 123 LEU A O   1 
ATOM   932  C  CB  . LEU A 1 119 ? -5.498  -7.239  -6.003  1.00 51.53  ? 123 LEU A CB  1 
ATOM   933  C  CG  . LEU A 1 119 ? -4.064  -6.751  -5.786  1.00 50.95  ? 123 LEU A CG  1 
ATOM   934  C  CD1 . LEU A 1 119 ? -3.279  -6.827  -7.080  1.00 47.95  ? 123 LEU A CD1 1 
ATOM   935  C  CD2 . LEU A 1 119 ? -4.105  -5.313  -5.260  1.00 46.69  ? 123 LEU A CD2 1 
ATOM   936  N  N   . ASP A 1 120 ? -8.173  -8.597  -5.573  1.00 61.61  ? 124 ASP A N   1 
ATOM   937  C  CA  . ASP A 1 120 ? -9.566  -8.842  -5.909  1.00 65.14  ? 124 ASP A CA  1 
ATOM   938  C  C   . ASP A 1 120 ? -10.411 -8.656  -4.655  1.00 64.77  ? 124 ASP A C   1 
ATOM   939  O  O   . ASP A 1 120 ? -11.462 -8.013  -4.680  1.00 67.25  ? 124 ASP A O   1 
ATOM   940  C  CB  . ASP A 1 120 ? -9.719  -10.265 -6.446  1.00 68.96  ? 124 ASP A CB  1 
ATOM   941  C  CG  . ASP A 1 120 ? -8.963  -10.485 -7.751  1.00 70.46  ? 124 ASP A CG  1 
ATOM   942  O  OD1 . ASP A 1 120 ? -7.856  -9.926  -7.916  1.00 70.93  ? 124 ASP A OD1 1 
ATOM   943  O  OD2 . ASP A 1 120 ? -9.480  -11.233 -8.608  1.00 71.30  ? 124 ASP A OD2 1 
ATOM   944  N  N   . LYS A 1 121 ? -9.922  -9.208  -3.553  1.00 65.21  ? 125 LYS A N   1 
ATOM   945  C  CA  . LYS A 1 121 ? -10.609 -9.123  -2.277  1.00 65.54  ? 125 LYS A CA  1 
ATOM   946  C  C   . LYS A 1 121 ? -10.938 -7.670  -1.922  1.00 63.07  ? 125 LYS A C   1 
ATOM   947  O  O   . LYS A 1 121 ? -12.029 -7.368  -1.434  1.00 59.28  ? 125 LYS A O   1 
ATOM   948  C  CB  . LYS A 1 121 ? -9.723  -9.749  -1.196  1.00 69.34  ? 125 LYS A CB  1 
ATOM   949  C  CG  . LYS A 1 121 ? -10.452 -10.590 -0.166  1.00 75.82  ? 125 LYS A CG  1 
ATOM   950  C  CD  . LYS A 1 121 ? -11.131 -9.736  0.892   1.00 80.43  ? 125 LYS A CD  1 
ATOM   951  C  CE  . LYS A 1 121 ? -11.831 -10.613 1.927   1.00 82.40  ? 125 LYS A CE  1 
ATOM   952  N  NZ  . LYS A 1 121 ? -12.204 -9.877  3.170   1.00 83.58  ? 125 LYS A NZ  1 
ATOM   953  N  N   . ILE A 1 122 ? -9.992  -6.777  -2.197  1.00 62.64  ? 126 ILE A N   1 
ATOM   954  C  CA  . ILE A 1 122 ? -10.107 -5.347  -1.903  1.00 66.71  ? 126 ILE A CA  1 
ATOM   955  C  C   . ILE A 1 122 ? -11.146 -4.494  -2.636  1.00 69.33  ? 126 ILE A C   1 
ATOM   956  O  O   . ILE A 1 122 ? -11.873 -3.721  -2.012  1.00 68.84  ? 126 ILE A O   1 
ATOM   957  C  CB  . ILE A 1 122 ? -8.745  -4.641  -2.112  1.00 65.52  ? 126 ILE A CB  1 
ATOM   958  C  CG1 . ILE A 1 122 ? -7.714  -5.186  -1.127  1.00 64.06  ? 126 ILE A CG1 1 
ATOM   959  C  CG2 . ILE A 1 122 ? -8.900  -3.131  -1.939  1.00 66.08  ? 126 ILE A CG2 1 
ATOM   960  C  CD1 . ILE A 1 122 ? -6.312  -4.604  -1.292  1.00 58.95  ? 126 ILE A CD1 1 
ATOM   961  N  N   . PHE A 1 123 ? -11.199 -4.603  -3.954  1.00 71.79  ? 127 PHE A N   1 
ATOM   962  C  CA  . PHE A 1 123 ? -12.114 -3.768  -4.706  1.00 76.94  ? 127 PHE A CA  1 
ATOM   963  C  C   . PHE A 1 123 ? -13.585 -3.879  -4.341  1.00 81.20  ? 127 PHE A C   1 
ATOM   964  O  O   . PHE A 1 123 ? -14.261 -4.869  -4.646  1.00 80.70  ? 127 PHE A O   1 
ATOM   965  C  CB  . PHE A 1 123 ? -11.822 -3.963  -6.189  1.00 75.93  ? 127 PHE A CB  1 
ATOM   966  C  CG  . PHE A 1 123 ? -10.426 -3.556  -6.539  1.00 76.30  ? 127 PHE A CG  1 
ATOM   967  C  CD1 . PHE A 1 123 ? -10.011 -2.257  -6.253  1.00 75.76  ? 127 PHE A CD1 1 
ATOM   968  C  CD2 . PHE A 1 123 ? -9.495  -4.467  -7.030  1.00 76.20  ? 127 PHE A CD2 1 
ATOM   969  C  CE1 . PHE A 1 123 ? -8.700  -1.862  -6.442  1.00 76.03  ? 127 PHE A CE1 1 
ATOM   970  C  CE2 . PHE A 1 123 ? -8.167  -4.078  -7.225  1.00 75.78  ? 127 PHE A CE2 1 
ATOM   971  C  CZ  . PHE A 1 123 ? -7.772  -2.769  -6.922  1.00 75.90  ? 127 PHE A CZ  1 
ATOM   972  N  N   . GLU A 1 124 ? -14.037 -2.837  -3.634  1.00 85.51  ? 128 GLU A N   1 
ATOM   973  C  CA  . GLU A 1 124 ? -15.404 -2.692  -3.128  1.00 89.75  ? 128 GLU A CA  1 
ATOM   974  C  C   . GLU A 1 124 ? -15.824 -1.216  -3.177  1.00 90.94  ? 128 GLU A C   1 
ATOM   975  O  O   . GLU A 1 124 ? -15.839 -0.520  -2.155  1.00 91.22  ? 128 GLU A O   1 
ATOM   976  C  CB  . GLU A 1 124 ? -15.480 -3.186  -1.682  1.00 93.05  ? 128 GLU A CB  1 
ATOM   977  C  CG  . GLU A 1 124 ? -14.780 -4.514  -1.451  1.00 98.95  ? 128 GLU A CG  1 
ATOM   978  C  CD  . GLU A 1 124 ? -14.862 -4.982  -0.012  1.00 102.13 ? 128 GLU A CD  1 
ATOM   979  O  OE1 . GLU A 1 124 ? -14.524 -4.194  0.897   1.00 104.53 ? 128 GLU A OE1 1 
ATOM   980  O  OE2 . GLU A 1 124 ? -15.261 -6.142  0.213   1.00 105.10 ? 128 GLU A OE2 1 
HETATM 981  MG MG  . MG  B 2 .   ? 9.792   -1.253  6.678   1.00 50.63  ? 201 MG  A MG  1 
HETATM 982  BE BE  . BEF C 3 .   ? 7.336   -3.639  7.176   1.00 28.83  ? 202 BEF A BE  1 
HETATM 983  F  F1  . BEF C 3 .   ? 8.659   -2.916  7.167   1.00 25.33  ? 202 BEF A F1  1 
HETATM 984  F  F2  . BEF C 3 .   ? 6.787   -3.645  8.583   1.00 27.69  ? 202 BEF A F2  1 
HETATM 985  F  F3  . BEF C 3 .   ? 7.575   -5.071  6.715   1.00 27.55  ? 202 BEF A F3  1 
HETATM 986  O  O   . HOH D 4 .   ? 8.703   6.017   -8.739  1.00 41.68  ? 301 HOH A O   1 
HETATM 987  O  O   . HOH D 4 .   ? -5.371  -3.070  18.561  1.00 51.26  ? 302 HOH A O   1 
HETATM 988  O  O   . HOH D 4 .   ? 4.018   1.935   14.914  1.00 54.43  ? 303 HOH A O   1 
HETATM 989  O  O   . HOH D 4 .   ? 3.098   4.692   14.552  1.00 58.87  ? 304 HOH A O   1 
HETATM 990  O  O   . HOH D 4 .   ? 2.140   16.221  1.609   1.00 44.49  ? 305 HOH A O   1 
HETATM 991  O  O   . HOH D 4 .   ? -14.080 -4.527  -13.851 1.00 49.62  ? 306 HOH A O   1 
HETATM 992  O  O   . HOH D 4 .   ? 11.689  -1.991  7.527   1.00 45.56  ? 307 HOH A O   1 
HETATM 993  O  O   . HOH D 4 .   ? 10.892  -9.852  -8.835  1.00 48.29  ? 308 HOH A O   1 
HETATM 994  O  O   . HOH D 4 .   ? 7.514   -14.925 -1.109  1.00 58.01  ? 309 HOH A O   1 
HETATM 995  O  O   . HOH D 4 .   ? 11.037  8.398   -1.868  1.00 34.85  ? 310 HOH A O   1 
HETATM 996  O  O   . HOH D 4 .   ? -1.171  -0.256  -13.221 1.00 44.98  ? 311 HOH A O   1 
HETATM 997  O  O   . HOH D 4 .   ? -14.518 -9.397  -4.872  1.00 57.95  ? 312 HOH A O   1 
HETATM 998  O  O   . HOH D 4 .   ? -2.509  -17.727 -1.692  1.00 56.62  ? 313 HOH A O   1 
HETATM 999  O  O   . HOH D 4 .   ? 4.749   -2.857  -12.127 1.00 51.16  ? 314 HOH A O   1 
HETATM 1000 O  O   . HOH D 4 .   ? -11.899 -3.825  1.467   1.00 56.36  ? 315 HOH A O   1 
HETATM 1001 O  O   . HOH D 4 .   ? 16.829  0.419   0.381   1.00 54.75  ? 316 HOH A O   1 
HETATM 1002 O  O   . HOH D 4 .   ? -6.575  -9.542  3.394   1.00 48.00  ? 317 HOH A O   1 
HETATM 1003 O  O   . HOH D 4 .   ? 14.491  2.292   6.945   1.00 55.20  ? 318 HOH A O   1 
HETATM 1004 O  O   . HOH D 4 .   ? 8.455   12.158  -2.416  1.00 58.33  ? 319 HOH A O   1 
HETATM 1005 O  O   . HOH D 4 .   ? -3.153  10.968  -5.122  1.00 49.79  ? 320 HOH A O   1 
HETATM 1006 O  O   . HOH D 4 .   ? 2.174   17.958  -0.522  1.00 58.18  ? 321 HOH A O   1 
HETATM 1007 O  O   . HOH D 4 .   ? 13.109  -2.156  -10.218 1.00 63.74  ? 322 HOH A O   1 
HETATM 1008 O  O   . HOH D 4 .   ? 18.680  -1.817  -3.220  1.00 62.36  ? 323 HOH A O   1 
HETATM 1009 O  O   . HOH D 4 .   ? 12.165  -5.248  5.859   1.00 52.88  ? 324 HOH A O   1 
HETATM 1010 O  O   . HOH D 4 .   ? 4.906   17.434  2.572   1.00 51.83  ? 325 HOH A O   1 
HETATM 1011 O  O   . HOH D 4 .   ? 0.225   13.583  -12.061 1.00 58.86  ? 326 HOH A O   1 
HETATM 1012 O  O   . HOH D 4 .   ? 17.735  -3.134  -0.986  1.00 63.16  ? 327 HOH A O   1 
HETATM 1013 O  O   . HOH D 4 .   ? -10.998 1.429   -14.442 1.00 62.28  ? 328 HOH A O   1 
HETATM 1014 O  O   . HOH D 4 .   ? 12.064  5.392   5.291   1.00 49.86  ? 329 HOH A O   1 
HETATM 1015 O  O   . HOH D 4 .   ? -9.139  -10.359 5.378   1.00 58.77  ? 330 HOH A O   1 
HETATM 1016 O  O   . HOH D 4 .   ? 16.413  -5.583  1.192   1.00 55.71  ? 331 HOH A O   1 
HETATM 1017 O  O   . HOH D 4 .   ? -2.635  7.730   -14.716 1.00 52.55  ? 332 HOH A O   1 
HETATM 1018 O  O   . HOH D 4 .   ? -6.531  4.498   -16.612 1.00 54.86  ? 333 HOH A O   1 
HETATM 1019 O  O   . HOH D 4 .   ? 4.268   -15.738 -7.889  1.00 61.08  ? 334 HOH A O   1 
HETATM 1020 O  O   . HOH D 4 .   ? -14.462 -2.342  -11.042 1.00 58.66  ? 335 HOH A O   1 
HETATM 1021 O  O   . HOH D 4 .   ? 12.066  8.610   6.635   1.00 61.97  ? 336 HOH A O   1 
HETATM 1022 O  O   . HOH D 4 .   ? 10.857  0.923   -14.510 1.00 59.49  ? 337 HOH A O   1 
HETATM 1023 O  O   . HOH D 4 .   ? -13.986 7.285   1.613   1.00 63.64  ? 338 HOH A O   1 
HETATM 1024 O  O   . HOH D 4 .   ? 1.465   22.469  -1.093  1.00 58.70  ? 339 HOH A O   1 
HETATM 1025 O  O   . HOH D 4 .   ? 4.376   16.598  -4.488  1.00 50.70  ? 340 HOH A O   1 
HETATM 1026 O  O   . HOH D 4 .   ? 12.054  6.394   -3.629  1.00 60.21  ? 341 HOH A O   1 
HETATM 1027 O  O   . HOH D 4 .   ? -2.203  -13.623 14.985  1.00 60.79  ? 342 HOH A O   1 
HETATM 1028 O  O   . HOH D 4 .   ? 9.645   9.960   -3.988  1.00 56.98  ? 343 HOH A O   1 
HETATM 1029 O  O   . HOH D 4 .   ? 1.539   11.862  11.180  1.00 58.70  ? 344 HOH A O   1 
HETATM 1030 O  O   . HOH D 4 .   ? -13.936 -8.538  0.776   1.00 60.79  ? 345 HOH A O   1 
HETATM 1031 O  O   . HOH D 4 .   ? -12.356 -6.897  -12.443 1.00 59.66  ? 346 HOH A O   1 
HETATM 1032 O  O   . HOH D 4 .   ? -10.766 -9.171  7.461   1.00 55.09  ? 347 HOH A O   1 
HETATM 1033 O  O   . HOH D 4 .   ? 2.844   -6.554  15.028  1.00 58.61  ? 348 HOH A O   1 
HETATM 1034 O  O   . HOH D 4 .   ? 11.596  -5.928  3.294   1.00 55.55  ? 349 HOH A O   1 
HETATM 1035 O  O   . HOH D 4 .   ? 16.996  -2.130  1.301   1.00 57.23  ? 350 HOH A O   1 
HETATM 1036 O  O   . HOH D 4 .   ? -4.393  21.066  1.968   1.00 59.19  ? 351 HOH A O   1 
HETATM 1037 O  O   . HOH D 4 .   ? 14.158  -4.795  -11.030 1.00 62.03  ? 352 HOH A O   1 
HETATM 1038 O  O   . HOH D 4 .   ? -9.293  -11.862 3.153   1.00 59.38  ? 353 HOH A O   1 
HETATM 1039 O  O   . HOH D 4 .   ? 16.104  3.032   -1.009  1.00 60.88  ? 354 HOH A O   1 
HETATM 1040 O  O   . HOH D 4 .   ? 15.075  3.696   3.327   1.00 54.66  ? 355 HOH A O   1 
HETATM 1041 O  O   . HOH D 4 .   ? 12.384  9.514   3.557   1.00 54.65  ? 356 HOH A O   1 
HETATM 1042 O  O   . HOH D 4 .   ? 2.264   -19.438 -5.028  1.00 56.36  ? 357 HOH A O   1 
HETATM 1043 O  O   . HOH D 4 .   ? -5.651  10.377  -6.163  1.00 58.09  ? 358 HOH A O   1 
HETATM 1044 O  O   . HOH D 4 .   ? -10.111 -7.659  2.974   1.00 57.99  ? 359 HOH A O   1 
HETATM 1045 O  O   . HOH D 4 .   ? 19.636  -5.530  -4.079  1.00 59.25  ? 360 HOH A O   1 
HETATM 1046 O  O   . HOH D 4 .   ? 0.651   2.867   15.973  1.00 58.17  ? 361 HOH A O   1 
HETATM 1047 O  O   . HOH D 4 .   ? -5.316  16.775  6.616   1.00 57.11  ? 362 HOH A O   1 
HETATM 1048 O  O   . HOH D 4 .   ? 2.508   -2.749  14.255  1.00 58.19  ? 363 HOH A O   1 
HETATM 1049 O  O   . HOH D 4 .   ? -0.777  19.136  -8.408  1.00 59.21  ? 364 HOH A O   1 
HETATM 1050 O  O   . HOH D 4 .   ? 7.668   14.775  -3.024  1.00 59.38  ? 365 HOH A O   1 
HETATM 1051 O  O   . HOH D 4 .   ? -1.228  -12.562 17.445  1.00 57.89  ? 366 HOH A O   1 
HETATM 1052 O  O   . HOH D 4 .   ? -2.395  11.314  -12.619 1.00 60.70  ? 367 HOH A O   1 
HETATM 1053 O  O   . HOH D 4 .   ? 10.648  -4.135  9.947   1.00 57.57  ? 368 HOH A O   1 
HETATM 1054 O  O   . HOH D 4 .   ? 7.688   -4.541  15.913  1.00 57.09  ? 369 HOH A O   1 
HETATM 1055 O  O   . HOH D 4 .   ? -7.522  -12.285 6.795   1.00 61.55  ? 370 HOH A O   1 
HETATM 1056 O  O   . HOH D 4 .   ? -15.333 -11.699 -2.277  1.00 59.49  ? 371 HOH A O   1 
HETATM 1057 O  O   . HOH D 4 .   ? -9.693  10.937  9.386   1.00 59.38  ? 372 HOH A O   1 
HETATM 1058 O  O   . HOH D 4 .   ? -12.374 -6.042  -14.966 1.00 58.77  ? 373 HOH A O   1 
HETATM 1059 O  O   . HOH D 4 .   ? -9.610  -7.148  6.457   1.00 57.56  ? 374 HOH A O   1 
HETATM 1060 O  O   . HOH D 4 .   ? -5.062  -9.697  6.926   1.00 55.59  ? 375 HOH A O   1 
HETATM 1061 O  O   . HOH D 4 .   ? -3.457  10.964  11.412  1.00 60.73  ? 376 HOH A O   1 
HETATM 1062 O  O   . HOH D 4 .   ? 8.166   4.346   -10.883 1.00 60.33  ? 377 HOH A O   1 
HETATM 1063 O  O   . HOH D 4 .   ? 11.569  -3.706  -11.194 1.00 59.59  ? 378 HOH A O   1 
HETATM 1064 O  O   . HOH D 4 .   ? 10.284  -9.861  -12.113 1.00 58.36  ? 379 HOH A O   1 
HETATM 1065 O  O   . HOH D 4 .   ? -4.606  4.939   -13.796 1.00 56.50  ? 380 HOH A O   1 
HETATM 1066 O  O   . HOH D 4 .   ? 19.337  0.376   -0.926  1.00 59.51  ? 381 HOH A O   1 
HETATM 1067 O  O   . HOH D 4 .   ? 3.992   -18.087 -6.576  1.00 60.05  ? 382 HOH A O   1 
HETATM 1068 O  O   . HOH D 4 .   ? 13.772  1.436   9.443   1.00 60.31  ? 383 HOH A O   1 
HETATM 1069 O  O   . HOH D 4 .   ? 10.266  8.038   -5.855  1.00 60.73  ? 384 HOH A O   1 
HETATM 1070 O  O   . HOH D 4 .   ? -12.673 10.689  -2.989  1.00 56.77  ? 385 HOH A O   1 
HETATM 1071 O  O   . HOH D 4 .   ? -13.064 -13.473 -0.170  1.00 57.83  ? 386 HOH A O   1 
HETATM 1072 O  O   . HOH D 4 .   ? -12.287 -12.440 7.213   1.00 55.99  ? 387 HOH A O   1 
HETATM 1073 O  O   . HOH D 4 .   ? -11.175 3.522   1.568   1.00 58.82  ? 388 HOH A O   1 
HETATM 1074 O  O   . HOH D 4 .   ? -4.816  -6.847  -14.991 1.00 60.02  ? 389 HOH A O   1 
HETATM 1075 O  O   . HOH D 4 .   ? -5.081  7.168   -12.737 1.00 59.03  ? 390 HOH A O   1 
HETATM 1076 O  O   . HOH D 4 .   ? -5.117  9.995   -12.189 1.00 57.41  ? 391 HOH A O   1 
HETATM 1077 O  O   . HOH D 4 .   ? 1.454   13.183  7.099   1.00 62.01  ? 392 HOH A O   1 
HETATM 1078 O  O   . HOH D 4 .   ? 16.207  6.078   0.119   1.00 58.34  ? 393 HOH A O   1 
HETATM 1079 O  O   . HOH D 4 .   ? -8.703  -4.756  6.969   1.00 55.53  ? 394 HOH A O   1 
HETATM 1080 O  O   . HOH D 4 .   ? -14.822 10.112  -1.093  1.00 56.80  ? 395 HOH A O   1 
HETATM 1081 O  O   . HOH D 4 .   ? -2.604  -10.227 7.818   1.00 58.36  ? 396 HOH A O   1 
HETATM 1082 O  O   . HOH D 4 .   ? -7.584  6.399   10.634  1.00 58.14  ? 397 HOH A O   1 
HETATM 1083 O  O   . HOH D 4 .   ? -5.174  -13.044 18.864  1.00 58.10  ? 398 HOH A O   1 
HETATM 1084 O  O   . HOH D 4 .   ? -5.806  9.135   14.693  1.00 62.81  ? 399 HOH A O   1 
HETATM 1085 O  O   . HOH D 4 .   ? -9.345  -6.947  0.607   1.00 63.61  ? 400 HOH A O   1 
HETATM 1086 O  O   . HOH D 4 .   ? 5.434   7.278   12.283  1.00 61.57  ? 401 HOH A O   1 
HETATM 1087 O  O   . HOH D 4 .   ? -17.994 -4.535  -2.766  1.00 62.10  ? 402 HOH A O   1 
HETATM 1088 O  O   . HOH D 4 .   ? -17.045 -9.617  -2.154  1.00 64.44  ? 403 HOH A O   1 
HETATM 1089 O  O   . HOH D 4 .   ? -4.507  -14.365 4.328   1.00 57.36  ? 404 HOH A O   1 
HETATM 1090 O  O   . HOH D 4 .   ? -3.386  -3.253  21.914  1.00 59.21  ? 405 HOH A O   1 
HETATM 1091 O  O   . HOH D 4 .   ? 12.403  -0.158  -16.448 1.00 66.21  ? 406 HOH A O   1 
HETATM 1092 O  O   . HOH D 4 .   ? 4.090   -13.976 -14.440 1.00 62.35  ? 407 HOH A O   1 
# 
loop_
_pdbx_poly_seq_scheme.asym_id 
_pdbx_poly_seq_scheme.entity_id 
_pdbx_poly_seq_scheme.seq_id 
_pdbx_poly_seq_scheme.mon_id 
_pdbx_poly_seq_scheme.ndb_seq_num 
_pdbx_poly_seq_scheme.pdb_seq_num 
_pdbx_poly_seq_scheme.auth_seq_num 
_pdbx_poly_seq_scheme.pdb_mon_id 
_pdbx_poly_seq_scheme.auth_mon_id 
_pdbx_poly_seq_scheme.pdb_strand_id 
_pdbx_poly_seq_scheme.pdb_ins_code 
_pdbx_poly_seq_scheme.hetero 
A 1 1   ALA 1   5   5   ALA ALA A . n 
A 1 2   ASN 2   6   6   ASN ASN A . n 
A 1 3   LYS 3   7   7   LYS LYS A . n 
A 1 4   ASN 4   8   8   ASN ASN A . n 
A 1 5   MET 5   9   9   MET MET A . n 
A 1 6   LYS 6   10  10  LYS LYS A . n 
A 1 7   ILE 7   11  11  ILE ILE A . n 
A 1 8   LEU 8   12  12  LEU LEU A . n 
A 1 9   ILE 9   13  13  ILE ILE A . n 
A 1 10  VAL 10  14  14  VAL VAL A . n 
A 1 11  ASP 11  15  15  ASP ASP A . n 
A 1 12  ASP 12  16  16  ASP ASP A . n 
A 1 13  PHE 13  17  17  PHE PHE A . n 
A 1 14  SER 14  18  18  SER SER A . n 
A 1 15  THR 15  19  19  THR THR A . n 
A 1 16  MET 16  20  20  MET MET A . n 
A 1 17  ARG 17  21  21  ARG ARG A . n 
A 1 18  ARG 18  22  22  ARG ARG A . n 
A 1 19  ILE 19  23  23  ILE ILE A . n 
A 1 20  VAL 20  24  24  VAL VAL A . n 
A 1 21  LYS 21  25  25  LYS LYS A . n 
A 1 22  ASN 22  26  26  ASN ASN A . n 
A 1 23  LEU 23  27  27  LEU LEU A . n 
A 1 24  LEU 24  28  28  LEU LEU A . n 
A 1 25  ARG 25  29  29  ARG ARG A . n 
A 1 26  ASP 26  30  30  ASP ASP A . n 
A 1 27  LEU 27  31  31  LEU LEU A . n 
A 1 28  GLY 28  32  32  GLY GLY A . n 
A 1 29  PHE 29  33  33  PHE PHE A . n 
A 1 30  ASN 30  34  34  ASN ASN A . n 
A 1 31  ASN 31  35  35  ASN ASN A . n 
A 1 32  THR 32  36  36  THR THR A . n 
A 1 33  GLN 33  37  37  GLN GLN A . n 
A 1 34  GLU 34  38  38  GLU GLU A . n 
A 1 35  ALA 35  39  39  ALA ALA A . n 
A 1 36  ASP 36  40  40  ASP ASP A . n 
A 1 37  ASP 37  41  41  ASP ASP A . n 
A 1 38  GLY 38  42  42  GLY GLY A . n 
A 1 39  LEU 39  43  43  LEU LEU A . n 
A 1 40  THR 40  44  44  THR THR A . n 
A 1 41  ALA 41  45  45  ALA ALA A . n 
A 1 42  LEU 42  46  46  LEU LEU A . n 
A 1 43  PRO 43  47  47  PRO PRO A . n 
A 1 44  MET 44  48  48  MET MET A . n 
A 1 45  LEU 45  49  49  LEU LEU A . n 
A 1 46  LYS 46  50  50  LYS LYS A . n 
A 1 47  LYS 47  51  51  LYS LYS A . n 
A 1 48  GLY 48  52  52  GLY GLY A . n 
A 1 49  ASP 49  53  53  ASP ASP A . n 
A 1 50  PHE 50  54  54  PHE PHE A . n 
A 1 51  ASP 51  55  55  ASP ASP A . n 
A 1 52  PHE 52  56  56  PHE PHE A . n 
A 1 53  VAL 53  57  57  VAL VAL A . n 
A 1 54  VAL 54  58  58  VAL VAL A . n 
A 1 55  THR 55  59  59  THR THR A . n 
A 1 56  ASP 56  60  60  ASP ASP A . n 
A 1 57  TRP 57  61  61  TRP TRP A . n 
A 1 58  ASN 58  62  62  ASN ASN A . n 
A 1 59  MET 59  63  63  MET MET A . n 
A 1 60  PRO 60  64  64  PRO PRO A . n 
A 1 61  GLY 61  65  65  GLY GLY A . n 
A 1 62  MET 62  66  66  MET MET A . n 
A 1 63  GLN 63  67  67  GLN GLN A . n 
A 1 64  GLY 64  68  68  GLY GLY A . n 
A 1 65  ILE 65  69  69  ILE ILE A . n 
A 1 66  ASP 66  70  70  ASP ASP A . n 
A 1 67  LEU 67  71  71  LEU LEU A . n 
A 1 68  LEU 68  72  72  LEU LEU A . n 
A 1 69  LYS 69  73  73  LYS LYS A . n 
A 1 70  ASN 70  74  74  ASN ASN A . n 
A 1 71  ILE 71  75  75  ILE ILE A . n 
A 1 72  ARG 72  76  76  ARG ARG A . n 
A 1 73  ALA 73  77  77  ALA ALA A . n 
A 1 74  ASP 74  78  78  ASP ASP A . n 
A 1 75  GLU 75  79  79  GLU GLU A . n 
A 1 76  GLU 76  80  80  GLU GLU A . n 
A 1 77  LEU 77  81  81  LEU LEU A . n 
A 1 78  LYS 78  82  82  LYS LYS A . n 
A 1 79  HIS 79  83  83  HIS HIS A . n 
A 1 80  LEU 80  84  84  LEU LEU A . n 
A 1 81  PRO 81  85  85  PRO PRO A . n 
A 1 82  VAL 82  86  86  VAL VAL A . n 
A 1 83  LEU 83  87  87  LEU LEU A . n 
A 1 84  MET 84  88  88  MET MET A . n 
A 1 85  ILE 85  89  89  ILE ILE A . n 
A 1 86  THR 86  90  90  THR THR A . n 
A 1 87  ALA 87  91  91  ALA ALA A . n 
A 1 88  GLU 88  92  92  GLU GLU A . n 
A 1 89  ALA 89  93  93  ALA ALA A . n 
A 1 90  LYS 90  94  94  LYS LYS A . n 
A 1 91  ARG 91  95  95  ARG ARG A . n 
A 1 92  GLU 92  96  96  GLU GLU A . n 
A 1 93  GLN 93  97  97  GLN GLN A . n 
A 1 94  ILE 94  98  98  ILE ILE A . n 
A 1 95  ILE 95  99  99  ILE ILE A . n 
A 1 96  GLU 96  100 100 GLU GLU A . n 
A 1 97  ALA 97  101 101 ALA ALA A . n 
A 1 98  ALA 98  102 102 ALA ALA A . n 
A 1 99  GLN 99  103 103 GLN GLN A . n 
A 1 100 ALA 100 104 104 ALA ALA A . n 
A 1 101 GLY 101 105 105 GLY GLY A . n 
A 1 102 VAL 102 106 106 VAL VAL A . n 
A 1 103 ASN 103 107 107 ASN ASN A . n 
A 1 104 GLY 104 108 108 GLY GLY A . n 
A 1 105 TYR 105 109 109 TYR TYR A . n 
A 1 106 ILE 106 110 110 ILE ILE A . n 
A 1 107 VAL 107 111 111 VAL VAL A . n 
A 1 108 LYS 108 112 112 LYS LYS A . n 
A 1 109 PRO 109 113 113 PRO PRO A . n 
A 1 110 PHE 110 114 114 PHE PHE A . n 
A 1 111 THR 111 115 115 THR THR A . n 
A 1 112 ALA 112 116 116 ALA ALA A . n 
A 1 113 ALA 113 117 117 ALA ALA A . n 
A 1 114 THR 114 118 118 THR THR A . n 
A 1 115 LEU 115 119 119 LEU LEU A . n 
A 1 116 LYS 116 120 120 LYS LYS A . n 
A 1 117 GLU 117 121 121 GLU GLU A . n 
A 1 118 LYS 118 122 122 LYS LYS A . n 
A 1 119 LEU 119 123 123 LEU LEU A . n 
A 1 120 ASP 120 124 124 ASP ASP A . n 
A 1 121 LYS 121 125 125 LYS LYS A . n 
A 1 122 ILE 122 126 126 ILE ILE A . n 
A 1 123 PHE 123 127 127 PHE PHE A . n 
A 1 124 GLU 124 128 128 GLU GLU A . n 
# 
loop_
_pdbx_nonpoly_scheme.asym_id 
_pdbx_nonpoly_scheme.entity_id 
_pdbx_nonpoly_scheme.mon_id 
_pdbx_nonpoly_scheme.ndb_seq_num 
_pdbx_nonpoly_scheme.pdb_seq_num 
_pdbx_nonpoly_scheme.auth_seq_num 
_pdbx_nonpoly_scheme.pdb_mon_id 
_pdbx_nonpoly_scheme.auth_mon_id 
_pdbx_nonpoly_scheme.pdb_strand_id 
_pdbx_nonpoly_scheme.pdb_ins_code 
B 2 MG  1   201 129 MG  MG2 A . 
C 3 BEF 1   202 130 BEF BEF A . 
D 4 HOH 1   301 130 HOH HOH A . 
D 4 HOH 2   302 131 HOH HOH A . 
D 4 HOH 3   303 132 HOH HOH A . 
D 4 HOH 4   304 133 HOH HOH A . 
D 4 HOH 5   305 134 HOH HOH A . 
D 4 HOH 6   306 135 HOH HOH A . 
D 4 HOH 7   307 136 HOH HOH A . 
D 4 HOH 8   308 137 HOH HOH A . 
D 4 HOH 9   309 138 HOH HOH A . 
D 4 HOH 10  310 139 HOH HOH A . 
D 4 HOH 11  311 140 HOH HOH A . 
D 4 HOH 12  312 141 HOH HOH A . 
D 4 HOH 13  313 142 HOH HOH A . 
D 4 HOH 14  314 143 HOH HOH A . 
D 4 HOH 15  315 144 HOH HOH A . 
D 4 HOH 16  316 145 HOH HOH A . 
D 4 HOH 17  317 146 HOH HOH A . 
D 4 HOH 18  318 147 HOH HOH A . 
D 4 HOH 19  319 148 HOH HOH A . 
D 4 HOH 20  320 150 HOH HOH A . 
D 4 HOH 21  321 151 HOH HOH A . 
D 4 HOH 22  322 152 HOH HOH A . 
D 4 HOH 23  323 153 HOH HOH A . 
D 4 HOH 24  324 154 HOH HOH A . 
D 4 HOH 25  325 155 HOH HOH A . 
D 4 HOH 26  326 156 HOH HOH A . 
D 4 HOH 27  327 157 HOH HOH A . 
D 4 HOH 28  328 158 HOH HOH A . 
D 4 HOH 29  329 159 HOH HOH A . 
D 4 HOH 30  330 160 HOH HOH A . 
D 4 HOH 31  331 161 HOH HOH A . 
D 4 HOH 32  332 162 HOH HOH A . 
D 4 HOH 33  333 163 HOH HOH A . 
D 4 HOH 34  334 164 HOH HOH A . 
D 4 HOH 35  335 165 HOH HOH A . 
D 4 HOH 36  336 166 HOH HOH A . 
D 4 HOH 37  337 167 HOH HOH A . 
D 4 HOH 38  338 168 HOH HOH A . 
D 4 HOH 39  339 169 HOH HOH A . 
D 4 HOH 40  340 171 HOH HOH A . 
D 4 HOH 41  341 172 HOH HOH A . 
D 4 HOH 42  342 174 HOH HOH A . 
D 4 HOH 43  343 175 HOH HOH A . 
D 4 HOH 44  344 176 HOH HOH A . 
D 4 HOH 45  345 177 HOH HOH A . 
D 4 HOH 46  346 178 HOH HOH A . 
D 4 HOH 47  347 179 HOH HOH A . 
D 4 HOH 48  348 180 HOH HOH A . 
D 4 HOH 49  349 182 HOH HOH A . 
D 4 HOH 50  350 183 HOH HOH A . 
D 4 HOH 51  351 188 HOH HOH A . 
D 4 HOH 52  352 189 HOH HOH A . 
D 4 HOH 53  353 191 HOH HOH A . 
D 4 HOH 54  354 192 HOH HOH A . 
D 4 HOH 55  355 194 HOH HOH A . 
D 4 HOH 56  356 195 HOH HOH A . 
D 4 HOH 57  357 196 HOH HOH A . 
D 4 HOH 58  358 197 HOH HOH A . 
D 4 HOH 59  359 198 HOH HOH A . 
D 4 HOH 60  360 199 HOH HOH A . 
D 4 HOH 61  361 200 HOH HOH A . 
D 4 HOH 62  362 201 HOH HOH A . 
D 4 HOH 63  363 202 HOH HOH A . 
D 4 HOH 64  364 203 HOH HOH A . 
D 4 HOH 65  365 204 HOH HOH A . 
D 4 HOH 66  366 205 HOH HOH A . 
D 4 HOH 67  367 206 HOH HOH A . 
D 4 HOH 68  368 210 HOH HOH A . 
D 4 HOH 69  369 211 HOH HOH A . 
D 4 HOH 70  370 212 HOH HOH A . 
D 4 HOH 71  371 214 HOH HOH A . 
D 4 HOH 72  372 215 HOH HOH A . 
D 4 HOH 73  373 217 HOH HOH A . 
D 4 HOH 74  374 219 HOH HOH A . 
D 4 HOH 75  375 220 HOH HOH A . 
D 4 HOH 76  376 223 HOH HOH A . 
D 4 HOH 77  377 225 HOH HOH A . 
D 4 HOH 78  378 226 HOH HOH A . 
D 4 HOH 79  379 228 HOH HOH A . 
D 4 HOH 80  380 229 HOH HOH A . 
D 4 HOH 81  381 232 HOH HOH A . 
D 4 HOH 82  382 233 HOH HOH A . 
D 4 HOH 83  383 234 HOH HOH A . 
D 4 HOH 84  384 235 HOH HOH A . 
D 4 HOH 85  385 236 HOH HOH A . 
D 4 HOH 86  386 237 HOH HOH A . 
D 4 HOH 87  387 239 HOH HOH A . 
D 4 HOH 88  388 241 HOH HOH A . 
D 4 HOH 89  389 242 HOH HOH A . 
D 4 HOH 90  390 243 HOH HOH A . 
D 4 HOH 91  391 246 HOH HOH A . 
D 4 HOH 92  392 247 HOH HOH A . 
D 4 HOH 93  393 248 HOH HOH A . 
D 4 HOH 94  394 249 HOH HOH A . 
D 4 HOH 95  395 251 HOH HOH A . 
D 4 HOH 96  396 252 HOH HOH A . 
D 4 HOH 97  397 253 HOH HOH A . 
D 4 HOH 98  398 254 HOH HOH A . 
D 4 HOH 99  399 255 HOH HOH A . 
D 4 HOH 100 400 256 HOH HOH A . 
D 4 HOH 101 401 257 HOH HOH A . 
D 4 HOH 102 402 258 HOH HOH A . 
D 4 HOH 103 403 259 HOH HOH A . 
D 4 HOH 104 404 260 HOH HOH A . 
D 4 HOH 105 405 261 HOH HOH A . 
D 4 HOH 106 406 262 HOH HOH A . 
D 4 HOH 107 407 263 HOH HOH A . 
# 
_pdbx_struct_assembly.id                   1 
_pdbx_struct_assembly.details              author_and_software_defined_assembly 
_pdbx_struct_assembly.method_details       PISA 
_pdbx_struct_assembly.oligomeric_details   monomeric 
_pdbx_struct_assembly.oligomeric_count     1 
# 
_pdbx_struct_assembly_gen.assembly_id       1 
_pdbx_struct_assembly_gen.oper_expression   1 
_pdbx_struct_assembly_gen.asym_id_list      A,B,C,D 
# 
_pdbx_struct_oper_list.id                   1 
_pdbx_struct_oper_list.type                 'identity operation' 
_pdbx_struct_oper_list.name                 1_555 
_pdbx_struct_oper_list.symmetry_operation   x,y,z 
_pdbx_struct_oper_list.matrix[1][1]         1.0000000000 
_pdbx_struct_oper_list.matrix[1][2]         0.0000000000 
_pdbx_struct_oper_list.matrix[1][3]         0.0000000000 
_pdbx_struct_oper_list.vector[1]            0.0000000000 
_pdbx_struct_oper_list.matrix[2][1]         0.0000000000 
_pdbx_struct_oper_list.matrix[2][2]         1.0000000000 
_pdbx_struct_oper_list.matrix[2][3]         0.0000000000 
_pdbx_struct_oper_list.vector[2]            0.0000000000 
_pdbx_struct_oper_list.matrix[3][1]         0.0000000000 
_pdbx_struct_oper_list.matrix[3][2]         0.0000000000 
_pdbx_struct_oper_list.matrix[3][3]         1.0000000000 
_pdbx_struct_oper_list.vector[3]            0.0000000000 
# 
loop_
_pdbx_struct_conn_angle.id 
_pdbx_struct_conn_angle.ptnr1_label_atom_id 
_pdbx_struct_conn_angle.ptnr1_label_alt_id 
_pdbx_struct_conn_angle.ptnr1_label_asym_id 
_pdbx_struct_conn_angle.ptnr1_label_comp_id 
_pdbx_struct_conn_angle.ptnr1_label_seq_id 
_pdbx_struct_conn_angle.ptnr1_auth_atom_id 
_pdbx_struct_conn_angle.ptnr1_auth_asym_id 
_pdbx_struct_conn_angle.ptnr1_auth_comp_id 
_pdbx_struct_conn_angle.ptnr1_auth_seq_id 
_pdbx_struct_conn_angle.ptnr1_PDB_ins_code 
_pdbx_struct_conn_angle.ptnr1_symmetry 
_pdbx_struct_conn_angle.ptnr2_label_atom_id 
_pdbx_struct_conn_angle.ptnr2_label_alt_id 
_pdbx_struct_conn_angle.ptnr2_label_asym_id 
_pdbx_struct_conn_angle.ptnr2_label_comp_id 
_pdbx_struct_conn_angle.ptnr2_label_seq_id 
_pdbx_struct_conn_angle.ptnr2_auth_atom_id 
_pdbx_struct_conn_angle.ptnr2_auth_asym_id 
_pdbx_struct_conn_angle.ptnr2_auth_comp_id 
_pdbx_struct_conn_angle.ptnr2_auth_seq_id 
_pdbx_struct_conn_angle.ptnr2_PDB_ins_code 
_pdbx_struct_conn_angle.ptnr2_symmetry 
_pdbx_struct_conn_angle.ptnr3_label_atom_id 
_pdbx_struct_conn_angle.ptnr3_label_alt_id 
_pdbx_struct_conn_angle.ptnr3_label_asym_id 
_pdbx_struct_conn_angle.ptnr3_label_comp_id 
_pdbx_struct_conn_angle.ptnr3_label_seq_id 
_pdbx_struct_conn_angle.ptnr3_auth_atom_id 
_pdbx_struct_conn_angle.ptnr3_auth_asym_id 
_pdbx_struct_conn_angle.ptnr3_auth_comp_id 
_pdbx_struct_conn_angle.ptnr3_auth_seq_id 
_pdbx_struct_conn_angle.ptnr3_PDB_ins_code 
_pdbx_struct_conn_angle.ptnr3_symmetry 
_pdbx_struct_conn_angle.value 
_pdbx_struct_conn_angle.value_esd 
1  OD1 ? A ASP 12 ? A ASP 16  ? 1_555 MG ? B MG  . ? A MG  201 ? 1_555 OD2 ? A ASP 56 ? A ASP 60  ? 1_555 104.9 ? 
2  OD1 ? A ASP 12 ? A ASP 16  ? 1_555 MG ? B MG  . ? A MG  201 ? 1_555 O   ? A ASN 58 ? A ASN 62  ? 1_555 103.2 ? 
3  OD2 ? A ASP 56 ? A ASP 60  ? 1_555 MG ? B MG  . ? A MG  201 ? 1_555 O   ? A ASN 58 ? A ASN 62  ? 1_555 87.4  ? 
4  OD1 ? A ASP 12 ? A ASP 16  ? 1_555 MG ? B MG  . ? A MG  201 ? 1_555 O   ? D HOH .  ? A HOH 307 ? 1_555 91.1  ? 
5  OD2 ? A ASP 56 ? A ASP 60  ? 1_555 MG ? B MG  . ? A MG  201 ? 1_555 O   ? D HOH .  ? A HOH 307 ? 1_555 156.4 ? 
6  O   ? A ASN 58 ? A ASN 62  ? 1_555 MG ? B MG  . ? A MG  201 ? 1_555 O   ? D HOH .  ? A HOH 307 ? 1_555 106.1 ? 
7  OD1 ? A ASP 56 ? A ASP 60  ? 1_555 BE ? C BEF . ? A BEF 202 ? 1_555 F1  ? C BEF .  ? A BEF 202 ? 1_555 99.5  ? 
8  OD1 ? A ASP 56 ? A ASP 60  ? 1_555 BE ? C BEF . ? A BEF 202 ? 1_555 F2  ? C BEF .  ? A BEF 202 ? 1_555 135.2 ? 
9  F1  ? C BEF .  ? A BEF 202 ? 1_555 BE ? C BEF . ? A BEF 202 ? 1_555 F2  ? C BEF .  ? A BEF 202 ? 1_555 109.1 ? 
10 OD1 ? A ASP 56 ? A ASP 60  ? 1_555 BE ? C BEF . ? A BEF 202 ? 1_555 F3  ? C BEF .  ? A BEF 202 ? 1_555 92.6  ? 
11 F1  ? C BEF .  ? A BEF 202 ? 1_555 BE ? C BEF . ? A BEF 202 ? 1_555 F3  ? C BEF .  ? A BEF 202 ? 1_555 108.1 ? 
12 F2  ? C BEF .  ? A BEF 202 ? 1_555 BE ? C BEF . ? A BEF 202 ? 1_555 F3  ? C BEF .  ? A BEF 202 ? 1_555 109.6 ? 
# 
loop_
_pdbx_audit_revision_history.ordinal 
_pdbx_audit_revision_history.data_content_type 
_pdbx_audit_revision_history.major_revision 
_pdbx_audit_revision_history.minor_revision 
_pdbx_audit_revision_history.revision_date 
1 'Structure model' 1 0 2013-10-02 
2 'Structure model' 1 1 2013-11-20 
3 'Structure model' 1 2 2023-09-20 
# 
_pdbx_audit_revision_details.ordinal             1 
_pdbx_audit_revision_details.revision_ordinal    1 
_pdbx_audit_revision_details.data_content_type   'Structure model' 
_pdbx_audit_revision_details.provider            repository 
_pdbx_audit_revision_details.type                'Initial release' 
_pdbx_audit_revision_details.description         ? 
_pdbx_audit_revision_details.details             ? 
# 
loop_
_pdbx_audit_revision_group.ordinal 
_pdbx_audit_revision_group.revision_ordinal 
_pdbx_audit_revision_group.data_content_type 
_pdbx_audit_revision_group.group 
1 2 'Structure model' 'Database references'    
2 3 'Structure model' 'Data collection'        
3 3 'Structure model' 'Database references'    
4 3 'Structure model' 'Derived calculations'   
5 3 'Structure model' 'Refinement description' 
# 
loop_
_pdbx_audit_revision_category.ordinal 
_pdbx_audit_revision_category.revision_ordinal 
_pdbx_audit_revision_category.data_content_type 
_pdbx_audit_revision_category.category 
1 3 'Structure model' chem_comp_atom                
2 3 'Structure model' chem_comp_bond                
3 3 'Structure model' database_2                    
4 3 'Structure model' pdbx_initial_refinement_model 
5 3 'Structure model' pdbx_struct_conn_angle        
6 3 'Structure model' struct_conn                   
7 3 'Structure model' struct_ref_seq_dif            
8 3 'Structure model' struct_site                   
# 
loop_
_pdbx_audit_revision_item.ordinal 
_pdbx_audit_revision_item.revision_ordinal 
_pdbx_audit_revision_item.data_content_type 
_pdbx_audit_revision_item.item 
1  3 'Structure model' '_database_2.pdbx_DOI'                        
2  3 'Structure model' '_database_2.pdbx_database_accession'         
3  3 'Structure model' '_pdbx_struct_conn_angle.ptnr1_auth_comp_id'  
4  3 'Structure model' '_pdbx_struct_conn_angle.ptnr1_auth_seq_id'   
5  3 'Structure model' '_pdbx_struct_conn_angle.ptnr1_label_atom_id' 
6  3 'Structure model' '_pdbx_struct_conn_angle.ptnr1_label_comp_id' 
7  3 'Structure model' '_pdbx_struct_conn_angle.ptnr1_label_seq_id'  
8  3 'Structure model' '_pdbx_struct_conn_angle.ptnr3_auth_comp_id'  
9  3 'Structure model' '_pdbx_struct_conn_angle.ptnr3_auth_seq_id'   
10 3 'Structure model' '_pdbx_struct_conn_angle.ptnr3_label_atom_id' 
11 3 'Structure model' '_pdbx_struct_conn_angle.ptnr3_label_comp_id' 
12 3 'Structure model' '_pdbx_struct_conn_angle.ptnr3_label_seq_id'  
13 3 'Structure model' '_pdbx_struct_conn_angle.value'               
14 3 'Structure model' '_struct_conn.pdbx_dist_value'                
15 3 'Structure model' '_struct_conn.ptnr1_auth_comp_id'             
16 3 'Structure model' '_struct_conn.ptnr1_auth_seq_id'              
17 3 'Structure model' '_struct_conn.ptnr1_label_atom_id'            
18 3 'Structure model' '_struct_conn.ptnr1_label_comp_id'            
19 3 'Structure model' '_struct_conn.ptnr1_label_seq_id'             
20 3 'Structure model' '_struct_conn.ptnr2_auth_comp_id'             
21 3 'Structure model' '_struct_conn.ptnr2_auth_seq_id'              
22 3 'Structure model' '_struct_conn.ptnr2_label_asym_id'            
23 3 'Structure model' '_struct_conn.ptnr2_label_atom_id'            
24 3 'Structure model' '_struct_conn.ptnr2_label_comp_id'            
25 3 'Structure model' '_struct_ref_seq_dif.details'                 
26 3 'Structure model' '_struct_site.pdbx_auth_asym_id'              
27 3 'Structure model' '_struct_site.pdbx_auth_comp_id'              
28 3 'Structure model' '_struct_site.pdbx_auth_seq_id'               
# 
loop_
_software.name 
_software.classification 
_software.version 
_software.citation_id 
_software.pdbx_ordinal 
MAR345dtb 'data collection' .   ? 1 
AMoRE     phasing           .   ? 2 
CNS       refinement        1.2 ? 3 
AUTOMAR   'data reduction'  .   ? 4 
# 
_pdbx_validate_close_contact.id               1 
_pdbx_validate_close_contact.PDB_model_num    1 
_pdbx_validate_close_contact.auth_atom_id_1   OD2 
_pdbx_validate_close_contact.auth_asym_id_1   A 
_pdbx_validate_close_contact.auth_comp_id_1   ASP 
_pdbx_validate_close_contact.auth_seq_id_1    60 
_pdbx_validate_close_contact.PDB_ins_code_1   ? 
_pdbx_validate_close_contact.label_alt_id_1   ? 
_pdbx_validate_close_contact.auth_atom_id_2   F1 
_pdbx_validate_close_contact.auth_asym_id_2   A 
_pdbx_validate_close_contact.auth_comp_id_2   BEF 
_pdbx_validate_close_contact.auth_seq_id_2    202 
_pdbx_validate_close_contact.PDB_ins_code_2   ? 
_pdbx_validate_close_contact.label_alt_id_2   ? 
_pdbx_validate_close_contact.dist             2.12 
# 
loop_
_pdbx_validate_torsion.id 
_pdbx_validate_torsion.PDB_model_num 
_pdbx_validate_torsion.auth_comp_id 
_pdbx_validate_torsion.auth_asym_id 
_pdbx_validate_torsion.auth_seq_id 
_pdbx_validate_torsion.PDB_ins_code 
_pdbx_validate_torsion.label_alt_id 
_pdbx_validate_torsion.phi 
_pdbx_validate_torsion.psi 
1 1 ASN A 8   ? ? -141.77 32.63  
2 1 ASP A 15  ? ? -170.49 138.16 
3 1 ASN A 35  ? ? -93.66  58.17  
4 1 TRP A 61  ? ? -100.63 -77.49 
5 1 ASN A 62  ? ? -55.52  102.09 
6 1 GLU A 92  ? ? -53.65  94.92  
7 1 PHE A 127 ? ? -57.91  104.88 
# 
loop_
_chem_comp_atom.comp_id 
_chem_comp_atom.atom_id 
_chem_comp_atom.type_symbol 
_chem_comp_atom.pdbx_aromatic_flag 
_chem_comp_atom.pdbx_stereo_config 
_chem_comp_atom.pdbx_ordinal 
ALA N    N  N N 1   
ALA CA   C  N S 2   
ALA C    C  N N 3   
ALA O    O  N N 4   
ALA CB   C  N N 5   
ALA OXT  O  N N 6   
ALA H    H  N N 7   
ALA H2   H  N N 8   
ALA HA   H  N N 9   
ALA HB1  H  N N 10  
ALA HB2  H  N N 11  
ALA HB3  H  N N 12  
ALA HXT  H  N N 13  
ARG N    N  N N 14  
ARG CA   C  N S 15  
ARG C    C  N N 16  
ARG O    O  N N 17  
ARG CB   C  N N 18  
ARG CG   C  N N 19  
ARG CD   C  N N 20  
ARG NE   N  N N 21  
ARG CZ   C  N N 22  
ARG NH1  N  N N 23  
ARG NH2  N  N N 24  
ARG OXT  O  N N 25  
ARG H    H  N N 26  
ARG H2   H  N N 27  
ARG HA   H  N N 28  
ARG HB2  H  N N 29  
ARG HB3  H  N N 30  
ARG HG2  H  N N 31  
ARG HG3  H  N N 32  
ARG HD2  H  N N 33  
ARG HD3  H  N N 34  
ARG HE   H  N N 35  
ARG HH11 H  N N 36  
ARG HH12 H  N N 37  
ARG HH21 H  N N 38  
ARG HH22 H  N N 39  
ARG HXT  H  N N 40  
ASN N    N  N N 41  
ASN CA   C  N S 42  
ASN C    C  N N 43  
ASN O    O  N N 44  
ASN CB   C  N N 45  
ASN CG   C  N N 46  
ASN OD1  O  N N 47  
ASN ND2  N  N N 48  
ASN OXT  O  N N 49  
ASN H    H  N N 50  
ASN H2   H  N N 51  
ASN HA   H  N N 52  
ASN HB2  H  N N 53  
ASN HB3  H  N N 54  
ASN HD21 H  N N 55  
ASN HD22 H  N N 56  
ASN HXT  H  N N 57  
ASP N    N  N N 58  
ASP CA   C  N S 59  
ASP C    C  N N 60  
ASP O    O  N N 61  
ASP CB   C  N N 62  
ASP CG   C  N N 63  
ASP OD1  O  N N 64  
ASP OD2  O  N N 65  
ASP OXT  O  N N 66  
ASP H    H  N N 67  
ASP H2   H  N N 68  
ASP HA   H  N N 69  
ASP HB2  H  N N 70  
ASP HB3  H  N N 71  
ASP HD2  H  N N 72  
ASP HXT  H  N N 73  
BEF BE   BE N N 74  
BEF F1   F  N N 75  
BEF F2   F  N N 76  
BEF F3   F  N N 77  
GLN N    N  N N 78  
GLN CA   C  N S 79  
GLN C    C  N N 80  
GLN O    O  N N 81  
GLN CB   C  N N 82  
GLN CG   C  N N 83  
GLN CD   C  N N 84  
GLN OE1  O  N N 85  
GLN NE2  N  N N 86  
GLN OXT  O  N N 87  
GLN H    H  N N 88  
GLN H2   H  N N 89  
GLN HA   H  N N 90  
GLN HB2  H  N N 91  
GLN HB3  H  N N 92  
GLN HG2  H  N N 93  
GLN HG3  H  N N 94  
GLN HE21 H  N N 95  
GLN HE22 H  N N 96  
GLN HXT  H  N N 97  
GLU N    N  N N 98  
GLU CA   C  N S 99  
GLU C    C  N N 100 
GLU O    O  N N 101 
GLU CB   C  N N 102 
GLU CG   C  N N 103 
GLU CD   C  N N 104 
GLU OE1  O  N N 105 
GLU OE2  O  N N 106 
GLU OXT  O  N N 107 
GLU H    H  N N 108 
GLU H2   H  N N 109 
GLU HA   H  N N 110 
GLU HB2  H  N N 111 
GLU HB3  H  N N 112 
GLU HG2  H  N N 113 
GLU HG3  H  N N 114 
GLU HE2  H  N N 115 
GLU HXT  H  N N 116 
GLY N    N  N N 117 
GLY CA   C  N N 118 
GLY C    C  N N 119 
GLY O    O  N N 120 
GLY OXT  O  N N 121 
GLY H    H  N N 122 
GLY H2   H  N N 123 
GLY HA2  H  N N 124 
GLY HA3  H  N N 125 
GLY HXT  H  N N 126 
HIS N    N  N N 127 
HIS CA   C  N S 128 
HIS C    C  N N 129 
HIS O    O  N N 130 
HIS CB   C  N N 131 
HIS CG   C  Y N 132 
HIS ND1  N  Y N 133 
HIS CD2  C  Y N 134 
HIS CE1  C  Y N 135 
HIS NE2  N  Y N 136 
HIS OXT  O  N N 137 
HIS H    H  N N 138 
HIS H2   H  N N 139 
HIS HA   H  N N 140 
HIS HB2  H  N N 141 
HIS HB3  H  N N 142 
HIS HD1  H  N N 143 
HIS HD2  H  N N 144 
HIS HE1  H  N N 145 
HIS HE2  H  N N 146 
HIS HXT  H  N N 147 
HOH O    O  N N 148 
HOH H1   H  N N 149 
HOH H2   H  N N 150 
ILE N    N  N N 151 
ILE CA   C  N S 152 
ILE C    C  N N 153 
ILE O    O  N N 154 
ILE CB   C  N S 155 
ILE CG1  C  N N 156 
ILE CG2  C  N N 157 
ILE CD1  C  N N 158 
ILE OXT  O  N N 159 
ILE H    H  N N 160 
ILE H2   H  N N 161 
ILE HA   H  N N 162 
ILE HB   H  N N 163 
ILE HG12 H  N N 164 
ILE HG13 H  N N 165 
ILE HG21 H  N N 166 
ILE HG22 H  N N 167 
ILE HG23 H  N N 168 
ILE HD11 H  N N 169 
ILE HD12 H  N N 170 
ILE HD13 H  N N 171 
ILE HXT  H  N N 172 
LEU N    N  N N 173 
LEU CA   C  N S 174 
LEU C    C  N N 175 
LEU O    O  N N 176 
LEU CB   C  N N 177 
LEU CG   C  N N 178 
LEU CD1  C  N N 179 
LEU CD2  C  N N 180 
LEU OXT  O  N N 181 
LEU H    H  N N 182 
LEU H2   H  N N 183 
LEU HA   H  N N 184 
LEU HB2  H  N N 185 
LEU HB3  H  N N 186 
LEU HG   H  N N 187 
LEU HD11 H  N N 188 
LEU HD12 H  N N 189 
LEU HD13 H  N N 190 
LEU HD21 H  N N 191 
LEU HD22 H  N N 192 
LEU HD23 H  N N 193 
LEU HXT  H  N N 194 
LYS N    N  N N 195 
LYS CA   C  N S 196 
LYS C    C  N N 197 
LYS O    O  N N 198 
LYS CB   C  N N 199 
LYS CG   C  N N 200 
LYS CD   C  N N 201 
LYS CE   C  N N 202 
LYS NZ   N  N N 203 
LYS OXT  O  N N 204 
LYS H    H  N N 205 
LYS H2   H  N N 206 
LYS HA   H  N N 207 
LYS HB2  H  N N 208 
LYS HB3  H  N N 209 
LYS HG2  H  N N 210 
LYS HG3  H  N N 211 
LYS HD2  H  N N 212 
LYS HD3  H  N N 213 
LYS HE2  H  N N 214 
LYS HE3  H  N N 215 
LYS HZ1  H  N N 216 
LYS HZ2  H  N N 217 
LYS HZ3  H  N N 218 
LYS HXT  H  N N 219 
MET N    N  N N 220 
MET CA   C  N S 221 
MET C    C  N N 222 
MET O    O  N N 223 
MET CB   C  N N 224 
MET CG   C  N N 225 
MET SD   S  N N 226 
MET CE   C  N N 227 
MET OXT  O  N N 228 
MET H    H  N N 229 
MET H2   H  N N 230 
MET HA   H  N N 231 
MET HB2  H  N N 232 
MET HB3  H  N N 233 
MET HG2  H  N N 234 
MET HG3  H  N N 235 
MET HE1  H  N N 236 
MET HE2  H  N N 237 
MET HE3  H  N N 238 
MET HXT  H  N N 239 
MG  MG   MG N N 240 
PHE N    N  N N 241 
PHE CA   C  N S 242 
PHE C    C  N N 243 
PHE O    O  N N 244 
PHE CB   C  N N 245 
PHE CG   C  Y N 246 
PHE CD1  C  Y N 247 
PHE CD2  C  Y N 248 
PHE CE1  C  Y N 249 
PHE CE2  C  Y N 250 
PHE CZ   C  Y N 251 
PHE OXT  O  N N 252 
PHE H    H  N N 253 
PHE H2   H  N N 254 
PHE HA   H  N N 255 
PHE HB2  H  N N 256 
PHE HB3  H  N N 257 
PHE HD1  H  N N 258 
PHE HD2  H  N N 259 
PHE HE1  H  N N 260 
PHE HE2  H  N N 261 
PHE HZ   H  N N 262 
PHE HXT  H  N N 263 
PRO N    N  N N 264 
PRO CA   C  N S 265 
PRO C    C  N N 266 
PRO O    O  N N 267 
PRO CB   C  N N 268 
PRO CG   C  N N 269 
PRO CD   C  N N 270 
PRO OXT  O  N N 271 
PRO H    H  N N 272 
PRO HA   H  N N 273 
PRO HB2  H  N N 274 
PRO HB3  H  N N 275 
PRO HG2  H  N N 276 
PRO HG3  H  N N 277 
PRO HD2  H  N N 278 
PRO HD3  H  N N 279 
PRO HXT  H  N N 280 
SER N    N  N N 281 
SER CA   C  N S 282 
SER C    C  N N 283 
SER O    O  N N 284 
SER CB   C  N N 285 
SER OG   O  N N 286 
SER OXT  O  N N 287 
SER H    H  N N 288 
SER H2   H  N N 289 
SER HA   H  N N 290 
SER HB2  H  N N 291 
SER HB3  H  N N 292 
SER HG   H  N N 293 
SER HXT  H  N N 294 
THR N    N  N N 295 
THR CA   C  N S 296 
THR C    C  N N 297 
THR O    O  N N 298 
THR CB   C  N R 299 
THR OG1  O  N N 300 
THR CG2  C  N N 301 
THR OXT  O  N N 302 
THR H    H  N N 303 
THR H2   H  N N 304 
THR HA   H  N N 305 
THR HB   H  N N 306 
THR HG1  H  N N 307 
THR HG21 H  N N 308 
THR HG22 H  N N 309 
THR HG23 H  N N 310 
THR HXT  H  N N 311 
TRP N    N  N N 312 
TRP CA   C  N S 313 
TRP C    C  N N 314 
TRP O    O  N N 315 
TRP CB   C  N N 316 
TRP CG   C  Y N 317 
TRP CD1  C  Y N 318 
TRP CD2  C  Y N 319 
TRP NE1  N  Y N 320 
TRP CE2  C  Y N 321 
TRP CE3  C  Y N 322 
TRP CZ2  C  Y N 323 
TRP CZ3  C  Y N 324 
TRP CH2  C  Y N 325 
TRP OXT  O  N N 326 
TRP H    H  N N 327 
TRP H2   H  N N 328 
TRP HA   H  N N 329 
TRP HB2  H  N N 330 
TRP HB3  H  N N 331 
TRP HD1  H  N N 332 
TRP HE1  H  N N 333 
TRP HE3  H  N N 334 
TRP HZ2  H  N N 335 
TRP HZ3  H  N N 336 
TRP HH2  H  N N 337 
TRP HXT  H  N N 338 
TYR N    N  N N 339 
TYR CA   C  N S 340 
TYR C    C  N N 341 
TYR O    O  N N 342 
TYR CB   C  N N 343 
TYR CG   C  Y N 344 
TYR CD1  C  Y N 345 
TYR CD2  C  Y N 346 
TYR CE1  C  Y N 347 
TYR CE2  C  Y N 348 
TYR CZ   C  Y N 349 
TYR OH   O  N N 350 
TYR OXT  O  N N 351 
TYR H    H  N N 352 
TYR H2   H  N N 353 
TYR HA   H  N N 354 
TYR HB2  H  N N 355 
TYR HB3  H  N N 356 
TYR HD1  H  N N 357 
TYR HD2  H  N N 358 
TYR HE1  H  N N 359 
TYR HE2  H  N N 360 
TYR HH   H  N N 361 
TYR HXT  H  N N 362 
VAL N    N  N N 363 
VAL CA   C  N S 364 
VAL C    C  N N 365 
VAL O    O  N N 366 
VAL CB   C  N N 367 
VAL CG1  C  N N 368 
VAL CG2  C  N N 369 
VAL OXT  O  N N 370 
VAL H    H  N N 371 
VAL H2   H  N N 372 
VAL HA   H  N N 373 
VAL HB   H  N N 374 
VAL HG11 H  N N 375 
VAL HG12 H  N N 376 
VAL HG13 H  N N 377 
VAL HG21 H  N N 378 
VAL HG22 H  N N 379 
VAL HG23 H  N N 380 
VAL HXT  H  N N 381 
# 
loop_
_chem_comp_bond.comp_id 
_chem_comp_bond.atom_id_1 
_chem_comp_bond.atom_id_2 
_chem_comp_bond.value_order 
_chem_comp_bond.pdbx_aromatic_flag 
_chem_comp_bond.pdbx_stereo_config 
_chem_comp_bond.pdbx_ordinal 
ALA N   CA   sing N N 1   
ALA N   H    sing N N 2   
ALA N   H2   sing N N 3   
ALA CA  C    sing N N 4   
ALA CA  CB   sing N N 5   
ALA CA  HA   sing N N 6   
ALA C   O    doub N N 7   
ALA C   OXT  sing N N 8   
ALA CB  HB1  sing N N 9   
ALA CB  HB2  sing N N 10  
ALA CB  HB3  sing N N 11  
ALA OXT HXT  sing N N 12  
ARG N   CA   sing N N 13  
ARG N   H    sing N N 14  
ARG N   H2   sing N N 15  
ARG CA  C    sing N N 16  
ARG CA  CB   sing N N 17  
ARG CA  HA   sing N N 18  
ARG C   O    doub N N 19  
ARG C   OXT  sing N N 20  
ARG CB  CG   sing N N 21  
ARG CB  HB2  sing N N 22  
ARG CB  HB3  sing N N 23  
ARG CG  CD   sing N N 24  
ARG CG  HG2  sing N N 25  
ARG CG  HG3  sing N N 26  
ARG CD  NE   sing N N 27  
ARG CD  HD2  sing N N 28  
ARG CD  HD3  sing N N 29  
ARG NE  CZ   sing N N 30  
ARG NE  HE   sing N N 31  
ARG CZ  NH1  sing N N 32  
ARG CZ  NH2  doub N N 33  
ARG NH1 HH11 sing N N 34  
ARG NH1 HH12 sing N N 35  
ARG NH2 HH21 sing N N 36  
ARG NH2 HH22 sing N N 37  
ARG OXT HXT  sing N N 38  
ASN N   CA   sing N N 39  
ASN N   H    sing N N 40  
ASN N   H2   sing N N 41  
ASN CA  C    sing N N 42  
ASN CA  CB   sing N N 43  
ASN CA  HA   sing N N 44  
ASN C   O    doub N N 45  
ASN C   OXT  sing N N 46  
ASN CB  CG   sing N N 47  
ASN CB  HB2  sing N N 48  
ASN CB  HB3  sing N N 49  
ASN CG  OD1  doub N N 50  
ASN CG  ND2  sing N N 51  
ASN ND2 HD21 sing N N 52  
ASN ND2 HD22 sing N N 53  
ASN OXT HXT  sing N N 54  
ASP N   CA   sing N N 55  
ASP N   H    sing N N 56  
ASP N   H2   sing N N 57  
ASP CA  C    sing N N 58  
ASP CA  CB   sing N N 59  
ASP CA  HA   sing N N 60  
ASP C   O    doub N N 61  
ASP C   OXT  sing N N 62  
ASP CB  CG   sing N N 63  
ASP CB  HB2  sing N N 64  
ASP CB  HB3  sing N N 65  
ASP CG  OD1  doub N N 66  
ASP CG  OD2  sing N N 67  
ASP OD2 HD2  sing N N 68  
ASP OXT HXT  sing N N 69  
BEF BE  F1   sing N N 70  
BEF BE  F2   sing N N 71  
BEF BE  F3   sing N N 72  
GLN N   CA   sing N N 73  
GLN N   H    sing N N 74  
GLN N   H2   sing N N 75  
GLN CA  C    sing N N 76  
GLN CA  CB   sing N N 77  
GLN CA  HA   sing N N 78  
GLN C   O    doub N N 79  
GLN C   OXT  sing N N 80  
GLN CB  CG   sing N N 81  
GLN CB  HB2  sing N N 82  
GLN CB  HB3  sing N N 83  
GLN CG  CD   sing N N 84  
GLN CG  HG2  sing N N 85  
GLN CG  HG3  sing N N 86  
GLN CD  OE1  doub N N 87  
GLN CD  NE2  sing N N 88  
GLN NE2 HE21 sing N N 89  
GLN NE2 HE22 sing N N 90  
GLN OXT HXT  sing N N 91  
GLU N   CA   sing N N 92  
GLU N   H    sing N N 93  
GLU N   H2   sing N N 94  
GLU CA  C    sing N N 95  
GLU CA  CB   sing N N 96  
GLU CA  HA   sing N N 97  
GLU C   O    doub N N 98  
GLU C   OXT  sing N N 99  
GLU CB  CG   sing N N 100 
GLU CB  HB2  sing N N 101 
GLU CB  HB3  sing N N 102 
GLU CG  CD   sing N N 103 
GLU CG  HG2  sing N N 104 
GLU CG  HG3  sing N N 105 
GLU CD  OE1  doub N N 106 
GLU CD  OE2  sing N N 107 
GLU OE2 HE2  sing N N 108 
GLU OXT HXT  sing N N 109 
GLY N   CA   sing N N 110 
GLY N   H    sing N N 111 
GLY N   H2   sing N N 112 
GLY CA  C    sing N N 113 
GLY CA  HA2  sing N N 114 
GLY CA  HA3  sing N N 115 
GLY C   O    doub N N 116 
GLY C   OXT  sing N N 117 
GLY OXT HXT  sing N N 118 
HIS N   CA   sing N N 119 
HIS N   H    sing N N 120 
HIS N   H2   sing N N 121 
HIS CA  C    sing N N 122 
HIS CA  CB   sing N N 123 
HIS CA  HA   sing N N 124 
HIS C   O    doub N N 125 
HIS C   OXT  sing N N 126 
HIS CB  CG   sing N N 127 
HIS CB  HB2  sing N N 128 
HIS CB  HB3  sing N N 129 
HIS CG  ND1  sing Y N 130 
HIS CG  CD2  doub Y N 131 
HIS ND1 CE1  doub Y N 132 
HIS ND1 HD1  sing N N 133 
HIS CD2 NE2  sing Y N 134 
HIS CD2 HD2  sing N N 135 
HIS CE1 NE2  sing Y N 136 
HIS CE1 HE1  sing N N 137 
HIS NE2 HE2  sing N N 138 
HIS OXT HXT  sing N N 139 
HOH O   H1   sing N N 140 
HOH O   H2   sing N N 141 
ILE N   CA   sing N N 142 
ILE N   H    sing N N 143 
ILE N   H2   sing N N 144 
ILE CA  C    sing N N 145 
ILE CA  CB   sing N N 146 
ILE CA  HA   sing N N 147 
ILE C   O    doub N N 148 
ILE C   OXT  sing N N 149 
ILE CB  CG1  sing N N 150 
ILE CB  CG2  sing N N 151 
ILE CB  HB   sing N N 152 
ILE CG1 CD1  sing N N 153 
ILE CG1 HG12 sing N N 154 
ILE CG1 HG13 sing N N 155 
ILE CG2 HG21 sing N N 156 
ILE CG2 HG22 sing N N 157 
ILE CG2 HG23 sing N N 158 
ILE CD1 HD11 sing N N 159 
ILE CD1 HD12 sing N N 160 
ILE CD1 HD13 sing N N 161 
ILE OXT HXT  sing N N 162 
LEU N   CA   sing N N 163 
LEU N   H    sing N N 164 
LEU N   H2   sing N N 165 
LEU CA  C    sing N N 166 
LEU CA  CB   sing N N 167 
LEU CA  HA   sing N N 168 
LEU C   O    doub N N 169 
LEU C   OXT  sing N N 170 
LEU CB  CG   sing N N 171 
LEU CB  HB2  sing N N 172 
LEU CB  HB3  sing N N 173 
LEU CG  CD1  sing N N 174 
LEU CG  CD2  sing N N 175 
LEU CG  HG   sing N N 176 
LEU CD1 HD11 sing N N 177 
LEU CD1 HD12 sing N N 178 
LEU CD1 HD13 sing N N 179 
LEU CD2 HD21 sing N N 180 
LEU CD2 HD22 sing N N 181 
LEU CD2 HD23 sing N N 182 
LEU OXT HXT  sing N N 183 
LYS N   CA   sing N N 184 
LYS N   H    sing N N 185 
LYS N   H2   sing N N 186 
LYS CA  C    sing N N 187 
LYS CA  CB   sing N N 188 
LYS CA  HA   sing N N 189 
LYS C   O    doub N N 190 
LYS C   OXT  sing N N 191 
LYS CB  CG   sing N N 192 
LYS CB  HB2  sing N N 193 
LYS CB  HB3  sing N N 194 
LYS CG  CD   sing N N 195 
LYS CG  HG2  sing N N 196 
LYS CG  HG3  sing N N 197 
LYS CD  CE   sing N N 198 
LYS CD  HD2  sing N N 199 
LYS CD  HD3  sing N N 200 
LYS CE  NZ   sing N N 201 
LYS CE  HE2  sing N N 202 
LYS CE  HE3  sing N N 203 
LYS NZ  HZ1  sing N N 204 
LYS NZ  HZ2  sing N N 205 
LYS NZ  HZ3  sing N N 206 
LYS OXT HXT  sing N N 207 
MET N   CA   sing N N 208 
MET N   H    sing N N 209 
MET N   H2   sing N N 210 
MET CA  C    sing N N 211 
MET CA  CB   sing N N 212 
MET CA  HA   sing N N 213 
MET C   O    doub N N 214 
MET C   OXT  sing N N 215 
MET CB  CG   sing N N 216 
MET CB  HB2  sing N N 217 
MET CB  HB3  sing N N 218 
MET CG  SD   sing N N 219 
MET CG  HG2  sing N N 220 
MET CG  HG3  sing N N 221 
MET SD  CE   sing N N 222 
MET CE  HE1  sing N N 223 
MET CE  HE2  sing N N 224 
MET CE  HE3  sing N N 225 
MET OXT HXT  sing N N 226 
PHE N   CA   sing N N 227 
PHE N   H    sing N N 228 
PHE N   H2   sing N N 229 
PHE CA  C    sing N N 230 
PHE CA  CB   sing N N 231 
PHE CA  HA   sing N N 232 
PHE C   O    doub N N 233 
PHE C   OXT  sing N N 234 
PHE CB  CG   sing N N 235 
PHE CB  HB2  sing N N 236 
PHE CB  HB3  sing N N 237 
PHE CG  CD1  doub Y N 238 
PHE CG  CD2  sing Y N 239 
PHE CD1 CE1  sing Y N 240 
PHE CD1 HD1  sing N N 241 
PHE CD2 CE2  doub Y N 242 
PHE CD2 HD2  sing N N 243 
PHE CE1 CZ   doub Y N 244 
PHE CE1 HE1  sing N N 245 
PHE CE2 CZ   sing Y N 246 
PHE CE2 HE2  sing N N 247 
PHE CZ  HZ   sing N N 248 
PHE OXT HXT  sing N N 249 
PRO N   CA   sing N N 250 
PRO N   CD   sing N N 251 
PRO N   H    sing N N 252 
PRO CA  C    sing N N 253 
PRO CA  CB   sing N N 254 
PRO CA  HA   sing N N 255 
PRO C   O    doub N N 256 
PRO C   OXT  sing N N 257 
PRO CB  CG   sing N N 258 
PRO CB  HB2  sing N N 259 
PRO CB  HB3  sing N N 260 
PRO CG  CD   sing N N 261 
PRO CG  HG2  sing N N 262 
PRO CG  HG3  sing N N 263 
PRO CD  HD2  sing N N 264 
PRO CD  HD3  sing N N 265 
PRO OXT HXT  sing N N 266 
SER N   CA   sing N N 267 
SER N   H    sing N N 268 
SER N   H2   sing N N 269 
SER CA  C    sing N N 270 
SER CA  CB   sing N N 271 
SER CA  HA   sing N N 272 
SER C   O    doub N N 273 
SER C   OXT  sing N N 274 
SER CB  OG   sing N N 275 
SER CB  HB2  sing N N 276 
SER CB  HB3  sing N N 277 
SER OG  HG   sing N N 278 
SER OXT HXT  sing N N 279 
THR N   CA   sing N N 280 
THR N   H    sing N N 281 
THR N   H2   sing N N 282 
THR CA  C    sing N N 283 
THR CA  CB   sing N N 284 
THR CA  HA   sing N N 285 
THR C   O    doub N N 286 
THR C   OXT  sing N N 287 
THR CB  OG1  sing N N 288 
THR CB  CG2  sing N N 289 
THR CB  HB   sing N N 290 
THR OG1 HG1  sing N N 291 
THR CG2 HG21 sing N N 292 
THR CG2 HG22 sing N N 293 
THR CG2 HG23 sing N N 294 
THR OXT HXT  sing N N 295 
TRP N   CA   sing N N 296 
TRP N   H    sing N N 297 
TRP N   H2   sing N N 298 
TRP CA  C    sing N N 299 
TRP CA  CB   sing N N 300 
TRP CA  HA   sing N N 301 
TRP C   O    doub N N 302 
TRP C   OXT  sing N N 303 
TRP CB  CG   sing N N 304 
TRP CB  HB2  sing N N 305 
TRP CB  HB3  sing N N 306 
TRP CG  CD1  doub Y N 307 
TRP CG  CD2  sing Y N 308 
TRP CD1 NE1  sing Y N 309 
TRP CD1 HD1  sing N N 310 
TRP CD2 CE2  doub Y N 311 
TRP CD2 CE3  sing Y N 312 
TRP NE1 CE2  sing Y N 313 
TRP NE1 HE1  sing N N 314 
TRP CE2 CZ2  sing Y N 315 
TRP CE3 CZ3  doub Y N 316 
TRP CE3 HE3  sing N N 317 
TRP CZ2 CH2  doub Y N 318 
TRP CZ2 HZ2  sing N N 319 
TRP CZ3 CH2  sing Y N 320 
TRP CZ3 HZ3  sing N N 321 
TRP CH2 HH2  sing N N 322 
TRP OXT HXT  sing N N 323 
TYR N   CA   sing N N 324 
TYR N   H    sing N N 325 
TYR N   H2   sing N N 326 
TYR CA  C    sing N N 327 
TYR CA  CB   sing N N 328 
TYR CA  HA   sing N N 329 
TYR C   O    doub N N 330 
TYR C   OXT  sing N N 331 
TYR CB  CG   sing N N 332 
TYR CB  HB2  sing N N 333 
TYR CB  HB3  sing N N 334 
TYR CG  CD1  doub Y N 335 
TYR CG  CD2  sing Y N 336 
TYR CD1 CE1  sing Y N 337 
TYR CD1 HD1  sing N N 338 
TYR CD2 CE2  doub Y N 339 
TYR CD2 HD2  sing N N 340 
TYR CE1 CZ   doub Y N 341 
TYR CE1 HE1  sing N N 342 
TYR CE2 CZ   sing Y N 343 
TYR CE2 HE2  sing N N 344 
TYR CZ  OH   sing N N 345 
TYR OH  HH   sing N N 346 
TYR OXT HXT  sing N N 347 
VAL N   CA   sing N N 348 
VAL N   H    sing N N 349 
VAL N   H2   sing N N 350 
VAL CA  C    sing N N 351 
VAL CA  CB   sing N N 352 
VAL CA  HA   sing N N 353 
VAL C   O    doub N N 354 
VAL C   OXT  sing N N 355 
VAL CB  CG1  sing N N 356 
VAL CB  CG2  sing N N 357 
VAL CB  HB   sing N N 358 
VAL CG1 HG11 sing N N 359 
VAL CG1 HG12 sing N N 360 
VAL CG1 HG13 sing N N 361 
VAL CG2 HG21 sing N N 362 
VAL CG2 HG22 sing N N 363 
VAL CG2 HG23 sing N N 364 
VAL OXT HXT  sing N N 365 
# 
loop_
_pdbx_entity_nonpoly.entity_id 
_pdbx_entity_nonpoly.name 
_pdbx_entity_nonpoly.comp_id 
2 'MAGNESIUM ION'             MG  
3 'BERYLLIUM TRIFLUORIDE ION' BEF 
4 water                       HOH 
# 
_pdbx_initial_refinement_model.id               1 
_pdbx_initial_refinement_model.entity_id_list   ? 
_pdbx_initial_refinement_model.type             'experimental model' 
_pdbx_initial_refinement_model.source_name      PDB 
_pdbx_initial_refinement_model.accession_code   3TO5 
_pdbx_initial_refinement_model.details          'PDB ENTRY 3TO5' 
# 
